data_5T7F
#
_entry.id   5T7F
#
_cell.length_a   64.226
_cell.length_b   142.794
_cell.length_c   221.067
_cell.angle_alpha   90.0
_cell.angle_beta   90.055
_cell.angle_gamma   90.0
#
_symmetry.space_group_name_H-M   'C 1 2 1'
#
loop_
_entity.id
_entity.type
_entity.pdbx_description
1 polymer 'Phosphatidylinositol 4,5-bisphosphate 3-kinase catalytic subunit delta isoform'
2 non-polymer 2,4-bis(azanyl)-6-[[(1~{S})-1-[5-chloranyl-3-(5-fluoranyl-4-methyl-pyridin-3-yl)-4-oxidanylidene-quinazolin-2-yl]ethyl]amino]pyrimidine-5-carbonitrile
3 water water
#
_entity_poly.entity_id   1
_entity_poly.type   'polypeptide(L)'
_entity_poly.pdbx_seq_one_letter_code
;GDRVKKLINSQISLLIGKGLHEFDSLRDPEVNDFRTKMRQFCEEAAAHRQQLGWVEWLQYSFPLQLEPSARGWRAGLLRV
SNRALLVNVKFEGSEESFTFQVSTKDMPLALMACALRKKATVFRQPLVEQPEEYALQVNGRHEYLYGNYPLCHFQYICSC
LHSGLTPHLTMVHSSSILAMRDEQSNPAPQVQKPRAKPPPIPAKKPSSVSLWSLEQPFSIELIEGRKVNADERMKLVVQA
GLFHGNEMLCKTVSSSEVNVCSEPVWKQRLEFDISVCDLPRMARLCFALYAVVEKAKKARSTKKKSKKADCPIAWANLML
FDYKDQLKTGERCLYMWPSVPDEKGELLNPAGTVRGNPNTESAAALVIYLPEVAPHPVYFPALEKILELGRHGERGRITE
EEQLQLREILERRGSGELYEHEKDLVWKMRHEVQEHFPEALARLLLVTKWNKHEDVAQMLYLLCSWPELPVLSALELLDF
SFPDCYVGSFAIKSLRKLTDDELFQYLLQLVQVLKYESYLDCELTKFLLGRALANRKIGHFLFWHLRSEMHVPSVALRFG
LIMEAYCRGSTHHMKVLMKQGEALSKLKALNDFVKVSSQKTTKPQTKEMMHMCMRQETYMEALSHLQSPLDPSTLLEEVC
VEQCTFMDSKMKPLWIMYSSEEAGSAGNVGIIFKNGDDLRQDMLTLQMIQLMDVLWKQEGLDLRMTPYGCLPTGDRTGLI
EVVLHSDTIANIQLNKSNMAATAAFNKDALLNWLKSKNPGEALDRAIEEFTLSCAGYCVATYVLGIGDRHSDNIMIRESG
QLFHIDFGHFLGNFKTKFGINRERVPFILTYDFVHVIQQGKTNNSEKFERFRGYCERAYTILRRHGLLFLHLFALMRAAG
LPELSCSKDIQYLKDSLALGKTEEEALKHFRVKFNEALRESWKTKVNWLAHNVSKDNRQ
;
_entity_poly.pdbx_strand_id   A,B
#
loop_
_chem_comp.id
_chem_comp.type
_chem_comp.name
_chem_comp.formula
76C non-polymer 2,4-bis(azanyl)-6-[[(1~{S})-1-[5-chloranyl-3-(5-fluoranyl-4-methyl-pyridin-3-yl)-4-oxidanylidene-quinazolin-2-yl]ethyl]amino]pyrimidine-5-carbonitrile 'C21 H17 Cl F N9 O'
#
# COMPACT_ATOMS: atom_id res chain seq x y z
N VAL A 4 11.40 -10.72 41.49
CA VAL A 4 12.43 -9.97 40.77
C VAL A 4 13.67 -9.81 41.65
N LYS A 5 13.46 -9.79 42.96
CA LYS A 5 14.57 -9.78 43.91
C LYS A 5 15.51 -10.96 43.70
N LYS A 6 15.00 -12.02 43.08
CA LYS A 6 15.76 -13.23 42.84
C LYS A 6 16.78 -13.09 41.72
N LEU A 7 16.38 -12.48 40.61
CA LEU A 7 17.32 -12.31 39.50
C LEU A 7 18.50 -11.47 39.96
N ILE A 8 18.20 -10.38 40.68
CA ILE A 8 19.22 -9.58 41.33
C ILE A 8 20.13 -10.48 42.17
N ASN A 9 19.51 -11.30 43.01
CA ASN A 9 20.26 -12.29 43.80
C ASN A 9 21.02 -13.26 42.92
N SER A 10 20.42 -13.61 41.78
CA SER A 10 21.00 -14.58 40.87
C SER A 10 22.20 -14.00 40.11
N GLN A 11 22.08 -12.74 39.68
CA GLN A 11 23.16 -12.15 38.90
C GLN A 11 24.27 -11.63 39.81
N ILE A 12 23.96 -11.44 41.09
CA ILE A 12 25.00 -11.17 42.08
C ILE A 12 25.88 -12.40 42.24
N SER A 13 25.24 -13.56 42.35
CA SER A 13 25.93 -14.83 42.48
C SER A 13 26.83 -15.09 41.27
N LEU A 14 26.31 -14.82 40.08
CA LEU A 14 27.07 -14.98 38.86
C LEU A 14 28.22 -13.98 38.80
N LEU A 15 27.97 -12.76 39.26
CA LEU A 15 28.96 -11.69 39.21
C LEU A 15 30.12 -11.93 40.18
N ILE A 16 29.81 -12.11 41.45
CA ILE A 16 30.84 -12.26 42.47
C ILE A 16 31.53 -13.62 42.39
N GLY A 17 30.93 -14.54 41.64
CA GLY A 17 31.52 -15.84 41.40
C GLY A 17 31.31 -16.85 42.51
N LYS A 18 30.25 -16.65 43.30
CA LYS A 18 29.86 -17.64 44.31
C LYS A 18 28.42 -17.43 44.77
N GLY A 19 27.67 -18.52 44.84
CA GLY A 19 26.26 -18.46 45.19
C GLY A 19 25.98 -17.89 46.58
N LEU A 20 24.93 -17.09 46.67
CA LEU A 20 24.52 -16.49 47.95
C LEU A 20 23.95 -17.55 48.88
N HIS A 21 23.55 -18.68 48.30
CA HIS A 21 23.03 -19.80 49.07
C HIS A 21 24.12 -20.40 49.95
N GLU A 22 25.36 -20.30 49.50
CA GLU A 22 26.51 -20.80 50.26
C GLU A 22 26.71 -19.99 51.54
N PHE A 23 26.37 -18.70 51.48
CA PHE A 23 26.43 -17.85 52.66
C PHE A 23 25.43 -18.32 53.71
N ASP A 24 24.24 -18.67 53.24
CA ASP A 24 23.19 -19.18 54.13
C ASP A 24 23.51 -20.59 54.61
N SER A 25 24.22 -21.34 53.77
CA SER A 25 24.56 -22.73 54.08
C SER A 25 25.57 -22.84 55.21
N LEU A 26 26.22 -21.72 55.54
CA LEU A 26 27.17 -21.69 56.64
C LEU A 26 26.46 -21.60 57.98
N ARG A 27 25.29 -20.97 57.98
CA ARG A 27 24.49 -20.74 59.18
C ARG A 27 25.31 -20.01 60.24
N ASP A 28 26.26 -19.20 59.78
CA ASP A 28 27.14 -18.43 60.65
C ASP A 28 26.46 -17.13 61.04
N PRO A 29 26.25 -16.92 62.35
CA PRO A 29 25.62 -15.70 62.86
C PRO A 29 26.41 -14.44 62.51
N GLU A 30 27.73 -14.57 62.44
CA GLU A 30 28.58 -13.44 62.07
C GLU A 30 28.36 -13.04 60.61
N VAL A 31 28.26 -14.05 59.75
CA VAL A 31 27.99 -13.82 58.34
C VAL A 31 26.60 -13.24 58.16
N ASN A 32 25.62 -13.80 58.89
CA ASN A 32 24.25 -13.33 58.83
C ASN A 32 24.11 -11.88 59.29
N ASP A 33 24.96 -11.48 60.23
CA ASP A 33 24.93 -10.11 60.75
C ASP A 33 25.60 -9.14 59.79
N PHE A 34 26.65 -9.60 59.12
CA PHE A 34 27.36 -8.76 58.14
C PHE A 34 26.47 -8.42 56.96
N ARG A 35 25.88 -9.45 56.37
CA ARG A 35 25.04 -9.27 55.18
C ARG A 35 23.85 -8.37 55.47
N THR A 36 23.21 -8.58 56.61
CA THR A 36 22.05 -7.80 57.00
C THR A 36 22.39 -6.34 57.26
N LYS A 37 23.37 -6.11 58.13
CA LYS A 37 23.73 -4.77 58.56
C LYS A 37 24.25 -3.89 57.43
N MET A 38 24.98 -4.49 56.50
CA MET A 38 25.58 -3.72 55.42
C MET A 38 24.67 -3.62 54.19
N ARG A 39 23.69 -4.51 54.09
CA ARG A 39 22.68 -4.39 53.05
C ARG A 39 21.90 -3.10 53.29
N GLN A 40 21.59 -2.82 54.55
CA GLN A 40 20.87 -1.61 54.91
C GLN A 40 21.75 -0.37 54.70
N PHE A 41 23.04 -0.51 54.96
CA PHE A 41 23.96 0.62 54.86
C PHE A 41 24.19 1.02 53.41
N CYS A 42 24.28 0.01 52.54
CA CYS A 42 24.51 0.26 51.12
C CYS A 42 23.24 0.70 50.43
N GLU A 43 22.09 0.25 50.93
CA GLU A 43 20.80 0.66 50.39
C GLU A 43 20.47 2.08 50.81
N GLU A 44 20.93 2.48 51.99
CA GLU A 44 20.78 3.86 52.44
C GLU A 44 21.63 4.78 51.57
N ALA A 45 22.84 4.35 51.27
CA ALA A 45 23.74 5.09 50.40
C ALA A 45 23.18 5.15 48.98
N ALA A 46 22.45 4.11 48.59
CA ALA A 46 21.80 4.07 47.30
C ALA A 46 20.65 5.08 47.24
N ALA A 47 19.91 5.18 48.33
CA ALA A 47 18.80 6.11 48.43
C ALA A 47 19.30 7.52 48.67
N HIS A 48 20.47 7.63 49.30
CA HIS A 48 21.11 8.94 49.50
C HIS A 48 21.68 9.43 48.19
N ARG A 49 22.33 8.53 47.46
CA ARG A 49 22.80 8.84 46.13
C ARG A 49 21.62 9.17 45.22
N GLN A 50 20.54 8.42 45.39
CA GLN A 50 19.31 8.73 44.66
C GLN A 50 18.07 8.27 45.42
N GLN A 51 18.94 12.78 50.03
CA GLN A 51 18.10 12.59 48.86
C GLN A 51 17.26 11.32 49.03
N LEU A 52 21.93 13.96 45.85
CA LEU A 52 22.80 14.31 44.74
C LEU A 52 22.02 15.04 43.64
N GLY A 53 22.36 16.31 43.43
CA GLY A 53 21.85 17.04 42.28
C GLY A 53 22.53 16.51 41.03
N TRP A 54 22.17 17.05 39.87
CA TRP A 54 22.72 16.53 38.62
C TRP A 54 24.23 16.77 38.54
N VAL A 55 24.70 17.82 39.17
CA VAL A 55 26.14 18.08 39.27
C VAL A 55 26.80 17.10 40.24
N GLU A 56 26.16 16.91 41.39
CA GLU A 56 26.64 15.96 42.38
C GLU A 56 26.60 14.54 41.84
N TRP A 57 25.71 14.29 40.88
CA TRP A 57 25.63 13.00 40.23
C TRP A 57 26.81 12.78 39.30
N LEU A 58 27.23 13.84 38.63
CA LEU A 58 28.40 13.80 37.76
C LEU A 58 29.64 13.42 38.54
N GLN A 59 29.78 14.01 39.73
CA GLN A 59 30.93 13.76 40.59
C GLN A 59 30.97 12.30 41.06
N TYR A 60 29.80 11.68 41.15
CA TYR A 60 29.72 10.27 41.51
C TYR A 60 30.11 9.38 40.33
N SER A 61 29.34 9.47 39.25
CA SER A 61 29.49 8.57 38.11
C SER A 61 30.73 8.87 37.30
N PHE A 62 31.03 10.16 37.10
CA PHE A 62 32.16 10.56 36.29
C PHE A 62 33.05 11.55 37.03
N PRO A 63 33.83 11.06 38.02
CA PRO A 63 34.71 11.94 38.80
C PRO A 63 35.73 12.64 37.91
N LEU A 64 36.04 13.89 38.23
CA LEU A 64 36.95 14.70 37.43
C LEU A 64 38.35 14.10 37.37
N GLN A 65 38.85 13.92 36.15
CA GLN A 65 40.20 13.43 35.94
C GLN A 65 41.16 14.60 35.74
N LEU A 66 41.71 15.11 36.85
CA LEU A 66 42.64 16.22 36.80
C LEU A 66 44.07 15.73 36.96
N GLU A 67 45.00 16.36 36.26
CA GLU A 67 46.41 15.98 36.37
C GLU A 67 47.00 16.58 37.64
N PRO A 68 47.92 15.84 38.28
CA PRO A 68 48.57 16.24 39.52
C PRO A 68 49.18 17.65 39.47
N ARG A 83 47.95 30.54 26.22
CA ARG A 83 48.20 29.77 25.00
C ARG A 83 46.90 29.13 24.51
N ALA A 84 46.58 29.36 23.24
CA ALA A 84 45.30 28.94 22.68
C ALA A 84 45.34 27.51 22.14
N LEU A 85 44.16 27.00 21.81
CA LEU A 85 44.03 25.64 21.26
C LEU A 85 42.70 25.47 20.55
N LEU A 86 42.63 24.50 19.64
CA LEU A 86 41.39 24.16 18.97
C LEU A 86 40.54 23.25 19.83
N VAL A 87 39.25 23.53 19.89
CA VAL A 87 38.28 22.70 20.60
C VAL A 87 37.01 22.62 19.76
N ASN A 88 36.64 21.47 19.24
CA ASN A 88 35.26 21.31 18.79
C ASN A 88 34.28 20.52 19.64
N VAL A 89 33.13 21.19 19.68
CA VAL A 89 31.99 20.97 20.57
C VAL A 89 30.74 20.76 19.73
N LYS A 90 29.87 19.86 20.17
CA LYS A 90 28.61 19.62 19.50
C LYS A 90 27.56 19.33 20.55
N PHE A 91 26.30 19.27 20.14
CA PHE A 91 25.21 18.94 21.04
C PHE A 91 24.77 17.51 20.79
N GLU A 92 23.86 17.01 21.62
CA GLU A 92 23.42 15.62 21.53
C GLU A 92 22.43 15.41 20.38
N GLY A 93 21.54 16.37 20.18
CA GLY A 93 20.51 16.29 19.16
C GLY A 93 21.06 16.04 17.77
N SER A 94 21.78 17.03 17.24
CA SER A 94 22.38 16.91 15.91
C SER A 94 23.84 16.50 16.01
N GLU A 95 24.42 16.10 14.88
CA GLU A 95 25.83 15.76 14.83
C GLU A 95 26.62 16.89 14.17
N GLU A 96 25.92 17.98 13.86
CA GLU A 96 26.56 19.18 13.34
C GLU A 96 27.42 19.82 14.43
N SER A 97 28.60 20.29 14.05
CA SER A 97 29.59 20.70 15.04
C SER A 97 30.06 22.15 14.90
N PHE A 98 30.76 22.62 15.91
CA PHE A 98 31.38 23.95 15.91
C PHE A 98 32.79 23.85 16.46
N THR A 99 33.75 24.46 15.77
CA THR A 99 35.13 24.46 16.24
C THR A 99 35.52 25.84 16.76
N PHE A 100 35.72 25.93 18.08
CA PHE A 100 36.07 27.19 18.71
C PHE A 100 37.56 27.29 18.96
N GLN A 101 38.02 28.49 19.32
CA GLN A 101 39.40 28.71 19.70
C GLN A 101 39.49 29.37 21.06
N VAL A 102 39.65 28.55 22.10
CA VAL A 102 39.75 29.03 23.46
C VAL A 102 41.18 28.97 23.95
N SER A 103 41.42 29.49 25.15
CA SER A 103 42.73 29.38 25.77
C SER A 103 42.72 28.25 26.80
N THR A 104 43.90 27.77 27.15
CA THR A 104 44.03 26.70 28.15
C THR A 104 43.70 27.23 29.55
N LYS A 105 43.52 28.55 29.64
CA LYS A 105 43.21 29.21 30.90
C LYS A 105 41.71 29.23 31.19
N ASP A 106 40.91 29.25 30.12
CA ASP A 106 39.45 29.39 30.24
C ASP A 106 38.79 28.23 30.97
N MET A 107 37.69 28.56 31.66
CA MET A 107 36.87 27.56 32.33
C MET A 107 35.96 26.87 31.32
N PRO A 108 35.47 25.66 31.63
CA PRO A 108 34.50 25.01 30.76
C PRO A 108 33.22 25.83 30.60
N LEU A 109 32.92 26.64 31.61
CA LEU A 109 31.74 27.50 31.59
C LEU A 109 31.80 28.50 30.43
N ALA A 110 32.96 29.13 30.27
CA ALA A 110 33.16 30.09 29.19
C ALA A 110 33.04 29.42 27.83
N LEU A 111 33.51 28.18 27.76
CA LEU A 111 33.43 27.40 26.53
C LEU A 111 31.99 27.03 26.22
N MET A 112 31.24 26.65 27.26
CA MET A 112 29.84 26.31 27.11
C MET A 112 29.02 27.54 26.71
N ALA A 113 29.50 28.72 27.12
CA ALA A 113 28.85 29.98 26.77
C ALA A 113 28.95 30.26 25.28
N CYS A 114 30.12 29.96 24.71
CA CYS A 114 30.34 30.16 23.28
C CYS A 114 29.59 29.11 22.47
N ALA A 115 29.44 27.91 23.03
CA ALA A 115 28.73 26.83 22.37
C ALA A 115 27.24 27.15 22.24
N LEU A 116 26.67 27.74 23.29
CA LEU A 116 25.26 28.11 23.28
C LEU A 116 25.01 29.34 22.41
N ARG A 117 25.95 30.28 22.43
CA ARG A 117 25.81 31.52 21.67
C ARG A 117 25.84 31.24 20.17
N LYS A 118 26.72 30.33 19.76
CA LYS A 118 26.82 29.96 18.36
C LYS A 118 25.60 29.16 17.93
N LYS A 119 25.11 28.29 18.81
CA LYS A 119 23.90 27.51 18.55
C LYS A 119 22.72 28.46 18.33
N ALA A 120 22.66 29.49 19.16
CA ALA A 120 21.64 30.52 19.07
C ALA A 120 21.66 31.14 17.68
N THR A 121 22.83 31.62 17.28
CA THR A 121 23.02 32.28 16.00
C THR A 121 22.56 31.42 14.82
N VAL A 122 22.92 30.14 14.84
CA VAL A 122 22.53 29.22 13.78
C VAL A 122 21.04 28.87 13.85
N PHE A 123 20.60 28.50 15.05
CA PHE A 123 19.19 28.14 15.29
C PHE A 123 18.41 29.24 16.00
N ARG A 124 17.60 29.96 15.23
CA ARG A 124 16.62 30.93 15.71
C ARG A 124 17.27 32.11 16.47
N GLN A 125 18.04 31.84 17.54
CA GLN A 125 18.64 32.81 18.49
C GLN A 125 18.72 32.21 19.88
N GLN A 130 21.32 28.75 29.24
CA GLN A 130 22.43 29.22 30.07
C GLN A 130 23.45 28.12 30.32
N PRO A 131 24.75 28.48 30.30
CA PRO A 131 25.87 27.55 30.43
C PRO A 131 25.87 26.72 31.72
N GLU A 132 25.31 27.25 32.80
CA GLU A 132 25.32 26.57 34.09
C GLU A 132 24.48 25.30 34.07
N GLU A 133 23.59 25.18 33.08
CA GLU A 133 22.71 24.02 32.98
C GLU A 133 23.27 22.96 32.03
N TYR A 134 24.57 23.00 31.80
CA TYR A 134 25.21 22.06 30.88
C TYR A 134 26.50 21.48 31.43
N ALA A 135 26.95 20.40 30.83
CA ALA A 135 28.23 19.78 31.17
C ALA A 135 28.90 19.24 29.91
N LEU A 136 30.21 19.39 29.82
CA LEU A 136 30.96 18.94 28.65
C LEU A 136 31.41 17.50 28.79
N GLN A 137 30.94 16.65 27.89
CA GLN A 137 31.35 15.25 27.87
C GLN A 137 32.42 15.00 26.81
N VAL A 138 33.47 14.28 27.18
CA VAL A 138 34.46 13.84 26.21
C VAL A 138 33.81 12.85 25.26
N ASN A 139 33.99 13.06 23.96
CA ASN A 139 33.36 12.23 22.95
C ASN A 139 33.68 10.74 23.09
N GLY A 140 32.63 9.93 23.20
CA GLY A 140 32.76 8.49 23.25
C GLY A 140 33.43 7.94 24.49
N ARG A 141 33.56 8.77 25.52
CA ARG A 141 34.14 8.34 26.79
C ARG A 141 33.23 8.73 27.95
N HIS A 142 33.28 7.95 29.03
CA HIS A 142 32.54 8.30 30.23
C HIS A 142 33.38 9.25 31.10
N GLU A 143 33.70 10.40 30.52
CA GLU A 143 34.47 11.43 31.20
C GLU A 143 33.85 12.79 30.92
N TYR A 144 33.66 13.59 31.97
CA TYR A 144 33.03 14.89 31.81
C TYR A 144 33.95 16.04 32.23
N LEU A 145 33.73 17.20 31.64
CA LEU A 145 34.47 18.40 31.99
C LEU A 145 33.55 19.43 32.64
N TYR A 146 33.79 19.68 33.93
CA TYR A 146 32.97 20.61 34.69
C TYR A 146 33.73 21.17 35.87
N GLY A 147 33.14 22.15 36.54
CA GLY A 147 33.77 22.79 37.69
C GLY A 147 34.54 24.03 37.30
N ASN A 148 35.04 24.75 38.31
CA ASN A 148 35.81 25.97 38.08
C ASN A 148 37.29 25.68 37.91
N TYR A 149 37.63 24.90 36.90
CA TYR A 149 39.02 24.57 36.61
C TYR A 149 39.39 25.01 35.20
N PRO A 150 40.61 25.54 35.03
CA PRO A 150 41.11 25.83 33.68
C PRO A 150 41.12 24.57 32.84
N LEU A 151 40.94 24.70 31.53
CA LEU A 151 40.88 23.54 30.64
C LEU A 151 42.15 22.69 30.74
N CYS A 152 43.28 23.35 30.98
CA CYS A 152 44.56 22.65 31.04
C CYS A 152 44.75 21.91 32.38
N HIS A 153 43.71 21.88 33.19
CA HIS A 153 43.74 21.11 34.44
C HIS A 153 43.13 19.72 34.22
N PHE A 154 42.21 19.64 33.26
CA PHE A 154 41.59 18.36 32.90
C PHE A 154 42.57 17.55 32.05
N GLN A 155 42.76 16.28 32.42
CA GLN A 155 43.78 15.45 31.80
C GLN A 155 43.47 15.08 30.35
N TYR A 156 42.20 15.14 29.97
CA TYR A 156 41.84 14.88 28.59
C TYR A 156 42.39 15.96 27.67
N ILE A 157 42.32 17.20 28.12
CA ILE A 157 42.81 18.33 27.35
C ILE A 157 44.33 18.27 27.23
N CYS A 158 45.00 17.92 28.33
CA CYS A 158 46.46 17.78 28.32
C CYS A 158 46.88 16.62 27.44
N SER A 159 46.05 15.57 27.41
CA SER A 159 46.31 14.42 26.56
C SER A 159 46.21 14.81 25.09
N CYS A 160 45.37 15.81 24.81
CA CYS A 160 45.20 16.31 23.44
C CYS A 160 46.32 17.29 23.08
N LEU A 161 46.74 18.09 24.05
CA LEU A 161 47.81 19.07 23.82
C LEU A 161 49.12 18.39 23.46
N HIS A 162 49.44 17.31 24.16
CA HIS A 162 50.69 16.59 23.93
C HIS A 162 50.61 15.69 22.70
N SER A 163 49.40 15.36 22.28
CA SER A 163 49.23 14.49 21.12
C SER A 163 48.98 15.31 19.86
N GLY A 164 48.59 16.57 20.04
CA GLY A 164 48.33 17.45 18.93
C GLY A 164 46.94 17.27 18.36
N LEU A 165 46.12 16.47 19.03
CA LEU A 165 44.74 16.25 18.60
C LEU A 165 43.83 17.35 19.12
N THR A 166 42.62 17.41 18.59
CA THR A 166 41.65 18.43 18.99
C THR A 166 40.58 17.83 19.91
N PRO A 167 40.44 18.41 21.11
CA PRO A 167 39.42 18.00 22.09
C PRO A 167 38.00 18.06 21.53
N HIS A 168 37.39 16.89 21.33
CA HIS A 168 36.01 16.83 20.87
C HIS A 168 35.06 16.64 22.04
N LEU A 169 34.32 17.69 22.36
CA LEU A 169 33.42 17.68 23.52
C LEU A 169 31.96 17.72 23.09
N THR A 170 31.07 17.35 24.00
CA THR A 170 29.64 17.32 23.72
C THR A 170 28.85 18.03 24.81
N MET A 171 28.06 19.02 24.43
CA MET A 171 27.21 19.75 25.36
C MET A 171 26.08 18.87 25.86
N VAL A 172 26.18 18.43 27.12
CA VAL A 172 25.15 17.58 27.71
C VAL A 172 24.32 18.37 28.71
N HIS A 173 23.02 18.46 28.45
CA HIS A 173 22.12 19.20 29.32
C HIS A 173 21.83 18.42 30.61
N SER A 174 21.41 19.13 31.64
CA SER A 174 21.18 18.52 32.95
C SER A 174 19.98 17.58 32.95
N SER A 175 19.03 17.82 32.05
CA SER A 175 17.83 16.99 31.98
C SER A 175 18.17 15.57 31.56
N SER A 176 19.14 15.42 30.65
CA SER A 176 19.57 14.11 30.20
C SER A 176 20.47 13.45 31.24
N ILE A 177 21.15 14.28 32.04
CA ILE A 177 21.99 13.78 33.13
C ILE A 177 21.11 13.23 34.24
N LEU A 178 20.01 13.93 34.54
CA LEU A 178 19.04 13.44 35.50
C LEU A 178 18.37 12.17 35.00
N ALA A 179 18.29 12.04 33.68
CA ALA A 179 17.76 10.84 33.06
C ALA A 179 18.71 9.67 33.26
N MET A 180 20.01 9.96 33.25
CA MET A 180 21.02 8.94 33.51
C MET A 180 20.92 8.46 34.95
N ARG A 181 20.61 9.38 35.86
CA ARG A 181 20.51 9.07 37.27
C ARG A 181 19.31 8.16 37.57
N ASP A 182 18.13 8.60 37.14
CA ASP A 182 16.90 7.87 37.42
C ASP A 182 16.87 6.51 36.75
N GLU A 183 17.70 6.34 35.72
CA GLU A 183 17.73 5.09 34.99
C GLU A 183 18.52 4.05 35.72
N GLN A 184 19.21 4.45 36.78
CA GLN A 184 20.04 3.45 37.45
C GLN A 184 19.30 3.22 38.74
N SER A 185 18.14 2.57 38.72
CA SER A 185 17.29 2.65 39.90
C SER A 185 16.82 1.34 40.54
N ASN A 186 17.35 1.04 41.72
CA ASN A 186 16.98 -0.20 42.42
C ASN A 186 15.55 -0.12 42.98
N LEU A 211 35.59 -9.71 81.95
CA LEU A 211 35.78 -9.16 83.29
C LEU A 211 37.25 -9.19 83.71
N TRP A 212 37.65 -8.20 84.51
CA TRP A 212 38.98 -8.20 85.09
C TRP A 212 38.99 -9.02 86.39
N SER A 213 37.86 -9.68 86.65
CA SER A 213 37.73 -10.53 87.82
C SER A 213 38.50 -11.84 87.63
N LEU A 214 38.59 -12.30 86.40
CA LEU A 214 39.25 -13.56 86.08
C LEU A 214 40.77 -13.41 86.11
N GLU A 215 41.35 -13.59 87.28
CA GLU A 215 42.79 -13.42 87.45
C GLU A 215 43.55 -14.75 87.43
N GLN A 216 42.87 -15.81 87.03
CA GLN A 216 43.51 -17.11 86.88
C GLN A 216 44.20 -17.18 85.51
N PRO A 217 45.29 -17.96 85.41
CA PRO A 217 46.03 -18.10 84.15
C PRO A 217 45.16 -18.62 83.01
N PHE A 218 45.39 -18.11 81.80
CA PHE A 218 44.67 -18.62 80.63
C PHE A 218 45.28 -19.94 80.19
N SER A 219 44.44 -20.80 79.62
CA SER A 219 44.88 -22.13 79.21
C SER A 219 43.84 -22.80 78.34
N ILE A 220 44.26 -23.86 77.64
CA ILE A 220 43.36 -24.60 76.75
C ILE A 220 43.48 -26.10 76.95
N GLU A 221 42.68 -26.85 76.19
CA GLU A 221 42.67 -28.30 76.27
C GLU A 221 42.88 -28.91 74.90
N LEU A 222 44.14 -29.24 74.58
CA LEU A 222 44.47 -29.87 73.32
C LEU A 222 43.97 -31.31 73.30
N ILE A 223 42.86 -31.55 72.61
CA ILE A 223 42.25 -32.86 72.62
C ILE A 223 42.80 -33.78 71.53
N GLU A 224 42.29 -33.63 70.32
CA GLU A 224 42.61 -34.56 69.24
C GLU A 224 42.86 -33.82 67.90
N GLY A 225 42.45 -34.45 66.80
CA GLY A 225 42.71 -33.99 65.45
C GLY A 225 43.10 -35.24 64.68
N ARG A 226 43.37 -35.11 63.39
CA ARG A 226 43.85 -36.25 62.58
C ARG A 226 44.61 -35.94 61.28
N LYS A 227 45.94 -36.14 61.31
CA LYS A 227 46.85 -35.49 60.39
C LYS A 227 47.36 -36.43 59.29
N VAL A 228 48.64 -36.26 58.94
CA VAL A 228 49.27 -37.00 57.84
C VAL A 228 50.77 -36.71 57.79
N ASN A 229 51.58 -37.74 58.07
CA ASN A 229 53.03 -37.68 57.90
C ASN A 229 53.65 -39.07 58.09
N ALA A 230 54.98 -39.13 58.19
CA ALA A 230 55.69 -40.39 58.33
C ALA A 230 56.17 -40.59 59.77
N MET A 234 58.34 -41.26 63.24
CA MET A 234 58.77 -40.09 63.98
C MET A 234 57.68 -39.62 64.94
N LYS A 235 57.87 -38.45 65.54
CA LYS A 235 56.94 -37.97 66.55
C LYS A 235 56.40 -36.57 66.25
N LEU A 236 55.45 -36.12 67.06
CA LEU A 236 54.62 -34.99 66.69
C LEU A 236 54.37 -34.01 67.83
N VAL A 237 54.44 -32.73 67.51
CA VAL A 237 54.30 -31.67 68.50
C VAL A 237 53.27 -30.64 68.06
N VAL A 238 52.59 -30.03 69.03
CA VAL A 238 51.68 -28.93 68.76
C VAL A 238 52.07 -27.70 69.60
N GLN A 239 52.68 -26.73 68.94
CA GLN A 239 53.10 -25.51 69.63
C GLN A 239 52.03 -24.44 69.54
N ALA A 240 51.56 -23.98 70.68
CA ALA A 240 50.55 -22.93 70.74
C ALA A 240 51.14 -21.63 71.27
N GLY A 241 50.58 -20.51 70.84
CA GLY A 241 51.07 -19.20 71.27
C GLY A 241 50.01 -18.12 71.23
N LEU A 242 50.09 -17.20 72.18
CA LEU A 242 49.17 -16.07 72.22
C LEU A 242 49.81 -14.82 71.62
N PHE A 243 49.12 -14.23 70.64
CA PHE A 243 49.67 -13.08 69.93
C PHE A 243 48.75 -11.87 69.94
N HIS A 244 49.36 -10.69 70.03
CA HIS A 244 48.66 -9.43 69.81
C HIS A 244 49.37 -8.70 68.67
N GLY A 245 49.16 -9.17 67.45
CA GLY A 245 49.86 -8.66 66.30
C GLY A 245 51.02 -9.57 65.93
N ASN A 246 52.21 -8.98 65.78
CA ASN A 246 53.38 -9.75 65.39
C ASN A 246 54.22 -10.23 66.56
N GLU A 247 53.89 -9.78 67.77
CA GLU A 247 54.65 -10.17 68.94
C GLU A 247 53.79 -10.86 70.00
N MET A 248 54.42 -11.77 70.74
CA MET A 248 53.73 -12.65 71.68
C MET A 248 53.22 -11.92 72.93
N LEU A 249 52.07 -12.37 73.43
CA LEU A 249 51.52 -11.86 74.68
C LEU A 249 52.22 -12.49 75.87
N CYS A 250 52.68 -13.73 75.69
CA CYS A 250 53.41 -14.46 76.71
C CYS A 250 54.30 -15.51 76.07
N LYS A 251 54.88 -16.38 76.89
CA LYS A 251 55.75 -17.44 76.37
C LYS A 251 54.93 -18.58 75.79
N THR A 252 55.27 -18.97 74.56
CA THR A 252 54.57 -20.05 73.87
C THR A 252 54.76 -21.38 74.58
N VAL A 253 53.73 -22.23 74.54
CA VAL A 253 53.81 -23.56 75.11
C VAL A 253 53.77 -24.61 74.00
N SER A 254 54.53 -25.68 74.19
CA SER A 254 54.56 -26.78 73.23
C SER A 254 53.87 -28.01 73.79
N SER A 255 53.32 -28.83 72.91
CA SER A 255 52.69 -30.07 73.31
C SER A 255 53.73 -31.13 73.63
N SER A 256 53.28 -32.31 74.02
CA SER A 256 54.18 -33.44 74.24
C SER A 256 54.21 -34.31 72.99
N GLU A 257 55.35 -34.91 72.72
CA GLU A 257 55.54 -35.72 71.51
C GLU A 257 54.59 -36.92 71.46
N VAL A 258 53.89 -37.07 70.34
CA VAL A 258 52.92 -38.15 70.17
C VAL A 258 53.12 -38.79 68.79
N ASN A 259 53.09 -40.12 68.74
CA ASN A 259 53.38 -40.88 67.52
C ASN A 259 52.67 -40.41 66.25
N VAL A 260 53.31 -40.62 65.11
CA VAL A 260 52.79 -40.17 63.83
C VAL A 260 51.48 -40.84 63.41
N CYS A 261 51.47 -42.17 63.37
CA CYS A 261 50.27 -42.91 62.94
C CYS A 261 49.08 -42.56 63.83
N SER A 262 48.41 -41.48 63.46
CA SER A 262 47.43 -40.76 64.26
C SER A 262 47.03 -39.55 63.41
N GLU A 263 45.83 -38.98 63.48
CA GLU A 263 44.78 -39.08 64.53
C GLU A 263 45.05 -39.56 65.94
N PRO A 264 45.54 -38.62 66.79
CA PRO A 264 46.06 -38.94 68.10
C PRO A 264 45.04 -38.62 69.17
N VAL A 265 45.55 -38.67 70.39
CA VAL A 265 44.90 -38.08 71.52
C VAL A 265 45.98 -37.34 72.29
N TRP A 266 45.62 -36.19 72.84
CA TRP A 266 46.50 -35.52 73.78
C TRP A 266 45.76 -35.35 75.09
N LYS A 267 44.61 -34.68 75.01
CA LYS A 267 43.84 -34.29 76.18
C LYS A 267 44.76 -33.61 77.18
N GLN A 268 45.67 -32.81 76.65
CA GLN A 268 46.70 -32.17 77.45
C GLN A 268 46.39 -30.69 77.65
N ARG A 269 46.55 -30.22 78.89
CA ARG A 269 46.28 -28.84 79.23
C ARG A 269 47.49 -27.96 78.93
N LEU A 270 47.27 -26.90 78.17
CA LEU A 270 48.33 -25.96 77.83
C LEU A 270 48.15 -24.64 78.57
N GLU A 271 48.79 -24.54 79.74
CA GLU A 271 48.68 -23.34 80.56
C GLU A 271 49.62 -22.24 80.06
N PHE A 272 49.06 -21.08 79.77
CA PHE A 272 49.85 -19.95 79.28
C PHE A 272 50.24 -19.01 80.41
N ASP A 273 51.40 -18.37 80.27
CA ASP A 273 51.92 -17.48 81.29
C ASP A 273 51.29 -16.09 81.19
N ILE A 274 49.98 -16.03 81.38
CA ILE A 274 49.24 -14.78 81.32
C ILE A 274 47.85 -14.94 81.93
N SER A 275 47.37 -13.91 82.63
CA SER A 275 46.05 -13.94 83.23
C SER A 275 44.96 -13.78 82.18
N VAL A 276 43.77 -14.30 82.47
CA VAL A 276 42.63 -14.16 81.58
C VAL A 276 42.19 -12.71 81.50
N CYS A 277 42.28 -12.01 82.63
CA CYS A 277 41.88 -10.61 82.71
C CYS A 277 42.80 -9.70 81.88
N ASP A 278 43.99 -10.20 81.56
CA ASP A 278 44.97 -9.41 80.85
C ASP A 278 44.97 -9.68 79.34
N LEU A 279 44.03 -10.51 78.89
CA LEU A 279 43.90 -10.79 77.47
C LEU A 279 43.31 -9.59 76.74
N PRO A 280 44.07 -9.03 75.79
CA PRO A 280 43.60 -7.88 75.00
C PRO A 280 42.41 -8.28 74.12
N ARG A 281 41.62 -7.29 73.71
CA ARG A 281 40.41 -7.53 72.93
C ARG A 281 40.72 -8.29 71.65
N MET A 282 41.88 -8.02 71.06
CA MET A 282 42.26 -8.65 69.80
C MET A 282 43.38 -9.67 69.99
N ALA A 283 43.20 -10.56 70.96
CA ALA A 283 44.19 -11.59 71.24
C ALA A 283 44.00 -12.80 70.34
N ARG A 284 45.11 -13.31 69.80
CA ARG A 284 45.06 -14.47 68.91
C ARG A 284 45.76 -15.68 69.50
N LEU A 285 45.03 -16.79 69.58
CA LEU A 285 45.62 -18.07 69.97
C LEU A 285 46.08 -18.82 68.73
N CYS A 286 47.38 -18.85 68.50
CA CYS A 286 47.93 -19.41 67.27
C CYS A 286 48.55 -20.78 67.49
N PHE A 287 48.03 -21.77 66.78
CA PHE A 287 48.52 -23.14 66.89
C PHE A 287 49.53 -23.46 65.79
N ALA A 288 50.34 -24.49 66.01
CA ALA A 288 51.35 -24.90 65.05
C ALA A 288 51.66 -26.38 65.18
N LEU A 289 51.05 -27.18 64.31
CA LEU A 289 51.25 -28.63 64.33
C LEU A 289 52.38 -29.04 63.39
N TYR A 290 53.40 -29.69 63.93
CA TYR A 290 54.57 -30.08 63.15
C TYR A 290 55.17 -31.39 63.66
N ALA A 291 55.81 -32.14 62.77
CA ALA A 291 56.46 -33.38 63.14
C ALA A 291 57.92 -33.17 63.51
N VAL A 292 58.50 -34.10 64.25
CA VAL A 292 59.89 -34.01 64.69
C VAL A 292 60.48 -35.39 64.95
N VAL A 293 61.80 -35.47 64.99
CA VAL A 293 62.49 -36.73 65.25
C VAL A 293 62.78 -36.91 66.73
N ASP A 310 63.06 -30.87 61.83
CA ASP A 310 61.72 -30.35 62.02
C ASP A 310 61.00 -30.18 60.68
N CYS A 311 59.87 -30.85 60.53
CA CYS A 311 59.08 -30.75 59.30
C CYS A 311 57.70 -30.20 59.58
N PRO A 312 57.49 -28.91 59.25
CA PRO A 312 56.21 -28.21 59.45
C PRO A 312 55.06 -28.90 58.73
N ILE A 313 53.89 -28.95 59.37
CA ILE A 313 52.74 -29.63 58.79
C ILE A 313 51.56 -28.68 58.57
N ALA A 314 51.12 -28.02 59.65
CA ALA A 314 49.95 -27.16 59.56
C ALA A 314 49.92 -26.06 60.63
N TRP A 315 49.12 -25.03 60.39
CA TRP A 315 48.94 -23.93 61.33
C TRP A 315 47.46 -23.55 61.43
N ALA A 316 47.09 -22.92 62.53
CA ALA A 316 45.72 -22.47 62.74
C ALA A 316 45.64 -21.40 63.82
N ASN A 317 44.89 -20.33 63.54
CA ASN A 317 44.73 -19.25 64.48
C ASN A 317 43.28 -19.10 64.96
N LEU A 318 43.10 -18.47 66.10
CA LEU A 318 41.78 -18.31 66.69
C LEU A 318 41.70 -17.11 67.63
N MET A 319 40.66 -16.31 67.48
CA MET A 319 40.40 -15.21 68.39
C MET A 319 39.84 -15.75 69.70
N LEU A 320 40.19 -15.12 70.82
CA LEU A 320 39.68 -15.56 72.12
C LEU A 320 38.35 -14.87 72.42
N PHE A 321 38.01 -13.89 71.60
CA PHE A 321 36.73 -13.22 71.68
C PHE A 321 36.02 -13.31 70.34
N ASP A 322 34.71 -13.54 70.35
CA ASP A 322 33.93 -13.54 69.12
C ASP A 322 33.71 -12.11 68.63
N TYR A 323 32.89 -11.95 67.60
CA TYR A 323 32.61 -10.62 67.08
C TYR A 323 31.65 -9.88 67.99
N LYS A 324 31.09 -10.60 68.96
CA LYS A 324 30.20 -10.02 69.95
C LYS A 324 30.92 -9.79 71.28
N ASP A 325 32.25 -9.82 71.21
CA ASP A 325 33.13 -9.53 72.35
C ASP A 325 32.98 -10.51 73.51
N GLN A 326 32.40 -11.68 73.25
CA GLN A 326 32.22 -12.69 74.28
C GLN A 326 33.42 -13.63 74.35
N LEU A 327 33.92 -13.88 75.55
CA LEU A 327 35.00 -14.84 75.75
C LEU A 327 34.52 -16.23 75.34
N LYS A 328 35.34 -16.92 74.56
CA LYS A 328 34.92 -18.14 73.88
C LYS A 328 35.02 -19.40 74.74
N THR A 329 33.90 -20.13 74.81
CA THR A 329 33.84 -21.46 75.44
C THR A 329 32.89 -22.35 74.64
N GLY A 330 33.26 -23.60 74.41
CA GLY A 330 34.51 -24.18 74.88
C GLY A 330 35.24 -24.98 73.83
N GLU A 331 34.65 -26.09 73.40
CA GLU A 331 35.29 -26.95 72.40
C GLU A 331 35.20 -26.34 71.00
N ARG A 332 36.31 -26.40 70.28
CA ARG A 332 36.35 -25.90 68.91
C ARG A 332 37.23 -26.79 68.01
N CYS A 333 36.70 -27.14 66.85
CA CYS A 333 37.45 -27.91 65.87
C CYS A 333 38.13 -26.98 64.88
N LEU A 334 39.46 -27.03 64.84
CA LEU A 334 40.23 -26.10 64.02
C LEU A 334 40.79 -26.76 62.77
N TYR A 335 40.14 -26.51 61.63
CA TYR A 335 40.62 -26.99 60.35
C TYR A 335 41.84 -26.18 59.91
N MET A 336 43.01 -26.80 60.00
CA MET A 336 44.28 -26.10 59.84
C MET A 336 44.67 -25.87 58.38
N TRP A 337 45.57 -24.92 58.17
CA TRP A 337 46.12 -24.63 56.86
C TRP A 337 47.53 -25.19 56.75
N PRO A 338 47.94 -25.62 55.54
CA PRO A 338 49.30 -26.11 55.32
C PRO A 338 50.36 -25.05 55.63
N SER A 339 51.59 -25.47 55.89
CA SER A 339 52.62 -24.54 56.35
C SER A 339 53.90 -24.57 55.51
N VAL A 340 54.37 -23.37 55.14
CA VAL A 340 55.65 -23.17 54.48
C VAL A 340 55.93 -24.15 53.34
N LEU A 347 57.85 -20.61 62.77
CA LEU A 347 56.93 -21.66 62.37
C LEU A 347 55.49 -21.25 62.68
N LEU A 348 55.32 -20.47 63.75
CA LEU A 348 54.02 -19.90 64.09
C LEU A 348 53.61 -18.87 63.05
N ASN A 349 52.32 -18.79 62.77
CA ASN A 349 51.82 -17.84 61.77
C ASN A 349 50.71 -16.96 62.35
N PRO A 350 51.09 -15.94 63.12
CA PRO A 350 50.13 -15.06 63.80
C PRO A 350 49.36 -14.15 62.83
N ALA A 351 49.97 -13.82 61.70
CA ALA A 351 49.35 -12.93 60.73
C ALA A 351 48.35 -13.66 59.84
N GLY A 352 48.30 -14.98 59.98
CA GLY A 352 47.40 -15.80 59.18
C GLY A 352 45.94 -15.55 59.52
N THR A 353 45.05 -16.07 58.68
CA THR A 353 43.61 -15.89 58.88
C THR A 353 43.14 -16.57 60.16
N VAL A 354 42.08 -16.02 60.76
CA VAL A 354 41.52 -16.57 61.99
C VAL A 354 40.32 -17.47 61.71
N ARG A 355 40.03 -17.66 60.42
CA ARG A 355 38.94 -18.55 60.02
C ARG A 355 39.51 -19.85 59.47
N GLY A 356 38.87 -20.97 59.82
CA GLY A 356 39.37 -22.28 59.48
C GLY A 356 39.41 -22.60 57.99
N ASN A 357 40.09 -23.69 57.66
CA ASN A 357 40.18 -24.17 56.28
C ASN A 357 38.83 -24.64 55.78
N PRO A 358 38.34 -24.04 54.69
CA PRO A 358 37.03 -24.40 54.11
C PRO A 358 37.00 -25.83 53.59
N ASN A 359 38.14 -26.33 53.10
CA ASN A 359 38.23 -27.69 52.62
C ASN A 359 38.30 -28.67 53.79
N THR A 360 37.16 -28.86 54.46
CA THR A 360 37.08 -29.71 55.64
C THR A 360 37.24 -31.19 55.30
N GLU A 361 37.28 -31.50 54.01
CA GLU A 361 37.45 -32.88 53.56
C GLU A 361 38.89 -33.35 53.70
N SER A 362 39.83 -32.49 53.31
CA SER A 362 41.24 -32.87 53.26
C SER A 362 42.07 -32.22 54.35
N ALA A 363 41.65 -31.06 54.84
CA ALA A 363 42.42 -30.32 55.83
C ALA A 363 42.46 -31.05 57.17
N ALA A 364 43.66 -31.14 57.74
CA ALA A 364 43.83 -31.74 59.06
C ALA A 364 43.16 -30.87 60.12
N ALA A 365 42.42 -31.50 61.02
CA ALA A 365 41.70 -30.77 62.06
C ALA A 365 42.47 -30.78 63.37
N LEU A 366 42.14 -29.86 64.26
CA LEU A 366 42.75 -29.81 65.59
C LEU A 366 41.69 -29.42 66.62
N VAL A 367 41.21 -30.41 67.37
CA VAL A 367 40.16 -30.18 68.34
C VAL A 367 40.70 -29.69 69.67
N ILE A 368 40.24 -28.51 70.09
CA ILE A 368 40.64 -27.93 71.37
C ILE A 368 39.41 -27.64 72.21
N TYR A 369 39.63 -27.30 73.48
CA TYR A 369 38.54 -26.93 74.37
C TYR A 369 38.92 -25.70 75.19
N LEU A 370 37.97 -24.80 75.38
CA LEU A 370 38.21 -23.57 76.13
C LEU A 370 37.44 -23.59 77.44
N PRO A 371 38.18 -23.48 78.56
CA PRO A 371 37.66 -23.61 79.93
C PRO A 371 36.53 -22.63 80.24
N GLU A 372 35.42 -23.14 80.75
CA GLU A 372 34.33 -22.29 81.22
C GLU A 372 34.77 -21.56 82.49
N VAL A 373 35.08 -20.28 82.35
CA VAL A 373 35.65 -19.51 83.44
C VAL A 373 34.63 -18.69 84.20
N ALA A 374 33.35 -19.05 84.04
CA ALA A 374 32.27 -18.33 84.70
C ALA A 374 30.99 -19.16 84.72
N PRO A 377 29.58 -16.34 81.52
CA PRO A 377 29.02 -15.35 80.60
C PRO A 377 29.72 -13.99 80.72
N VAL A 378 30.95 -13.91 80.27
CA VAL A 378 31.71 -12.66 80.35
C VAL A 378 31.99 -12.07 78.97
N TYR A 379 31.90 -10.75 78.87
CA TYR A 379 32.22 -10.04 77.65
C TYR A 379 33.38 -9.10 77.91
N PHE A 380 34.10 -8.72 76.86
CA PHE A 380 35.18 -7.75 76.99
C PHE A 380 34.58 -6.41 77.41
N PRO A 381 35.17 -5.78 78.44
CA PRO A 381 34.66 -4.53 79.01
C PRO A 381 34.40 -3.46 77.96
N ALA A 382 33.25 -2.80 78.06
CA ALA A 382 32.91 -1.70 77.17
C ALA A 382 33.92 -0.58 77.33
N LEU A 383 34.03 0.27 76.33
CA LEU A 383 35.02 1.36 76.33
C LEU A 383 34.82 2.30 77.51
N GLU A 384 33.59 2.36 78.02
CA GLU A 384 33.25 3.29 79.10
C GLU A 384 33.91 2.90 80.42
N LYS A 385 34.04 1.59 80.65
CA LYS A 385 34.66 1.10 81.88
C LYS A 385 36.16 0.94 81.69
N ILE A 386 36.62 1.11 80.45
CA ILE A 386 38.05 1.10 80.15
C ILE A 386 38.62 2.49 80.34
N LEU A 387 37.87 3.51 79.92
CA LEU A 387 38.23 4.89 80.16
C LEU A 387 38.23 5.19 81.65
N GLU A 388 37.45 4.40 82.39
CA GLU A 388 37.44 4.45 83.84
C GLU A 388 38.83 4.13 84.39
N LEU A 389 39.48 3.15 83.76
CA LEU A 389 40.78 2.66 84.20
C LEU A 389 41.91 3.30 83.43
N LEU A 406 64.43 12.89 77.26
CA LEU A 406 65.43 12.22 76.45
C LEU A 406 64.81 11.63 75.20
N ARG A 407 63.57 12.00 74.91
CA ARG A 407 62.81 11.35 73.85
C ARG A 407 63.12 11.88 72.45
N GLU A 408 63.17 13.21 72.31
CA GLU A 408 63.35 13.83 70.99
C GLU A 408 64.63 13.36 70.31
N ILE A 409 65.62 13.00 71.11
CA ILE A 409 66.89 12.49 70.58
C ILE A 409 66.68 11.14 69.89
N LEU A 410 65.82 10.30 70.46
CA LEU A 410 65.57 8.98 69.90
C LEU A 410 64.39 8.97 68.92
N GLU A 411 64.09 10.13 68.34
CA GLU A 411 63.06 10.22 67.30
C GLU A 411 63.69 10.35 65.93
N ARG A 412 63.42 9.38 65.05
CA ARG A 412 63.94 9.39 63.69
C ARG A 412 62.86 9.74 62.68
N GLU A 417 62.37 -0.34 66.02
CA GLU A 417 63.20 -0.86 67.09
C GLU A 417 63.45 0.20 68.16
N LEU A 418 63.70 -0.23 69.39
CA LEU A 418 64.17 0.56 70.55
C LEU A 418 64.62 -0.34 71.71
N TYR A 419 65.51 0.18 72.56
CA TYR A 419 65.99 -0.55 73.72
C TYR A 419 64.98 -0.50 74.86
N GLU A 420 65.06 -1.48 75.76
CA GLU A 420 64.08 -1.63 76.82
C GLU A 420 64.02 -0.43 77.77
N HIS A 421 65.19 0.16 78.06
CA HIS A 421 65.24 1.33 78.93
C HIS A 421 64.68 2.55 78.22
N GLU A 422 64.70 2.52 76.89
CA GLU A 422 64.13 3.60 76.09
C GLU A 422 62.62 3.47 75.99
N LYS A 423 62.14 2.23 75.87
CA LYS A 423 60.70 1.96 75.86
C LYS A 423 60.06 2.42 77.16
N ASP A 424 60.70 2.07 78.27
CA ASP A 424 60.28 2.50 79.60
C ASP A 424 60.14 4.02 79.66
N LEU A 425 61.08 4.69 79.04
CA LEU A 425 61.14 6.14 79.02
C LEU A 425 60.02 6.74 78.17
N VAL A 426 59.73 6.10 77.04
CA VAL A 426 58.66 6.54 76.16
C VAL A 426 57.30 6.36 76.82
N TRP A 427 57.13 5.23 77.51
CA TRP A 427 55.87 4.92 78.18
C TRP A 427 55.66 5.78 79.42
N LYS A 428 56.74 6.04 80.16
CA LYS A 428 56.65 6.91 81.34
C LYS A 428 56.24 8.31 80.93
N MET A 429 56.90 8.81 79.89
CA MET A 429 56.64 10.15 79.37
C MET A 429 55.59 10.12 78.26
N ARG A 430 54.54 9.34 78.47
CA ARG A 430 53.52 9.12 77.43
C ARG A 430 52.55 10.29 77.28
N HIS A 431 52.35 11.05 78.35
CA HIS A 431 51.46 12.20 78.31
C HIS A 431 52.07 13.33 77.50
N GLU A 432 53.40 13.47 77.62
CA GLU A 432 54.14 14.48 76.87
C GLU A 432 54.13 14.15 75.38
N VAL A 433 53.99 12.87 75.07
CA VAL A 433 53.88 12.43 73.68
C VAL A 433 52.61 12.97 73.05
N GLN A 434 51.47 12.72 73.69
CA GLN A 434 50.18 13.20 73.21
C GLN A 434 50.15 14.71 73.05
N GLU A 435 50.83 15.39 73.97
CA GLU A 435 50.84 16.84 74.04
C GLU A 435 51.72 17.50 72.99
N HIS A 436 52.87 16.90 72.72
CA HIS A 436 53.93 17.56 71.96
C HIS A 436 54.44 16.74 70.77
N PHE A 437 54.21 15.44 70.79
CA PHE A 437 54.59 14.56 69.70
C PHE A 437 53.42 13.70 69.24
N PRO A 438 52.39 14.35 68.65
CA PRO A 438 51.14 13.65 68.31
C PRO A 438 51.32 12.54 67.29
N GLU A 439 52.19 12.75 66.31
CA GLU A 439 52.38 11.79 65.23
C GLU A 439 53.37 10.69 65.61
N ALA A 440 53.83 10.73 66.86
CA ALA A 440 54.69 9.67 67.39
C ALA A 440 53.87 8.58 68.06
N LEU A 441 52.57 8.60 67.78
CA LEU A 441 51.62 7.66 68.37
C LEU A 441 52.01 6.20 68.13
N ALA A 442 52.45 5.89 66.92
CA ALA A 442 52.83 4.54 66.55
C ALA A 442 53.91 3.99 67.47
N ARG A 443 54.93 4.80 67.73
CA ARG A 443 56.02 4.41 68.62
C ARG A 443 55.53 4.17 70.05
N LEU A 444 54.55 4.96 70.45
CA LEU A 444 54.00 4.88 71.80
C LEU A 444 53.17 3.61 71.97
N LEU A 445 52.56 3.17 70.87
CA LEU A 445 51.76 1.95 70.87
C LEU A 445 52.63 0.70 70.92
N LEU A 446 53.85 0.82 70.39
CA LEU A 446 54.76 -0.32 70.30
C LEU A 446 55.49 -0.59 71.63
N VAL A 447 55.39 0.36 72.56
CA VAL A 447 56.01 0.19 73.87
C VAL A 447 54.96 -0.08 74.94
N THR A 448 53.70 -0.14 74.50
CA THR A 448 52.58 -0.38 75.41
C THR A 448 52.49 -1.85 75.82
N LYS A 449 52.35 -2.09 77.11
CA LYS A 449 52.16 -3.45 77.62
C LYS A 449 50.77 -3.96 77.28
N TRP A 450 50.67 -4.74 76.20
CA TRP A 450 49.38 -5.25 75.75
C TRP A 450 48.96 -6.50 76.52
N ASN A 451 49.91 -7.10 77.24
CA ASN A 451 49.63 -8.28 78.04
C ASN A 451 49.23 -7.93 79.47
N LYS A 452 48.98 -6.64 79.70
CA LYS A 452 48.48 -6.16 80.99
C LYS A 452 47.38 -5.13 80.76
N HIS A 453 46.18 -5.44 81.24
CA HIS A 453 44.99 -4.64 80.94
C HIS A 453 45.07 -3.21 81.46
N GLU A 454 45.79 -3.00 82.55
CA GLU A 454 45.89 -1.67 83.14
C GLU A 454 46.66 -0.71 82.24
N ASP A 455 47.66 -1.23 81.53
CA ASP A 455 48.48 -0.41 80.64
C ASP A 455 47.74 -0.10 79.35
N VAL A 456 46.91 -1.05 78.91
CA VAL A 456 46.11 -0.87 77.70
C VAL A 456 45.01 0.16 77.94
N ALA A 457 44.40 0.09 79.12
CA ALA A 457 43.33 1.02 79.49
C ALA A 457 43.82 2.46 79.51
N GLN A 458 45.03 2.67 80.03
CA GLN A 458 45.63 3.99 80.07
C GLN A 458 45.98 4.47 78.67
N MET A 459 46.47 3.55 77.85
CA MET A 459 46.82 3.86 76.46
C MET A 459 45.59 4.22 75.65
N LEU A 460 44.53 3.42 75.81
CA LEU A 460 43.27 3.66 75.11
C LEU A 460 42.62 4.97 75.59
N TYR A 461 42.91 5.36 76.82
CA TYR A 461 42.40 6.61 77.36
C TYR A 461 43.04 7.80 76.64
N LEU A 462 44.33 7.69 76.36
CA LEU A 462 45.05 8.75 75.65
C LEU A 462 44.66 8.78 74.18
N LEU A 463 44.35 7.62 73.62
CA LEU A 463 44.01 7.51 72.21
C LEU A 463 42.64 8.14 71.92
N CYS A 464 41.74 8.06 72.89
CA CYS A 464 40.40 8.61 72.72
C CYS A 464 40.42 10.15 72.78
N SER A 465 41.51 10.70 73.31
CA SER A 465 41.67 12.15 73.36
C SER A 465 42.84 12.58 72.47
N TRP A 466 43.26 11.67 71.59
CA TRP A 466 44.40 11.93 70.70
C TRP A 466 43.97 12.75 69.49
N PRO A 467 44.75 13.78 69.14
CA PRO A 467 44.47 14.60 67.97
C PRO A 467 44.56 13.83 66.66
N GLU A 468 43.81 14.27 65.65
CA GLU A 468 43.82 13.62 64.35
C GLU A 468 45.20 13.64 63.71
N LEU A 469 45.62 12.50 63.18
CA LEU A 469 46.93 12.39 62.55
C LEU A 469 46.81 12.57 61.03
N PRO A 470 47.92 12.99 60.39
CA PRO A 470 47.95 13.09 58.93
C PRO A 470 47.72 11.73 58.26
N VAL A 471 47.44 11.75 56.96
CA VAL A 471 47.19 10.53 56.20
C VAL A 471 48.36 9.56 56.27
N LEU A 472 49.57 10.09 56.17
CA LEU A 472 50.78 9.28 56.17
C LEU A 472 50.95 8.50 57.48
N SER A 473 50.56 9.12 58.58
CA SER A 473 50.65 8.46 59.88
C SER A 473 49.60 7.37 60.02
N ALA A 474 48.41 7.63 59.46
CA ALA A 474 47.31 6.69 59.54
C ALA A 474 47.56 5.45 58.68
N LEU A 475 48.27 5.64 57.57
CA LEU A 475 48.61 4.53 56.70
C LEU A 475 49.49 3.51 57.41
N GLU A 476 50.35 4.01 58.31
CA GLU A 476 51.22 3.16 59.10
C GLU A 476 50.42 2.39 60.15
N LEU A 477 49.43 3.06 60.73
CA LEU A 477 48.64 2.48 61.81
C LEU A 477 47.69 1.37 61.32
N LEU A 478 47.60 1.21 60.00
CA LEU A 478 46.74 0.19 59.41
C LEU A 478 47.38 -1.19 59.41
N ASP A 479 48.69 -1.23 59.64
CA ASP A 479 49.44 -2.48 59.55
C ASP A 479 49.04 -3.45 60.65
N PHE A 480 49.43 -4.71 60.49
CA PHE A 480 49.09 -5.76 61.45
C PHE A 480 49.83 -5.57 62.78
N SER A 481 50.87 -4.74 62.75
CA SER A 481 51.64 -4.44 63.96
C SER A 481 50.83 -3.57 64.93
N PHE A 482 49.66 -3.12 64.49
CA PHE A 482 48.73 -2.39 65.35
C PHE A 482 47.36 -3.05 65.28
N PRO A 483 47.23 -4.23 65.91
CA PRO A 483 46.06 -5.10 65.78
C PRO A 483 44.85 -4.66 66.59
N ASP A 484 45.02 -3.71 67.50
CA ASP A 484 43.92 -3.26 68.35
C ASP A 484 42.83 -2.59 67.52
N CYS A 485 41.59 -2.96 67.76
CA CYS A 485 40.46 -2.48 66.97
C CYS A 485 40.26 -0.97 67.08
N TYR A 486 40.43 -0.44 68.29
CA TYR A 486 40.25 0.99 68.52
C TYR A 486 41.35 1.79 67.83
N VAL A 487 42.52 1.18 67.70
CA VAL A 487 43.63 1.80 66.99
C VAL A 487 43.35 1.82 65.49
N GLY A 488 42.91 0.67 64.97
CA GLY A 488 42.54 0.55 63.56
C GLY A 488 41.39 1.47 63.22
N SER A 489 40.47 1.63 64.15
CA SER A 489 39.32 2.52 63.97
C SER A 489 39.79 3.98 63.97
N PHE A 490 40.78 4.28 64.81
CA PHE A 490 41.34 5.63 64.89
C PHE A 490 42.05 5.99 63.58
N ALA A 491 42.75 5.01 63.01
CA ALA A 491 43.46 5.21 61.75
C ALA A 491 42.48 5.49 60.62
N ILE A 492 41.33 4.83 60.66
CA ILE A 492 40.29 5.04 59.66
C ILE A 492 39.76 6.47 59.72
N LYS A 493 39.58 6.97 60.94
CA LYS A 493 39.08 8.34 61.16
C LYS A 493 40.04 9.37 60.57
N SER A 494 41.33 9.09 60.65
CA SER A 494 42.35 10.00 60.11
C SER A 494 42.43 9.87 58.59
N LEU A 495 41.77 8.84 58.05
CA LEU A 495 41.78 8.61 56.61
C LEU A 495 40.47 9.03 55.95
N ARG A 496 39.55 9.57 56.74
CA ARG A 496 38.28 10.04 56.19
C ARG A 496 38.49 11.31 55.38
N LYS A 497 39.62 11.98 55.61
CA LYS A 497 39.96 13.19 54.87
C LYS A 497 40.74 12.86 53.60
N LEU A 498 40.77 11.57 53.25
CA LEU A 498 41.38 11.15 52.00
C LEU A 498 40.57 11.64 50.82
N THR A 499 41.20 12.38 49.92
CA THR A 499 40.57 12.76 48.66
C THR A 499 40.37 11.49 47.84
N ASP A 500 39.42 11.52 46.90
CA ASP A 500 39.15 10.36 46.08
C ASP A 500 40.35 9.98 45.21
N ASP A 501 41.18 10.97 44.89
CA ASP A 501 42.39 10.73 44.12
C ASP A 501 43.46 10.08 44.99
N GLU A 502 43.49 10.45 46.27
CA GLU A 502 44.40 9.82 47.23
C GLU A 502 43.95 8.40 47.52
N LEU A 503 42.66 8.24 47.78
CA LEU A 503 42.07 6.93 48.06
C LEU A 503 42.27 5.97 46.88
N PHE A 504 42.13 6.50 45.67
CA PHE A 504 42.33 5.72 44.45
C PHE A 504 43.77 5.23 44.36
N GLN A 505 44.70 6.06 44.80
CA GLN A 505 46.12 5.75 44.75
C GLN A 505 46.49 4.65 45.75
N TYR A 506 45.78 4.61 46.87
CA TYR A 506 46.14 3.72 47.97
C TYR A 506 45.17 2.55 48.11
N LEU A 507 44.18 2.48 47.22
CA LEU A 507 43.10 1.50 47.33
C LEU A 507 43.60 0.06 47.33
N LEU A 508 44.61 -0.22 46.51
CA LEU A 508 45.19 -1.57 46.43
C LEU A 508 45.71 -2.02 47.79
N GLN A 509 46.39 -1.12 48.50
CA GLN A 509 46.92 -1.43 49.81
C GLN A 509 45.82 -1.62 50.84
N LEU A 510 44.83 -0.72 50.80
CA LEU A 510 43.73 -0.75 51.75
C LEU A 510 42.91 -2.03 51.66
N VAL A 511 42.84 -2.61 50.47
CA VAL A 511 42.12 -3.86 50.26
C VAL A 511 42.89 -5.04 50.85
N GLN A 512 44.20 -5.03 50.69
CA GLN A 512 45.03 -6.10 51.22
C GLN A 512 45.04 -6.12 52.74
N VAL A 513 44.80 -4.95 53.35
CA VAL A 513 44.75 -4.84 54.80
C VAL A 513 43.55 -5.60 55.35
N LEU A 514 42.51 -5.75 54.53
CA LEU A 514 41.32 -6.52 54.90
C LEU A 514 41.67 -7.96 55.28
N LYS A 515 42.83 -8.43 54.83
CA LYS A 515 43.31 -9.76 55.15
C LYS A 515 43.86 -9.84 56.57
N TYR A 516 44.12 -8.67 57.16
CA TYR A 516 44.60 -8.59 58.53
C TYR A 516 43.44 -8.56 59.53
N GLU A 517 42.26 -8.21 59.03
CA GLU A 517 41.07 -8.10 59.87
C GLU A 517 40.73 -9.43 60.53
N SER A 518 40.22 -9.38 61.75
CA SER A 518 39.88 -10.58 62.49
C SER A 518 38.41 -10.92 62.37
N TYR A 519 37.61 -9.94 61.93
CA TYR A 519 36.18 -10.13 61.80
C TYR A 519 35.66 -9.56 60.48
N LEU A 520 34.53 -10.09 60.02
CA LEU A 520 33.91 -9.61 58.80
C LEU A 520 33.47 -8.16 58.93
N ASP A 521 32.84 -7.86 60.06
CA ASP A 521 32.34 -6.52 60.33
C ASP A 521 33.44 -5.65 60.94
N CYS A 522 33.99 -4.74 60.15
CA CYS A 522 35.05 -3.85 60.60
C CYS A 522 34.93 -2.46 60.00
N GLU A 523 35.54 -1.47 60.67
CA GLU A 523 35.45 -0.08 60.24
C GLU A 523 36.07 0.14 58.86
N LEU A 524 37.09 -0.64 58.54
CA LEU A 524 37.77 -0.54 57.25
C LEU A 524 36.86 -0.93 56.09
N THR A 525 36.13 -2.03 56.27
CA THR A 525 35.23 -2.53 55.24
C THR A 525 34.14 -1.51 54.91
N LYS A 526 33.56 -0.93 55.95
CA LYS A 526 32.49 0.06 55.78
C LYS A 526 33.01 1.35 55.17
N PHE A 527 34.25 1.70 55.49
CA PHE A 527 34.87 2.88 54.90
C PHE A 527 35.07 2.66 53.40
N LEU A 528 35.57 1.48 53.04
CA LEU A 528 35.75 1.13 51.64
C LEU A 528 34.41 1.10 50.91
N LEU A 529 33.42 0.47 51.53
CA LEU A 529 32.08 0.39 50.95
C LEU A 529 31.45 1.76 50.83
N GLY A 530 31.60 2.58 51.87
CA GLY A 530 31.04 3.92 51.87
C GLY A 530 31.62 4.78 50.76
N ARG A 531 32.94 4.73 50.60
CA ARG A 531 33.62 5.51 49.58
C ARG A 531 33.35 4.96 48.18
N ALA A 532 33.10 3.66 48.10
CA ALA A 532 32.82 3.02 46.81
C ALA A 532 31.44 3.39 46.29
N LEU A 533 30.51 3.61 47.20
CA LEU A 533 29.15 3.96 46.82
C LEU A 533 29.03 5.46 46.57
N ALA A 534 30.03 6.21 47.00
CA ALA A 534 30.07 7.65 46.78
C ALA A 534 30.82 7.98 45.49
N ASN A 535 31.67 7.04 45.07
CA ASN A 535 32.45 7.21 43.85
C ASN A 535 32.44 5.92 43.02
N ARG A 536 31.80 5.99 41.85
CA ARG A 536 31.65 4.83 40.99
C ARG A 536 32.99 4.31 40.49
N LYS A 537 33.96 5.21 40.33
CA LYS A 537 35.29 4.83 39.88
C LYS A 537 36.02 4.05 40.97
N ILE A 538 35.79 4.43 42.22
CA ILE A 538 36.33 3.71 43.36
C ILE A 538 35.67 2.34 43.48
N GLY A 539 34.35 2.32 43.33
CA GLY A 539 33.58 1.09 43.40
C GLY A 539 33.96 0.11 42.30
N HIS A 540 34.31 0.65 41.15
CA HIS A 540 34.74 -0.18 40.02
C HIS A 540 35.98 -1.00 40.36
N PHE A 541 37.01 -0.32 40.85
CA PHE A 541 38.27 -0.98 41.15
C PHE A 541 38.24 -1.71 42.49
N LEU A 542 37.35 -1.30 43.38
CA LEU A 542 37.16 -2.03 44.63
C LEU A 542 36.63 -3.41 44.31
N PHE A 543 35.69 -3.48 43.38
CA PHE A 543 35.10 -4.75 42.97
C PHE A 543 36.14 -5.69 42.38
N TRP A 544 36.87 -5.23 41.39
CA TRP A 544 37.84 -6.07 40.68
C TRP A 544 39.00 -6.50 41.58
N HIS A 545 39.32 -5.67 42.57
CA HIS A 545 40.35 -6.04 43.54
C HIS A 545 39.87 -7.21 44.40
N LEU A 546 38.57 -7.23 44.69
CA LEU A 546 37.98 -8.32 45.47
C LEU A 546 37.70 -9.53 44.59
N ARG A 547 37.17 -9.28 43.40
CA ARG A 547 36.78 -10.34 42.47
C ARG A 547 37.99 -11.12 41.95
N SER A 548 39.13 -10.45 41.87
CA SER A 548 40.34 -11.07 41.34
C SER A 548 40.87 -12.19 42.23
N GLU A 549 40.53 -12.14 43.51
CA GLU A 549 41.06 -13.11 44.47
C GLU A 549 39.98 -14.03 45.05
N MET A 550 38.89 -14.20 44.32
CA MET A 550 37.82 -15.10 44.76
C MET A 550 38.26 -16.56 44.67
N HIS A 551 39.35 -16.81 43.95
CA HIS A 551 39.90 -18.15 43.84
C HIS A 551 40.69 -18.53 45.08
N VAL A 552 40.96 -17.54 45.92
CA VAL A 552 41.68 -17.77 47.17
C VAL A 552 40.71 -18.01 48.33
N PRO A 553 40.69 -19.25 48.85
CA PRO A 553 39.77 -19.70 49.89
C PRO A 553 39.76 -18.83 51.16
N SER A 554 40.95 -18.39 51.59
CA SER A 554 41.07 -17.65 52.85
C SER A 554 40.45 -16.26 52.79
N VAL A 555 40.14 -15.78 51.59
CA VAL A 555 39.51 -14.47 51.44
C VAL A 555 38.24 -14.54 50.60
N ALA A 556 37.89 -15.76 50.18
CA ALA A 556 36.71 -15.96 49.33
C ALA A 556 35.42 -15.54 50.02
N LEU A 557 35.31 -15.87 51.30
CA LEU A 557 34.11 -15.53 52.08
C LEU A 557 34.00 -14.03 52.31
N ARG A 558 35.07 -13.43 52.80
CA ARG A 558 35.09 -12.01 53.12
C ARG A 558 34.81 -11.15 51.88
N PHE A 559 35.59 -11.36 50.82
CA PHE A 559 35.48 -10.56 49.61
C PHE A 559 34.13 -10.77 48.93
N GLY A 560 33.61 -11.99 49.01
CA GLY A 560 32.32 -12.31 48.41
C GLY A 560 31.18 -11.55 49.06
N LEU A 561 31.28 -11.39 50.38
CA LEU A 561 30.24 -10.67 51.14
C LEU A 561 30.28 -9.18 50.86
N ILE A 562 31.49 -8.63 50.75
CA ILE A 562 31.67 -7.20 50.49
C ILE A 562 31.13 -6.83 49.11
N MET A 563 31.43 -7.66 48.12
CA MET A 563 30.94 -7.43 46.77
C MET A 563 29.42 -7.53 46.71
N GLU A 564 28.86 -8.48 47.44
CA GLU A 564 27.40 -8.62 47.51
C GLU A 564 26.77 -7.38 48.12
N ALA A 565 27.40 -6.88 49.19
CA ALA A 565 26.93 -5.67 49.87
C ALA A 565 26.96 -4.48 48.93
N TYR A 566 28.04 -4.35 48.16
CA TYR A 566 28.18 -3.25 47.20
C TYR A 566 27.12 -3.34 46.11
N CYS A 567 26.80 -4.56 45.69
CA CYS A 567 25.79 -4.77 44.67
C CYS A 567 24.42 -4.29 45.14
N ARG A 568 24.16 -4.40 46.44
CA ARG A 568 22.93 -3.89 47.02
C ARG A 568 22.90 -2.37 46.92
N GLY A 569 24.07 -1.76 46.93
CA GLY A 569 24.19 -0.31 46.86
C GLY A 569 23.99 0.24 45.47
N SER A 570 24.15 -0.61 44.46
CA SER A 570 23.94 -0.22 43.07
C SER A 570 23.71 -1.43 42.17
N THR A 571 22.45 -1.75 41.90
CA THR A 571 22.10 -2.87 41.05
C THR A 571 22.49 -2.59 39.60
N HIS A 572 22.46 -1.31 39.23
CA HIS A 572 22.80 -0.91 37.86
C HIS A 572 24.29 -1.13 37.56
N HIS A 573 25.15 -0.75 38.51
CA HIS A 573 26.58 -0.93 38.33
C HIS A 573 26.92 -2.42 38.34
N MET A 574 26.13 -3.18 39.08
CA MET A 574 26.27 -4.64 39.10
C MET A 574 26.09 -5.22 37.70
N LYS A 575 25.11 -4.70 36.97
CA LYS A 575 24.86 -5.11 35.60
C LYS A 575 26.01 -4.69 34.68
N VAL A 576 26.52 -3.48 34.92
CA VAL A 576 27.63 -2.95 34.14
C VAL A 576 28.89 -3.79 34.34
N LEU A 577 29.19 -4.09 35.60
CA LEU A 577 30.34 -4.93 35.93
C LEU A 577 30.15 -6.35 35.40
N MET A 578 28.90 -6.79 35.35
CA MET A 578 28.58 -8.13 34.86
C MET A 578 28.81 -8.24 33.36
N LYS A 579 28.61 -7.13 32.66
CA LYS A 579 28.90 -7.08 31.23
C LYS A 579 30.40 -7.21 31.00
N GLN A 580 31.18 -6.66 31.93
CA GLN A 580 32.63 -6.75 31.87
C GLN A 580 33.10 -8.18 32.13
N GLY A 581 32.41 -8.88 33.03
CA GLY A 581 32.75 -10.24 33.37
C GLY A 581 32.44 -11.22 32.25
N GLU A 582 31.40 -10.92 31.49
CA GLU A 582 30.99 -11.77 30.37
C GLU A 582 31.96 -11.63 29.21
N ALA A 583 32.54 -10.45 29.06
CA ALA A 583 33.55 -10.21 28.04
C ALA A 583 34.84 -10.95 28.41
N LEU A 584 35.23 -10.83 29.68
CA LEU A 584 36.42 -11.50 30.19
C LEU A 584 36.26 -13.02 30.17
N SER A 585 35.02 -13.48 30.28
CA SER A 585 34.72 -14.90 30.24
C SER A 585 34.91 -15.45 28.83
N LYS A 586 34.58 -14.63 27.84
CA LYS A 586 34.73 -15.01 26.44
C LYS A 586 36.18 -14.92 25.99
N LEU A 587 36.90 -13.93 26.50
CA LEU A 587 38.32 -13.78 26.21
C LEU A 587 39.11 -14.97 26.73
N LYS A 588 38.69 -15.47 27.89
CA LYS A 588 39.30 -16.66 28.48
C LYS A 588 39.12 -17.86 27.57
N ALA A 589 37.88 -18.06 27.10
CA ALA A 589 37.56 -19.16 26.19
C ALA A 589 38.31 -19.00 24.87
N LEU A 590 38.40 -17.76 24.40
CA LEU A 590 39.08 -17.47 23.14
C LEU A 590 40.57 -17.78 23.22
N ASN A 591 41.17 -17.47 24.38
CA ASN A 591 42.60 -17.66 24.57
C ASN A 591 42.96 -19.14 24.69
N ASP A 592 42.06 -19.93 25.27
CA ASP A 592 42.25 -21.38 25.36
C ASP A 592 42.28 -21.99 23.96
N PHE A 593 41.40 -21.49 23.09
CA PHE A 593 41.34 -21.94 21.70
C PHE A 593 42.62 -21.55 20.97
N VAL A 594 43.10 -20.35 21.22
CA VAL A 594 44.34 -19.87 20.60
C VAL A 594 45.55 -20.67 21.08
N LYS A 595 45.58 -20.97 22.37
CA LYS A 595 46.66 -21.76 22.96
C LYS A 595 46.74 -23.15 22.32
N VAL A 596 45.59 -23.81 22.21
CA VAL A 596 45.52 -25.15 21.63
C VAL A 596 45.85 -25.14 20.15
N SER A 597 45.22 -24.23 19.41
CA SER A 597 45.38 -24.15 17.97
C SER A 597 46.79 -23.82 17.53
N SER A 598 47.45 -22.93 18.27
CA SER A 598 48.80 -22.47 17.91
C SER A 598 49.84 -23.57 18.08
N GLN A 599 49.47 -24.65 18.76
CA GLN A 599 50.40 -25.75 19.00
C GLN A 599 50.24 -26.86 17.96
N LYS A 600 49.16 -26.79 17.18
CA LYS A 600 48.91 -27.80 16.15
C LYS A 600 48.64 -27.14 14.81
N THR A 601 49.01 -25.86 14.69
CA THR A 601 48.69 -25.06 13.52
C THR A 601 49.47 -23.74 13.54
N THR A 602 49.93 -23.32 12.37
CA THR A 602 50.69 -22.07 12.23
C THR A 602 49.93 -20.86 12.77
N LYS A 603 50.66 -19.80 13.08
CA LYS A 603 50.06 -18.56 13.60
C LYS A 603 49.06 -17.90 12.65
N PRO A 604 49.42 -17.72 11.36
CA PRO A 604 48.45 -17.05 10.47
C PRO A 604 47.12 -17.80 10.36
N GLN A 605 47.16 -19.12 10.43
CA GLN A 605 45.94 -19.91 10.39
C GLN A 605 45.23 -19.86 11.75
N THR A 606 46.01 -19.76 12.82
CA THR A 606 45.46 -19.65 14.16
C THR A 606 44.77 -18.28 14.33
N LYS A 607 45.44 -17.24 13.88
CA LYS A 607 44.89 -15.89 13.88
C LYS A 607 43.63 -15.84 13.03
N GLU A 608 43.65 -16.60 11.93
CA GLU A 608 42.50 -16.70 11.05
C GLU A 608 41.33 -17.39 11.76
N MET A 609 41.66 -18.41 12.54
CA MET A 609 40.66 -19.14 13.32
C MET A 609 40.18 -18.30 14.50
N MET A 610 41.09 -17.50 15.05
CA MET A 610 40.75 -16.59 16.13
C MET A 610 39.67 -15.61 15.67
N HIS A 611 39.83 -15.11 14.45
CA HIS A 611 38.88 -14.16 13.89
C HIS A 611 37.50 -14.77 13.68
N MET A 612 37.47 -15.99 13.14
CA MET A 612 36.19 -16.67 12.89
C MET A 612 35.43 -16.93 14.18
N CYS A 613 36.16 -17.27 15.24
CA CYS A 613 35.56 -17.51 16.54
C CYS A 613 34.98 -16.21 17.11
N MET A 614 35.69 -15.10 16.90
CA MET A 614 35.25 -13.81 17.41
C MET A 614 34.04 -13.29 16.65
N ARG A 615 33.89 -13.74 15.40
CA ARG A 615 32.78 -13.27 14.56
C ARG A 615 31.48 -13.99 14.89
N GLN A 616 31.53 -14.96 15.79
CA GLN A 616 30.33 -15.61 16.28
C GLN A 616 29.46 -14.58 16.99
N GLU A 617 28.15 -14.79 16.95
CA GLU A 617 27.20 -13.84 17.53
C GLU A 617 27.41 -13.66 19.03
N THR A 618 27.68 -14.78 19.72
CA THR A 618 27.86 -14.76 21.16
C THR A 618 29.15 -14.05 21.56
N TYR A 619 30.13 -14.07 20.66
CA TYR A 619 31.41 -13.40 20.93
C TYR A 619 31.36 -11.93 20.56
N MET A 620 30.65 -11.61 19.47
CA MET A 620 30.50 -10.23 19.03
C MET A 620 29.70 -9.41 20.03
N GLU A 621 28.70 -10.03 20.65
CA GLU A 621 27.84 -9.34 21.60
C GLU A 621 28.52 -9.18 22.96
N ALA A 622 29.26 -10.20 23.36
CA ALA A 622 29.90 -10.21 24.68
C ALA A 622 31.10 -9.28 24.75
N LEU A 623 31.86 -9.22 23.66
CA LEU A 623 33.10 -8.44 23.64
C LEU A 623 32.90 -6.97 23.26
N SER A 624 31.69 -6.61 22.88
CA SER A 624 31.42 -5.26 22.41
C SER A 624 30.61 -4.42 23.39
N HIS A 625 30.79 -3.11 23.31
CA HIS A 625 30.03 -2.14 24.10
C HIS A 625 30.11 -2.41 25.59
N LEU A 626 31.24 -2.04 26.20
CA LEU A 626 31.46 -2.25 27.61
C LEU A 626 32.44 -1.23 28.16
N GLN A 627 32.35 -0.96 29.46
CA GLN A 627 33.34 -0.12 30.13
C GLN A 627 34.60 -0.94 30.37
N SER A 628 35.74 -0.42 29.94
CA SER A 628 37.01 -1.13 30.11
C SER A 628 37.31 -1.33 31.59
N PRO A 629 37.56 -2.58 32.00
CA PRO A 629 37.92 -2.89 33.38
C PRO A 629 39.17 -2.13 33.82
N LEU A 630 40.08 -1.89 32.88
CA LEU A 630 41.30 -1.12 33.14
C LEU A 630 40.99 0.33 33.49
N ASP A 631 39.94 0.87 32.87
CA ASP A 631 39.55 2.25 33.07
C ASP A 631 38.08 2.45 32.67
N PRO A 632 37.20 2.57 33.67
CA PRO A 632 35.75 2.64 33.46
C PRO A 632 35.31 3.83 32.62
N SER A 633 36.14 4.87 32.55
CA SER A 633 35.84 6.04 31.72
C SER A 633 36.09 5.74 30.25
N THR A 634 36.93 4.73 29.99
CA THR A 634 37.22 4.30 28.63
C THR A 634 36.18 3.30 28.15
N LEU A 635 35.50 3.64 27.05
CA LEU A 635 34.46 2.78 26.51
C LEU A 635 35.01 1.90 25.39
N LEU A 636 34.79 0.59 25.52
CA LEU A 636 35.19 -0.37 24.48
C LEU A 636 33.98 -0.75 23.64
N GLU A 637 33.80 -0.07 22.52
CA GLU A 637 32.62 -0.24 21.68
C GLU A 637 32.78 -1.40 20.70
N GLU A 638 32.83 -1.08 19.41
CA GLU A 638 32.97 -2.10 18.38
C GLU A 638 34.37 -2.73 18.41
N VAL A 639 34.40 -4.06 18.39
CA VAL A 639 35.67 -4.77 18.38
C VAL A 639 36.17 -5.01 16.96
N CYS A 640 37.36 -4.51 16.67
CA CYS A 640 37.95 -4.65 15.34
C CYS A 640 38.64 -6.01 15.21
N VAL A 641 37.89 -6.99 14.71
CA VAL A 641 38.38 -8.36 14.61
C VAL A 641 39.61 -8.46 13.71
N GLU A 642 39.61 -7.70 12.61
CA GLU A 642 40.72 -7.70 11.68
C GLU A 642 42.01 -7.20 12.33
N GLN A 643 41.86 -6.36 13.35
CA GLN A 643 43.01 -5.80 14.05
C GLN A 643 43.38 -6.62 15.29
N CYS A 644 42.65 -7.70 15.50
CA CYS A 644 42.90 -8.57 16.65
C CYS A 644 43.88 -9.70 16.31
N THR A 645 44.72 -10.05 17.27
CA THR A 645 45.71 -11.09 17.08
C THR A 645 46.22 -11.62 18.43
N PHE A 646 47.38 -12.27 18.39
CA PHE A 646 48.00 -12.79 19.61
C PHE A 646 49.51 -12.87 19.45
N MET A 647 50.22 -12.97 20.57
CA MET A 647 51.68 -13.06 20.55
C MET A 647 52.13 -14.52 20.50
N ASP A 648 53.27 -14.77 19.87
CA ASP A 648 53.79 -16.12 19.72
C ASP A 648 54.47 -16.64 20.99
N SER A 649 54.40 -15.86 22.06
CA SER A 649 55.09 -16.21 23.31
C SER A 649 54.25 -17.14 24.19
N LYS A 650 54.86 -17.61 25.27
CA LYS A 650 54.34 -18.67 26.15
C LYS A 650 52.81 -18.75 26.32
N MET A 651 52.22 -17.69 26.86
CA MET A 651 50.80 -17.73 27.19
C MET A 651 49.91 -17.33 26.02
N LYS A 652 50.53 -16.96 24.90
CA LYS A 652 49.81 -16.46 23.73
C LYS A 652 48.77 -15.41 24.10
N PRO A 653 49.20 -14.29 24.71
CA PRO A 653 48.24 -13.29 25.16
C PRO A 653 47.50 -12.64 23.99
N LEU A 654 46.26 -12.22 24.23
CA LEU A 654 45.41 -11.70 23.16
C LEU A 654 45.60 -10.20 22.96
N TRP A 655 45.51 -9.77 21.71
CA TRP A 655 45.59 -8.36 21.34
C TRP A 655 44.26 -7.92 20.75
N ILE A 656 43.41 -7.33 21.58
CA ILE A 656 42.07 -6.94 21.15
C ILE A 656 41.95 -5.43 20.94
N MET A 657 41.66 -5.03 19.70
CA MET A 657 41.52 -3.62 19.36
C MET A 657 40.05 -3.20 19.28
N TYR A 658 39.79 -1.95 19.64
CA TYR A 658 38.44 -1.40 19.58
C TYR A 658 38.39 -0.11 18.77
N SER A 659 37.20 0.30 18.38
CA SER A 659 36.99 1.54 17.66
C SER A 659 35.59 2.08 17.93
N SER A 660 35.41 3.38 17.74
CA SER A 660 34.12 4.01 18.01
C SER A 660 33.85 5.17 17.06
N GLU A 661 32.73 5.11 16.35
CA GLU A 661 32.29 6.22 15.52
C GLU A 661 31.53 7.22 16.39
N GLU A 662 32.17 7.63 17.47
CA GLU A 662 31.58 8.57 18.42
C GLU A 662 32.69 9.24 19.22
N ALA A 663 33.81 8.53 19.37
CA ALA A 663 34.96 9.05 20.10
C ALA A 663 36.05 9.48 19.13
N GLY A 664 35.85 9.20 17.85
CA GLY A 664 36.84 9.53 16.83
C GLY A 664 38.09 8.68 16.99
N SER A 665 39.23 9.34 17.11
CA SER A 665 40.50 8.65 17.30
C SER A 665 40.66 8.23 18.77
N ALA A 666 39.91 8.87 19.65
CA ALA A 666 39.97 8.58 21.07
C ALA A 666 39.21 7.29 21.40
N GLY A 667 38.60 6.70 20.38
CA GLY A 667 37.88 5.45 20.54
C GLY A 667 38.68 4.27 20.03
N ASN A 668 39.70 4.55 19.24
CA ASN A 668 40.60 3.52 18.74
C ASN A 668 41.57 3.07 19.81
N VAL A 669 41.08 2.28 20.75
CA VAL A 669 41.90 1.81 21.87
C VAL A 669 42.01 0.29 21.86
N GLY A 670 42.91 -0.24 22.68
CA GLY A 670 43.13 -1.67 22.74
C GLY A 670 43.40 -2.19 24.14
N ILE A 671 43.21 -3.49 24.32
CA ILE A 671 43.51 -4.15 25.59
C ILE A 671 44.29 -5.43 25.35
N ILE A 672 45.11 -5.82 26.32
CA ILE A 672 45.87 -7.06 26.24
C ILE A 672 45.40 -8.07 27.28
N PHE A 673 44.82 -9.17 26.81
CA PHE A 673 44.35 -10.22 27.70
C PHE A 673 45.42 -11.29 27.88
N LYS A 674 45.95 -11.38 29.09
CA LYS A 674 46.96 -12.38 29.40
C LYS A 674 46.44 -13.36 30.44
N ASN A 675 46.60 -14.65 30.15
CA ASN A 675 46.13 -15.69 31.05
C ASN A 675 47.22 -16.69 31.39
N GLY A 676 47.69 -16.67 32.63
CA GLY A 676 48.72 -17.58 33.08
C GLY A 676 49.72 -16.93 34.03
N ASP A 677 49.87 -15.62 33.91
CA ASP A 677 50.81 -14.88 34.74
C ASP A 677 50.13 -14.23 35.95
N ASP A 678 50.87 -14.12 37.05
CA ASP A 678 50.40 -13.38 38.20
C ASP A 678 50.66 -11.89 37.98
N LEU A 679 49.66 -11.19 37.46
CA LEU A 679 49.83 -9.78 37.08
C LEU A 679 49.78 -8.83 38.27
N ARG A 680 49.72 -9.38 39.48
CA ARG A 680 49.65 -8.56 40.68
C ARG A 680 50.91 -7.74 40.88
N GLN A 681 52.05 -8.29 40.49
CA GLN A 681 53.33 -7.61 40.65
C GLN A 681 53.48 -6.47 39.66
N ASP A 682 52.95 -6.65 38.46
CA ASP A 682 52.99 -5.60 37.45
C ASP A 682 52.07 -4.45 37.85
N MET A 683 50.91 -4.77 38.40
CA MET A 683 49.97 -3.76 38.86
C MET A 683 50.58 -2.90 39.96
N LEU A 684 51.19 -3.56 40.94
CA LEU A 684 51.81 -2.87 42.06
C LEU A 684 52.95 -1.96 41.58
N THR A 685 53.79 -2.49 40.69
CA THR A 685 54.91 -1.73 40.16
C THR A 685 54.44 -0.51 39.37
N LEU A 686 53.46 -0.71 38.50
CA LEU A 686 52.93 0.38 37.68
C LEU A 686 52.17 1.41 38.51
N GLN A 687 51.61 0.97 39.63
CA GLN A 687 50.93 1.88 40.54
C GLN A 687 51.95 2.75 41.27
N MET A 688 53.07 2.13 41.65
CA MET A 688 54.15 2.85 42.33
C MET A 688 54.82 3.82 41.38
N ILE A 689 54.99 3.43 40.12
CA ILE A 689 55.52 4.32 39.10
C ILE A 689 54.56 5.49 38.89
N GLN A 690 53.26 5.18 38.87
CA GLN A 690 52.22 6.19 38.78
C GLN A 690 52.30 7.16 39.97
N LEU A 691 52.58 6.62 41.16
CA LEU A 691 52.72 7.43 42.35
C LEU A 691 53.93 8.36 42.23
N MET A 692 55.04 7.80 41.76
CA MET A 692 56.24 8.60 41.50
C MET A 692 55.94 9.72 40.52
N ASP A 693 55.14 9.39 39.50
CA ASP A 693 54.75 10.35 38.48
C ASP A 693 53.96 11.51 39.09
N VAL A 694 53.06 11.20 40.02
CA VAL A 694 52.26 12.21 40.69
C VAL A 694 53.14 13.08 41.59
N LEU A 695 53.99 12.43 42.39
CA LEU A 695 54.90 13.12 43.28
C LEU A 695 55.84 14.04 42.51
N TRP A 696 56.22 13.61 41.31
CA TRP A 696 57.14 14.38 40.48
C TRP A 696 56.48 15.62 39.88
N LYS A 697 55.27 15.45 39.34
CA LYS A 697 54.60 16.54 38.64
C LYS A 697 53.96 17.56 39.59
N GLN A 698 53.70 17.16 40.83
CA GLN A 698 53.23 18.12 41.84
C GLN A 698 54.41 18.79 42.52
N GLU A 699 55.59 18.58 41.95
CA GLU A 699 56.77 19.35 42.30
C GLU A 699 57.21 20.16 41.09
N GLY A 700 56.51 19.95 39.97
CA GLY A 700 56.77 20.68 38.75
C GLY A 700 57.64 19.93 37.77
N LEU A 701 57.85 18.64 38.03
CA LEU A 701 58.72 17.82 37.19
C LEU A 701 57.93 16.76 36.42
N ASP A 702 57.67 17.02 35.14
CA ASP A 702 56.98 16.07 34.31
C ASP A 702 57.97 15.24 33.50
N LEU A 703 58.25 14.03 33.96
CA LEU A 703 59.20 13.15 33.29
C LEU A 703 58.53 12.35 32.17
N ARG A 704 57.30 12.73 31.84
CA ARG A 704 56.58 12.17 30.69
C ARG A 704 56.46 10.66 30.78
N MET A 705 56.10 10.15 31.95
CA MET A 705 55.98 8.72 32.18
C MET A 705 54.75 8.16 31.46
N THR A 706 54.76 6.85 31.22
CA THR A 706 53.63 6.18 30.61
C THR A 706 53.11 5.08 31.54
N PRO A 707 52.26 5.46 32.50
CA PRO A 707 51.68 4.52 33.46
C PRO A 707 50.43 3.85 32.91
N TYR A 708 50.61 2.91 31.98
CA TYR A 708 49.48 2.21 31.38
C TYR A 708 48.77 1.34 32.40
N GLY A 709 47.52 0.99 32.11
CA GLY A 709 46.70 0.22 33.02
C GLY A 709 47.06 -1.25 33.08
N CYS A 710 46.97 -1.83 34.27
CA CYS A 710 47.19 -3.26 34.46
C CYS A 710 46.34 -3.76 35.62
N LEU A 711 45.35 -4.60 35.32
CA LEU A 711 44.40 -5.04 36.32
C LEU A 711 44.18 -6.55 36.30
N PRO A 712 44.57 -7.23 37.38
CA PRO A 712 44.20 -8.63 37.59
C PRO A 712 42.69 -8.77 37.73
N THR A 713 42.11 -9.76 37.06
CA THR A 713 40.67 -9.94 37.08
C THR A 713 40.28 -11.32 37.64
N GLY A 714 41.24 -12.23 37.65
CA GLY A 714 41.00 -13.57 38.16
C GLY A 714 42.28 -14.29 38.53
N ASP A 715 42.19 -15.61 38.69
CA ASP A 715 43.35 -16.42 39.03
C ASP A 715 44.37 -16.42 37.89
N ARG A 716 45.48 -15.71 38.12
CA ARG A 716 46.53 -15.56 37.12
C ARG A 716 45.97 -15.07 35.79
N THR A 717 45.02 -14.15 35.87
CA THR A 717 44.35 -13.61 34.69
C THR A 717 44.09 -12.12 34.89
N GLY A 718 44.28 -11.33 33.84
CA GLY A 718 44.06 -9.90 33.92
C GLY A 718 44.15 -9.19 32.59
N LEU A 719 44.12 -7.86 32.64
CA LEU A 719 44.19 -7.04 31.43
C LEU A 719 45.34 -6.06 31.48
N ILE A 720 45.83 -5.68 30.29
CA ILE A 720 46.86 -4.67 30.17
C ILE A 720 46.48 -3.68 29.06
N GLU A 721 46.51 -2.40 29.38
CA GLU A 721 46.15 -1.37 28.41
C GLU A 721 47.18 -1.28 27.28
N VAL A 722 46.70 -1.35 26.05
CA VAL A 722 47.56 -1.20 24.89
C VAL A 722 48.07 0.22 24.76
N VAL A 723 49.38 0.39 24.79
CA VAL A 723 49.99 1.68 24.53
C VAL A 723 50.17 1.85 23.03
N LEU A 724 49.28 2.65 22.43
CA LEU A 724 49.24 2.82 20.99
C LEU A 724 50.46 3.57 20.46
N HIS A 725 50.76 3.36 19.18
CA HIS A 725 51.84 4.05 18.49
C HIS A 725 53.17 3.86 19.20
N SER A 726 53.52 2.62 19.46
CA SER A 726 54.76 2.30 20.17
C SER A 726 55.38 1.01 19.64
N ASP A 727 56.60 0.72 20.09
CA ASP A 727 57.28 -0.51 19.70
C ASP A 727 58.39 -0.84 20.69
N THR A 728 58.75 -2.11 20.78
CA THR A 728 59.83 -2.53 21.66
C THR A 728 61.18 -2.13 21.10
N ILE A 729 62.15 -1.90 21.99
CA ILE A 729 63.50 -1.53 21.59
C ILE A 729 64.13 -2.61 20.73
N ALA A 730 63.90 -3.86 21.11
CA ALA A 730 64.47 -5.00 20.41
C ALA A 730 64.01 -5.06 18.95
N ASN A 731 62.72 -4.83 18.73
CA ASN A 731 62.15 -4.87 17.39
C ASN A 731 62.70 -3.75 16.51
N ILE A 732 63.01 -2.63 17.13
CA ILE A 732 63.60 -1.50 16.42
C ILE A 732 65.08 -1.76 16.15
N GLN A 733 65.76 -2.33 17.14
CA GLN A 733 67.18 -2.63 17.03
C GLN A 733 67.45 -3.88 16.20
N LEU A 734 66.38 -4.47 15.65
CA LEU A 734 66.53 -5.58 14.72
C LEU A 734 67.21 -5.09 13.44
N ASN A 735 67.19 -3.78 13.24
CA ASN A 735 67.75 -3.16 12.04
C ASN A 735 67.17 -3.76 10.78
N LYS A 736 65.84 -3.82 10.73
CA LYS A 736 65.14 -4.42 9.61
C LYS A 736 65.47 -3.67 8.33
N SER A 737 65.78 -4.41 7.27
CA SER A 737 66.05 -3.81 5.97
C SER A 737 64.76 -3.18 5.41
N ASN A 738 64.81 -2.83 4.13
CA ASN A 738 63.67 -2.26 3.38
C ASN A 738 62.77 -1.30 4.16
N MET A 739 63.36 -0.45 5.00
CA MET A 739 62.60 0.54 5.76
C MET A 739 63.33 1.87 5.91
N ALA A 740 62.86 2.69 6.85
CA ALA A 740 63.40 4.04 7.02
C ALA A 740 64.32 4.15 8.24
N ALA A 741 64.26 3.15 9.11
CA ALA A 741 65.07 3.17 10.33
C ALA A 741 66.34 2.35 10.18
N THR A 742 66.61 1.89 8.96
CA THR A 742 67.82 1.13 8.68
C THR A 742 69.06 1.99 8.87
N ALA A 743 69.98 1.52 9.69
CA ALA A 743 71.16 2.31 10.03
C ALA A 743 72.46 1.61 9.64
N ALA A 744 73.50 2.40 9.43
CA ALA A 744 74.83 1.87 9.12
C ALA A 744 75.45 1.24 10.35
N PHE A 745 75.08 1.77 11.52
CA PHE A 745 75.53 1.22 12.78
C PHE A 745 74.32 0.98 13.69
N ASN A 746 74.38 -0.09 14.47
CA ASN A 746 73.26 -0.46 15.34
C ASN A 746 72.97 0.61 16.39
N LYS A 747 73.95 1.46 16.65
CA LYS A 747 73.78 2.58 17.58
C LYS A 747 72.72 3.56 17.08
N ASP A 748 72.66 3.72 15.76
CA ASP A 748 71.79 4.71 15.15
C ASP A 748 70.38 4.18 14.91
N ALA A 749 70.18 2.89 15.19
CA ALA A 749 68.91 2.23 14.93
C ALA A 749 67.73 2.90 15.63
N LEU A 750 67.90 3.20 16.92
CA LEU A 750 66.84 3.82 17.69
C LEU A 750 66.69 5.30 17.34
N LEU A 751 67.80 5.97 17.06
CA LEU A 751 67.77 7.38 16.74
C LEU A 751 67.17 7.62 15.35
N ASN A 752 67.48 6.74 14.41
CA ASN A 752 66.90 6.83 13.07
C ASN A 752 65.39 6.59 13.11
N TRP A 753 64.96 5.75 14.04
CA TRP A 753 63.55 5.45 14.22
C TRP A 753 62.78 6.69 14.66
N LEU A 754 63.35 7.43 15.60
CA LEU A 754 62.73 8.64 16.11
C LEU A 754 62.61 9.71 15.02
N LYS A 755 63.68 9.89 14.25
CA LYS A 755 63.70 10.90 13.19
C LYS A 755 62.75 10.53 12.06
N SER A 756 62.46 9.25 11.91
CA SER A 756 61.51 8.79 10.91
C SER A 756 60.08 9.08 11.38
N LYS A 757 59.87 9.06 12.69
CA LYS A 757 58.57 9.36 13.27
C LYS A 757 58.42 10.85 13.55
N ASN A 758 59.54 11.52 13.77
CA ASN A 758 59.53 12.95 14.05
C ASN A 758 60.40 13.72 13.07
N PRO A 759 59.88 14.00 11.87
CA PRO A 759 60.64 14.66 10.80
C PRO A 759 60.89 16.14 11.07
N GLY A 760 62.10 16.60 10.75
CA GLY A 760 62.45 18.00 10.84
C GLY A 760 62.43 18.56 12.25
N GLU A 761 61.56 19.54 12.47
CA GLU A 761 61.50 20.25 13.74
C GLU A 761 60.87 19.41 14.86
N ALA A 762 60.13 18.38 14.46
CA ALA A 762 59.45 17.52 15.43
C ALA A 762 60.44 16.64 16.20
N LEU A 763 61.64 16.51 15.66
CA LEU A 763 62.67 15.67 16.26
C LEU A 763 63.11 16.16 17.64
N ASP A 764 63.44 17.45 17.72
CA ASP A 764 63.99 18.04 18.94
C ASP A 764 63.13 17.77 20.17
N ARG A 765 61.82 17.69 19.96
CA ARG A 765 60.90 17.43 21.06
C ARG A 765 60.95 15.95 21.45
N ALA A 766 61.02 15.07 20.46
CA ALA A 766 61.08 13.64 20.69
C ALA A 766 62.33 13.26 21.49
N ILE A 767 63.42 13.96 21.23
CA ILE A 767 64.67 13.75 21.96
C ILE A 767 64.47 14.10 23.43
N GLU A 768 63.73 15.16 23.70
CA GLU A 768 63.46 15.61 25.06
C GLU A 768 62.52 14.63 25.77
N GLU A 769 61.47 14.22 25.07
CA GLU A 769 60.53 13.23 25.60
C GLU A 769 61.26 11.96 25.98
N PHE A 770 62.20 11.56 25.13
CA PHE A 770 63.03 10.39 25.39
C PHE A 770 63.89 10.60 26.63
N THR A 771 64.57 11.75 26.67
CA THR A 771 65.48 12.07 27.76
C THR A 771 64.76 12.13 29.11
N LEU A 772 63.59 12.76 29.12
CA LEU A 772 62.80 12.86 30.34
C LEU A 772 62.30 11.49 30.79
N SER A 773 61.70 10.75 29.86
CA SER A 773 61.15 9.44 30.17
C SER A 773 62.24 8.44 30.54
N CYS A 774 63.41 8.58 29.92
CA CYS A 774 64.54 7.72 30.24
C CYS A 774 64.94 7.91 31.69
N ALA A 775 65.12 9.17 32.09
CA ALA A 775 65.49 9.50 33.46
C ALA A 775 64.48 8.98 34.47
N GLY A 776 63.21 9.01 34.09
CA GLY A 776 62.13 8.58 34.96
C GLY A 776 62.15 7.09 35.26
N TYR A 777 61.97 6.27 34.23
CA TYR A 777 61.96 4.82 34.38
C TYR A 777 63.28 4.32 34.91
N CYS A 778 64.34 5.04 34.58
CA CYS A 778 65.64 4.78 35.16
C CYS A 778 65.55 4.82 36.68
N VAL A 779 65.36 5.99 37.25
CA VAL A 779 65.23 6.15 38.70
C VAL A 779 64.19 5.20 39.28
N ALA A 780 63.09 5.01 38.55
CA ALA A 780 62.00 4.13 38.99
C ALA A 780 62.47 2.68 39.16
N THR A 781 63.21 2.16 38.18
CA THR A 781 63.67 0.78 38.23
C THR A 781 64.75 0.57 39.29
N TYR A 782 65.52 1.63 39.58
CA TYR A 782 66.55 1.54 40.60
C TYR A 782 65.94 1.48 41.99
N VAL A 783 65.00 2.39 42.26
CA VAL A 783 64.33 2.45 43.55
C VAL A 783 63.53 1.18 43.81
N LEU A 784 62.74 0.77 42.84
CA LEU A 784 61.90 -0.42 42.97
C LEU A 784 62.72 -1.70 42.82
N GLY A 785 63.94 -1.58 42.32
CA GLY A 785 64.84 -2.71 42.17
C GLY A 785 64.42 -3.67 41.07
N ILE A 786 63.99 -3.10 39.94
CA ILE A 786 63.56 -3.91 38.80
C ILE A 786 64.75 -4.31 37.93
N GLY A 787 65.19 -5.55 38.08
CA GLY A 787 66.27 -6.07 37.27
C GLY A 787 65.75 -6.71 36.00
N ASP A 788 66.63 -7.44 35.30
CA ASP A 788 66.28 -8.15 34.07
C ASP A 788 65.67 -7.19 33.05
N ARG A 789 66.23 -6.00 32.95
CA ARG A 789 65.76 -5.00 32.00
C ARG A 789 66.55 -5.08 30.70
N HIS A 790 65.92 -5.60 29.66
CA HIS A 790 66.55 -5.73 28.35
C HIS A 790 65.70 -5.07 27.26
N SER A 791 66.06 -5.34 26.00
CA SER A 791 65.42 -4.67 24.88
C SER A 791 64.02 -5.22 24.57
N ASP A 792 63.68 -6.34 25.18
CA ASP A 792 62.39 -6.99 24.92
C ASP A 792 61.29 -6.52 25.88
N ASN A 793 61.68 -6.10 27.08
CA ASN A 793 60.72 -5.63 28.06
C ASN A 793 60.75 -4.11 28.20
N ILE A 794 61.31 -3.46 27.19
CA ILE A 794 61.41 -2.01 27.18
C ILE A 794 60.90 -1.46 25.84
N MET A 795 59.90 -0.57 25.90
CA MET A 795 59.29 -0.04 24.70
C MET A 795 59.45 1.48 24.60
N ILE A 796 59.16 2.02 23.42
CA ILE A 796 59.27 3.45 23.17
C ILE A 796 58.14 3.94 22.26
N ARG A 797 57.51 5.05 22.65
CA ARG A 797 56.44 5.64 21.85
C ARG A 797 57.00 6.46 20.70
N GLU A 798 56.17 6.70 19.69
CA GLU A 798 56.58 7.48 18.52
C GLU A 798 56.85 8.93 18.89
N SER A 799 56.26 9.38 19.99
CA SER A 799 56.50 10.73 20.49
C SER A 799 57.89 10.84 21.10
N GLY A 800 58.51 9.69 21.35
CA GLY A 800 59.84 9.65 21.91
C GLY A 800 59.85 9.06 23.31
N GLN A 801 58.68 8.99 23.93
CA GLN A 801 58.57 8.56 25.32
C GLN A 801 58.97 7.10 25.53
N LEU A 802 59.94 6.91 26.41
CA LEU A 802 60.44 5.58 26.76
C LEU A 802 59.66 5.02 27.94
N PHE A 803 59.27 3.75 27.87
CA PHE A 803 58.56 3.13 28.98
C PHE A 803 58.82 1.63 29.10
N HIS A 804 58.81 1.13 30.33
CA HIS A 804 59.12 -0.27 30.61
C HIS A 804 57.86 -1.12 30.74
N ILE A 805 57.99 -2.40 30.41
CA ILE A 805 56.88 -3.34 30.55
C ILE A 805 57.35 -4.65 31.19
N ASP A 806 56.39 -5.51 31.52
CA ASP A 806 56.65 -6.83 32.07
C ASP A 806 57.54 -6.79 33.30
N PHE A 807 57.03 -6.21 34.39
CA PHE A 807 57.73 -6.17 35.66
C PHE A 807 57.39 -7.39 36.49
N GLY A 808 58.11 -8.49 36.32
CA GLY A 808 57.86 -9.65 37.14
C GLY A 808 58.73 -9.64 38.38
N HIS A 809 59.74 -8.77 38.36
CA HIS A 809 60.87 -8.86 39.27
C HIS A 809 61.24 -7.51 39.90
N PHE A 810 60.83 -7.27 41.14
CA PHE A 810 61.26 -6.05 41.84
C PHE A 810 61.91 -6.34 43.20
N LEU A 811 62.45 -5.29 43.83
CA LEU A 811 63.15 -5.40 45.10
C LEU A 811 64.32 -6.37 45.04
N GLY A 812 64.94 -6.46 43.86
CA GLY A 812 66.14 -7.25 43.67
C GLY A 812 65.97 -8.75 43.84
N ASN A 813 64.75 -9.24 43.70
CA ASN A 813 64.49 -10.67 43.82
C ASN A 813 64.48 -11.36 42.46
N ARG A 824 70.10 -7.72 44.77
CA ARG A 824 70.59 -6.35 44.74
C ARG A 824 70.86 -5.91 43.30
N VAL A 825 70.07 -4.95 42.83
CA VAL A 825 70.17 -4.50 41.44
C VAL A 825 70.86 -3.15 41.34
N PRO A 826 71.98 -3.10 40.58
CA PRO A 826 72.68 -1.86 40.29
C PRO A 826 71.88 -1.03 39.28
N PHE A 827 72.38 0.13 38.90
CA PHE A 827 71.58 0.98 38.03
C PHE A 827 71.86 0.68 36.55
N ILE A 828 70.87 0.96 35.71
CA ILE A 828 70.75 0.38 34.38
C ILE A 828 70.79 1.43 33.26
N LEU A 829 71.98 1.74 32.77
CA LEU A 829 72.15 2.74 31.71
C LEU A 829 72.86 2.19 30.47
N THR A 830 72.09 1.78 29.47
CA THR A 830 72.67 1.32 28.21
C THR A 830 73.11 2.51 27.37
N TYR A 831 74.04 2.29 26.44
CA TYR A 831 74.64 3.38 25.68
C TYR A 831 73.76 3.91 24.56
N ASP A 832 72.97 3.04 23.93
CA ASP A 832 72.16 3.44 22.79
C ASP A 832 71.13 4.49 23.21
N PHE A 833 70.70 4.42 24.46
CA PHE A 833 69.82 5.45 25.01
C PHE A 833 70.59 6.74 25.18
N VAL A 834 71.81 6.64 25.67
CA VAL A 834 72.70 7.79 25.83
C VAL A 834 73.00 8.41 24.47
N HIS A 835 73.11 7.56 23.45
CA HIS A 835 73.36 8.02 22.08
C HIS A 835 72.21 8.89 21.58
N VAL A 836 71.00 8.55 22.00
CA VAL A 836 69.82 9.32 21.63
C VAL A 836 69.76 10.64 22.40
N ILE A 837 70.08 10.56 23.70
CA ILE A 837 70.08 11.74 24.56
C ILE A 837 71.11 12.77 24.10
N GLN A 838 72.26 12.28 23.66
CA GLN A 838 73.33 13.16 23.21
C GLN A 838 73.19 13.50 21.72
N GLN A 839 71.97 13.40 21.21
CA GLN A 839 71.63 13.73 19.82
C GLN A 839 72.48 12.99 18.78
N GLY A 840 73.12 11.89 19.19
CA GLY A 840 73.92 11.11 18.27
C GLY A 840 75.41 11.35 18.41
N LYS A 841 75.78 12.59 18.66
CA LYS A 841 77.19 12.96 18.80
C LYS A 841 77.81 12.27 20.01
N THR A 842 79.05 11.81 19.87
CA THR A 842 79.74 11.12 20.94
C THR A 842 80.12 12.06 22.08
N ASN A 843 80.10 13.36 21.80
CA ASN A 843 80.38 14.36 22.81
C ASN A 843 79.26 15.39 22.92
N ASN A 844 78.62 15.43 24.09
CA ASN A 844 77.48 16.30 24.33
C ASN A 844 77.18 16.38 25.82
N SER A 845 78.02 17.10 26.56
CA SER A 845 77.94 17.12 28.01
C SER A 845 76.66 17.78 28.55
N GLU A 846 76.30 18.92 27.98
CA GLU A 846 75.23 19.74 28.56
C GLU A 846 73.83 19.16 28.39
N LYS A 847 73.62 18.35 27.36
CA LYS A 847 72.35 17.66 27.22
C LYS A 847 72.44 16.28 27.85
N PHE A 848 73.60 16.00 28.45
CA PHE A 848 73.81 14.78 29.21
C PHE A 848 73.83 15.07 30.70
N GLU A 849 74.49 16.16 31.08
CA GLU A 849 74.54 16.59 32.47
C GLU A 849 73.17 17.07 32.92
N ARG A 850 72.41 17.62 31.98
CA ARG A 850 71.03 18.02 32.23
C ARG A 850 70.18 16.79 32.43
N PHE A 851 70.50 15.72 31.71
CA PHE A 851 69.88 14.42 31.92
C PHE A 851 70.28 13.85 33.26
N ARG A 852 71.55 14.07 33.64
CA ARG A 852 72.06 13.64 34.93
C ARG A 852 71.32 14.37 36.05
N GLY A 853 71.03 15.64 35.82
CA GLY A 853 70.30 16.45 36.78
C GLY A 853 68.86 15.99 36.92
N TYR A 854 68.29 15.50 35.82
CA TYR A 854 66.93 14.98 35.81
C TYR A 854 66.80 13.78 36.74
N CYS A 855 67.74 12.85 36.63
CA CYS A 855 67.74 11.64 37.44
C CYS A 855 67.87 11.94 38.92
N GLU A 856 68.76 12.87 39.24
CA GLU A 856 69.07 13.19 40.63
C GLU A 856 67.93 13.92 41.34
N ARG A 857 67.31 14.86 40.65
CA ARG A 857 66.17 15.57 41.23
C ARG A 857 64.98 14.62 41.39
N ALA A 858 64.78 13.76 40.40
CA ALA A 858 63.71 12.77 40.47
C ALA A 858 63.96 11.76 41.58
N TYR A 859 65.24 11.58 41.92
CA TYR A 859 65.62 10.66 42.99
C TYR A 859 65.43 11.29 44.35
N THR A 860 65.72 12.58 44.46
CA THR A 860 65.60 13.30 45.73
C THR A 860 64.14 13.55 46.10
N ILE A 861 63.30 13.76 45.09
CA ILE A 861 61.87 13.97 45.32
C ILE A 861 61.24 12.73 45.93
N LEU A 862 61.61 11.56 45.41
CA LEU A 862 61.09 10.30 45.93
C LEU A 862 61.60 10.03 47.34
N ARG A 863 62.80 10.52 47.65
CA ARG A 863 63.39 10.33 48.97
C ARG A 863 62.60 11.02 50.07
N ARG A 864 62.10 12.22 49.78
CA ARG A 864 61.34 12.99 50.74
C ARG A 864 59.97 12.35 51.00
N HIS A 865 59.48 11.61 50.02
CA HIS A 865 58.24 10.85 50.18
C HIS A 865 58.55 9.39 50.46
N GLY A 866 59.74 9.13 50.98
CA GLY A 866 60.20 7.77 51.22
C GLY A 866 59.37 7.00 52.22
N LEU A 867 58.83 7.71 53.21
CA LEU A 867 58.00 7.07 54.23
C LEU A 867 56.68 6.61 53.63
N LEU A 868 56.21 7.30 52.60
CA LEU A 868 55.00 6.91 51.90
C LEU A 868 55.19 5.56 51.22
N PHE A 869 56.33 5.42 50.54
CA PHE A 869 56.66 4.17 49.86
C PHE A 869 56.91 3.05 50.86
N LEU A 870 57.40 3.40 52.05
CA LEU A 870 57.64 2.42 53.10
C LEU A 870 56.33 1.89 53.67
N HIS A 871 55.40 2.79 53.98
CA HIS A 871 54.14 2.42 54.59
C HIS A 871 53.25 1.63 53.63
N LEU A 872 53.25 2.02 52.36
CA LEU A 872 52.43 1.36 51.36
C LEU A 872 52.93 -0.05 51.06
N PHE A 873 54.25 -0.21 51.02
CA PHE A 873 54.84 -1.53 50.78
C PHE A 873 54.68 -2.44 51.99
N ALA A 874 54.70 -1.86 53.18
CA ALA A 874 54.51 -2.62 54.41
C ALA A 874 53.11 -3.22 54.45
N LEU A 875 52.13 -2.45 53.97
CA LEU A 875 50.75 -2.93 53.90
C LEU A 875 50.58 -3.96 52.80
N MET A 876 51.41 -3.85 51.76
CA MET A 876 51.33 -4.75 50.61
C MET A 876 51.91 -6.12 50.92
N ARG A 877 52.50 -6.28 52.10
CA ARG A 877 53.01 -7.58 52.53
C ARG A 877 51.85 -8.53 52.79
N ALA A 878 50.65 -7.98 52.98
CA ALA A 878 49.46 -8.77 53.23
C ALA A 878 48.97 -9.48 51.97
N ALA A 879 49.40 -8.98 50.81
CA ALA A 879 48.97 -9.54 49.54
C ALA A 879 49.49 -10.96 49.34
N GLY A 880 50.60 -11.29 50.00
CA GLY A 880 51.19 -12.60 49.89
C GLY A 880 52.06 -12.74 48.66
N LEU A 881 52.50 -11.60 48.13
CA LEU A 881 53.41 -11.59 46.99
C LEU A 881 54.74 -12.24 47.38
N PRO A 882 55.20 -13.20 46.58
CA PRO A 882 56.42 -13.97 46.84
C PRO A 882 57.65 -13.09 47.05
N GLU A 883 57.76 -12.00 46.31
CA GLU A 883 58.91 -11.11 46.42
C GLU A 883 58.64 -9.97 47.40
N LEU A 884 57.54 -10.08 48.15
CA LEU A 884 57.21 -9.10 49.16
C LEU A 884 56.53 -9.79 50.34
N SER A 885 57.32 -10.55 51.09
CA SER A 885 56.79 -11.31 52.23
C SER A 885 57.56 -11.02 53.51
N CYS A 886 58.89 -11.10 53.42
CA CYS A 886 59.74 -10.82 54.57
C CYS A 886 60.09 -9.34 54.67
N SER A 887 60.80 -8.97 55.73
CA SER A 887 61.17 -7.58 55.96
C SER A 887 62.44 -7.21 55.23
N LYS A 888 63.09 -8.20 54.63
CA LYS A 888 64.33 -7.99 53.90
C LYS A 888 64.04 -7.39 52.52
N ASP A 889 62.81 -7.60 52.05
CA ASP A 889 62.34 -6.99 50.82
C ASP A 889 62.07 -5.51 51.07
N ILE A 890 61.52 -5.22 52.24
CA ILE A 890 61.28 -3.84 52.66
C ILE A 890 62.61 -3.11 52.85
N GLN A 891 63.59 -3.82 53.38
CA GLN A 891 64.91 -3.26 53.62
C GLN A 891 65.57 -2.80 52.33
N TYR A 892 65.23 -3.46 51.23
CA TYR A 892 65.76 -3.11 49.92
C TYR A 892 65.32 -1.70 49.53
N LEU A 893 64.05 -1.40 49.76
CA LEU A 893 63.49 -0.09 49.44
C LEU A 893 64.09 0.99 50.33
N LYS A 894 64.41 0.62 51.57
CA LYS A 894 65.09 1.51 52.50
C LYS A 894 66.45 1.94 51.94
N ASP A 895 67.19 0.96 51.44
CA ASP A 895 68.55 1.19 50.95
C ASP A 895 68.56 1.86 49.58
N SER A 896 67.56 1.55 48.76
CA SER A 896 67.47 2.15 47.43
C SER A 896 67.11 3.62 47.54
N LEU A 897 66.42 3.98 48.62
CA LEU A 897 66.04 5.37 48.86
C LEU A 897 66.98 6.04 49.85
N ALA A 898 67.79 5.24 50.54
CA ALA A 898 68.74 5.72 51.54
C ALA A 898 68.06 6.65 52.55
N LEU A 899 67.02 6.13 53.19
CA LEU A 899 66.15 6.96 54.03
C LEU A 899 66.71 7.21 55.44
N GLY A 900 67.80 6.52 55.78
CA GLY A 900 68.43 6.75 57.07
C GLY A 900 69.52 7.79 56.96
N LYS A 901 69.76 8.25 55.74
CA LYS A 901 70.90 9.11 55.44
C LYS A 901 70.39 10.53 55.13
N THR A 902 71.30 11.51 55.10
CA THR A 902 70.89 12.87 54.78
C THR A 902 70.79 13.04 53.27
N GLU A 903 70.15 14.12 52.83
CA GLU A 903 69.80 14.31 51.43
C GLU A 903 71.02 14.35 50.50
N GLU A 904 72.06 15.05 50.91
CA GLU A 904 73.26 15.18 50.08
C GLU A 904 74.22 14.02 50.34
N GLU A 905 74.03 13.34 51.46
CA GLU A 905 74.77 12.11 51.74
C GLU A 905 74.28 11.01 50.82
N ALA A 906 72.98 11.02 50.56
CA ALA A 906 72.36 10.03 49.67
C ALA A 906 72.59 10.41 48.21
N LEU A 907 72.50 11.70 47.91
CA LEU A 907 72.73 12.20 46.57
C LEU A 907 74.17 11.92 46.15
N LYS A 908 75.10 12.05 47.09
CA LYS A 908 76.49 11.72 46.87
C LYS A 908 76.64 10.24 46.54
N HIS A 909 75.93 9.41 47.30
CA HIS A 909 75.96 7.96 47.11
C HIS A 909 75.18 7.56 45.86
N PHE A 910 74.15 8.34 45.53
CA PHE A 910 73.35 8.06 44.34
C PHE A 910 74.16 8.20 43.07
N ARG A 911 75.01 9.22 43.02
CA ARG A 911 75.84 9.46 41.85
C ARG A 911 76.91 8.37 41.71
N VAL A 912 77.30 7.76 42.82
CA VAL A 912 78.30 6.71 42.81
C VAL A 912 77.89 5.54 41.91
N LYS A 913 76.67 5.05 42.09
CA LYS A 913 76.17 3.96 41.27
C LYS A 913 75.79 4.45 39.88
N PHE A 914 75.48 5.74 39.78
CA PHE A 914 75.26 6.38 38.49
C PHE A 914 76.55 6.38 37.69
N ASN A 915 77.65 6.67 38.38
CA ASN A 915 78.98 6.66 37.79
C ASN A 915 79.42 5.26 37.40
N GLU A 916 78.94 4.27 38.15
CA GLU A 916 79.25 2.88 37.86
C GLU A 916 78.49 2.39 36.64
N ALA A 917 77.27 2.89 36.48
CA ALA A 917 76.40 2.47 35.38
C ALA A 917 76.87 3.04 34.05
N LEU A 918 77.50 4.20 34.06
CA LEU A 918 77.91 4.86 32.83
C LEU A 918 79.19 4.29 32.24
N ARG A 919 80.03 3.70 33.08
CA ARG A 919 81.31 3.17 32.62
C ARG A 919 81.20 1.74 32.10
N GLU A 920 80.24 0.97 32.62
CA GLU A 920 80.00 -0.37 32.12
C GLU A 920 79.08 -0.30 30.91
N SER A 921 78.55 0.89 30.65
CA SER A 921 77.70 1.12 29.48
C SER A 921 78.42 0.83 28.18
N VAL B 4 -50.35 25.21 -18.03
CA VAL B 4 -50.20 23.78 -18.25
C VAL B 4 -50.53 23.40 -19.69
N LYS B 5 -51.57 24.02 -20.25
CA LYS B 5 -51.97 23.74 -21.63
C LYS B 5 -50.95 24.24 -22.63
N LYS B 6 -50.18 25.26 -22.24
CA LYS B 6 -49.11 25.77 -23.08
C LYS B 6 -47.97 24.77 -23.14
N LEU B 7 -47.70 24.11 -22.01
CA LEU B 7 -46.64 23.12 -21.92
C LEU B 7 -46.89 21.98 -22.91
N ILE B 8 -48.13 21.49 -22.95
CA ILE B 8 -48.51 20.45 -23.89
C ILE B 8 -48.33 20.96 -25.32
N ASN B 9 -48.79 22.18 -25.57
CA ASN B 9 -48.63 22.81 -26.88
C ASN B 9 -47.17 22.93 -27.29
N SER B 10 -46.32 23.26 -26.32
CA SER B 10 -44.89 23.38 -26.57
C SER B 10 -44.26 22.02 -26.83
N GLN B 11 -44.76 21.00 -26.14
CA GLN B 11 -44.26 19.64 -26.33
C GLN B 11 -44.70 19.07 -27.67
N ILE B 12 -45.91 19.42 -28.09
CA ILE B 12 -46.43 18.99 -29.39
C ILE B 12 -45.62 19.62 -30.53
N SER B 13 -45.33 20.92 -30.38
CA SER B 13 -44.58 21.65 -31.39
C SER B 13 -43.18 21.06 -31.58
N LEU B 14 -42.52 20.74 -30.48
CA LEU B 14 -41.19 20.13 -30.53
C LEU B 14 -41.26 18.73 -31.13
N LEU B 15 -42.32 18.01 -30.81
CA LEU B 15 -42.48 16.63 -31.27
C LEU B 15 -42.74 16.56 -32.78
N ILE B 16 -43.79 17.23 -33.23
CA ILE B 16 -44.19 17.17 -34.63
C ILE B 16 -43.20 17.91 -35.54
N GLY B 17 -42.34 18.72 -34.93
CA GLY B 17 -41.32 19.44 -35.67
C GLY B 17 -41.83 20.70 -36.34
N LYS B 18 -42.94 21.22 -35.84
CA LYS B 18 -43.54 22.42 -36.41
C LYS B 18 -44.34 23.17 -35.34
N GLY B 19 -44.15 24.48 -35.29
CA GLY B 19 -44.83 25.31 -34.30
C GLY B 19 -46.33 25.37 -34.54
N LEU B 20 -47.11 25.19 -33.47
CA LEU B 20 -48.56 25.26 -33.56
C LEU B 20 -49.01 26.68 -33.86
N HIS B 21 -48.14 27.64 -33.59
CA HIS B 21 -48.42 29.04 -33.88
C HIS B 21 -48.45 29.29 -35.39
N GLU B 22 -47.74 28.45 -36.14
CA GLU B 22 -47.71 28.54 -37.59
C GLU B 22 -49.07 28.18 -38.19
N PHE B 23 -49.78 27.27 -37.51
CA PHE B 23 -51.13 26.90 -37.93
C PHE B 23 -52.08 28.08 -37.76
N ASP B 24 -51.90 28.81 -36.67
CA ASP B 24 -52.70 30.00 -36.40
C ASP B 24 -52.32 31.14 -37.34
N SER B 25 -51.06 31.15 -37.75
CA SER B 25 -50.54 32.20 -38.63
C SER B 25 -51.16 32.13 -40.02
N LEU B 26 -51.65 30.96 -40.40
CA LEU B 26 -52.27 30.76 -41.70
C LEU B 26 -53.62 31.47 -41.77
N ARG B 27 -54.32 31.51 -40.64
CA ARG B 27 -55.66 32.08 -40.55
C ARG B 27 -56.60 31.41 -41.56
N ASP B 28 -56.35 30.13 -41.81
CA ASP B 28 -57.14 29.36 -42.75
C ASP B 28 -58.33 28.73 -42.04
N PRO B 29 -59.56 29.04 -42.50
CA PRO B 29 -60.78 28.50 -41.91
C PRO B 29 -60.83 26.97 -42.00
N GLU B 30 -60.26 26.40 -43.05
CA GLU B 30 -60.22 24.95 -43.21
C GLU B 30 -59.29 24.33 -42.17
N VAL B 31 -58.11 24.93 -42.00
CA VAL B 31 -57.16 24.47 -40.99
C VAL B 31 -57.74 24.62 -39.59
N ASN B 32 -58.37 25.76 -39.33
CA ASN B 32 -58.98 26.02 -38.04
C ASN B 32 -60.10 25.04 -37.71
N ASP B 33 -60.86 24.64 -38.73
CA ASP B 33 -61.95 23.69 -38.54
C ASP B 33 -61.43 22.28 -38.32
N PHE B 34 -60.33 21.94 -38.98
CA PHE B 34 -59.73 20.62 -38.83
C PHE B 34 -59.20 20.43 -37.41
N ARG B 35 -58.44 21.41 -36.94
CA ARG B 35 -57.84 21.35 -35.60
C ARG B 35 -58.90 21.28 -34.51
N THR B 36 -60.03 21.94 -34.74
CA THR B 36 -61.11 21.96 -33.76
C THR B 36 -61.89 20.65 -33.74
N LYS B 37 -62.35 20.22 -34.92
CA LYS B 37 -63.17 19.03 -35.04
C LYS B 37 -62.42 17.77 -34.63
N MET B 38 -61.17 17.65 -35.07
CA MET B 38 -60.37 16.45 -34.77
C MET B 38 -59.91 16.42 -33.32
N ARG B 39 -59.75 17.59 -32.71
CA ARG B 39 -59.36 17.68 -31.30
C ARG B 39 -60.41 17.03 -30.41
N GLN B 40 -61.66 17.45 -30.58
CA GLN B 40 -62.76 16.88 -29.80
C GLN B 40 -62.92 15.40 -30.07
N PHE B 41 -62.77 15.01 -31.33
CA PHE B 41 -62.86 13.62 -31.73
C PHE B 41 -61.80 12.75 -31.05
N CYS B 42 -60.59 13.29 -30.96
CA CYS B 42 -59.49 12.55 -30.36
C CYS B 42 -59.55 12.58 -28.83
N GLU B 43 -60.06 13.68 -28.29
CA GLU B 43 -60.20 13.80 -26.83
C GLU B 43 -61.32 12.92 -26.31
N GLU B 44 -62.35 12.71 -27.13
CA GLU B 44 -63.43 11.81 -26.77
C GLU B 44 -62.94 10.36 -26.76
N ALA B 45 -62.03 10.05 -27.69
CA ALA B 45 -61.43 8.73 -27.75
C ALA B 45 -60.51 8.51 -26.55
N ALA B 46 -59.90 9.59 -26.08
CA ALA B 46 -59.03 9.53 -24.91
C ALA B 46 -59.84 9.26 -23.65
N ALA B 47 -61.01 9.89 -23.55
CA ALA B 47 -61.87 9.72 -22.40
C ALA B 47 -62.41 8.30 -22.29
N HIS B 48 -62.83 7.75 -23.43
CA HIS B 48 -63.35 6.38 -23.48
C HIS B 48 -62.25 5.37 -23.19
N ARG B 49 -61.02 5.72 -23.56
CA ARG B 49 -59.87 4.84 -23.34
C ARG B 49 -59.54 4.73 -21.85
N GLN B 50 -59.73 5.83 -21.12
CA GLN B 50 -59.47 5.85 -19.69
C GLN B 50 -60.55 5.11 -18.91
N GLN B 51 -61.61 4.71 -19.62
CA GLN B 51 -62.72 3.96 -19.02
C GLN B 51 -62.60 2.46 -19.27
N LEU B 52 -61.71 2.08 -20.18
CA LEU B 52 -61.55 0.68 -20.57
C LEU B 52 -61.23 -0.23 -19.39
N GLY B 53 -61.73 -1.46 -19.45
CA GLY B 53 -61.38 -2.46 -18.48
C GLY B 53 -59.91 -2.81 -18.61
N TRP B 54 -59.33 -3.39 -17.57
CA TRP B 54 -57.89 -3.63 -17.56
C TRP B 54 -57.45 -4.59 -18.67
N VAL B 55 -58.36 -5.45 -19.12
CA VAL B 55 -58.08 -6.33 -20.24
C VAL B 55 -58.18 -5.57 -21.55
N GLU B 56 -59.16 -4.66 -21.64
CA GLU B 56 -59.33 -3.83 -22.82
C GLU B 56 -58.16 -2.85 -22.98
N TRP B 57 -57.59 -2.44 -21.85
CA TRP B 57 -56.42 -1.56 -21.87
C TRP B 57 -55.20 -2.32 -22.38
N LEU B 58 -55.11 -3.60 -22.03
CA LEU B 58 -54.03 -4.46 -22.51
C LEU B 58 -54.06 -4.54 -24.03
N GLN B 59 -55.25 -4.67 -24.59
CA GLN B 59 -55.43 -4.77 -26.04
C GLN B 59 -55.03 -3.48 -26.73
N TYR B 60 -55.17 -2.36 -26.02
CA TYR B 60 -54.77 -1.07 -26.57
C TYR B 60 -53.26 -0.88 -26.53
N SER B 61 -52.70 -0.93 -25.33
CA SER B 61 -51.28 -0.61 -25.13
C SER B 61 -50.37 -1.72 -25.61
N PHE B 62 -50.77 -2.96 -25.37
CA PHE B 62 -49.95 -4.11 -25.76
C PHE B 62 -50.75 -5.12 -26.56
N PRO B 63 -51.06 -4.80 -27.83
CA PRO B 63 -51.84 -5.71 -28.67
C PRO B 63 -51.12 -7.03 -28.86
N LEU B 64 -51.87 -8.14 -28.87
CA LEU B 64 -51.29 -9.47 -28.99
C LEU B 64 -50.50 -9.64 -30.27
N GLN B 65 -49.30 -10.18 -30.14
CA GLN B 65 -48.46 -10.49 -31.29
C GLN B 65 -48.52 -11.98 -31.58
N LEU B 66 -49.34 -12.34 -32.57
CA LEU B 66 -49.56 -13.75 -32.89
C LEU B 66 -48.94 -14.14 -34.23
N GLU B 67 -48.62 -15.41 -34.38
CA GLU B 67 -48.10 -15.93 -35.64
C GLU B 67 -49.23 -16.10 -36.64
N PRO B 68 -48.98 -15.76 -37.92
CA PRO B 68 -49.99 -15.86 -38.98
C PRO B 68 -50.59 -17.25 -39.11
N ARG B 83 -46.37 -31.07 -27.76
CA ARG B 83 -44.99 -30.69 -27.48
C ARG B 83 -44.90 -30.01 -26.12
N ALA B 84 -43.75 -30.19 -25.45
CA ALA B 84 -43.51 -29.57 -24.15
C ALA B 84 -42.34 -28.61 -24.21
N LEU B 85 -42.29 -27.68 -23.25
CA LEU B 85 -41.21 -26.70 -23.18
C LEU B 85 -41.08 -26.14 -21.76
N LEU B 86 -39.95 -25.50 -21.49
CA LEU B 86 -39.70 -24.90 -20.19
C LEU B 86 -40.10 -23.43 -20.19
N VAL B 87 -40.76 -22.99 -19.11
CA VAL B 87 -41.16 -21.60 -18.97
C VAL B 87 -40.84 -21.09 -17.56
N ASN B 88 -40.05 -20.01 -17.49
CA ASN B 88 -39.72 -19.41 -16.20
C ASN B 88 -40.65 -18.26 -15.86
N VAL B 89 -41.34 -18.36 -14.74
CA VAL B 89 -42.32 -17.36 -14.34
C VAL B 89 -42.00 -16.75 -12.98
N LYS B 90 -42.15 -15.43 -12.87
CA LYS B 90 -41.97 -14.74 -11.61
C LYS B 90 -43.05 -13.69 -11.42
N PHE B 91 -43.09 -13.10 -10.22
CA PHE B 91 -44.04 -12.03 -9.92
C PHE B 91 -43.30 -10.70 -9.84
N GLU B 92 -44.05 -9.60 -9.77
CA GLU B 92 -43.45 -8.27 -9.76
C GLU B 92 -42.79 -7.95 -8.42
N GLY B 93 -43.36 -8.47 -7.33
CA GLY B 93 -42.84 -8.22 -6.00
C GLY B 93 -41.41 -8.72 -5.81
N SER B 94 -41.26 -10.04 -5.73
CA SER B 94 -39.96 -10.65 -5.54
C SER B 94 -39.31 -11.02 -6.87
N GLU B 95 -38.03 -11.37 -6.81
CA GLU B 95 -37.29 -11.79 -7.99
C GLU B 95 -37.21 -13.32 -8.05
N GLU B 96 -37.75 -13.97 -7.03
CA GLU B 96 -37.78 -15.42 -6.96
C GLU B 96 -38.67 -15.99 -8.07
N SER B 97 -38.07 -16.70 -9.01
CA SER B 97 -38.80 -17.24 -10.16
C SER B 97 -39.08 -18.73 -10.02
N PHE B 98 -39.94 -19.23 -10.88
CA PHE B 98 -40.28 -20.65 -10.90
C PHE B 98 -40.21 -21.19 -12.32
N THR B 99 -39.47 -22.29 -12.51
CA THR B 99 -39.36 -22.90 -13.83
C THR B 99 -40.35 -24.06 -13.97
N PHE B 100 -41.36 -23.85 -14.82
CA PHE B 100 -42.37 -24.88 -15.05
C PHE B 100 -42.10 -25.64 -16.35
N GLN B 101 -42.82 -26.75 -16.52
CA GLN B 101 -42.78 -27.50 -17.77
C GLN B 101 -44.20 -27.66 -18.31
N VAL B 102 -44.59 -26.74 -19.18
CA VAL B 102 -45.95 -26.74 -19.72
C VAL B 102 -45.98 -27.26 -21.15
N SER B 103 -47.19 -27.42 -21.68
CA SER B 103 -47.38 -27.83 -23.06
C SER B 103 -47.54 -26.61 -23.96
N THR B 104 -47.24 -26.79 -25.25
CA THR B 104 -47.36 -25.70 -26.21
C THR B 104 -48.82 -25.40 -26.54
N LYS B 105 -49.71 -26.30 -26.14
CA LYS B 105 -51.14 -26.14 -26.42
C LYS B 105 -51.88 -25.51 -25.25
N ASP B 106 -51.19 -25.34 -24.12
CA ASP B 106 -51.80 -24.79 -22.93
C ASP B 106 -52.09 -23.30 -23.05
N MET B 107 -53.25 -22.89 -22.54
CA MET B 107 -53.60 -21.48 -22.48
C MET B 107 -52.73 -20.78 -21.43
N PRO B 108 -52.54 -19.46 -21.56
CA PRO B 108 -51.79 -18.73 -20.54
C PRO B 108 -52.47 -18.79 -19.17
N LEU B 109 -53.77 -19.04 -19.17
CA LEU B 109 -54.54 -19.16 -17.94
C LEU B 109 -54.08 -20.36 -17.12
N ALA B 110 -53.81 -21.47 -17.80
CA ALA B 110 -53.33 -22.68 -17.14
C ALA B 110 -51.95 -22.46 -16.54
N LEU B 111 -51.13 -21.67 -17.24
CA LEU B 111 -49.81 -21.33 -16.77
C LEU B 111 -49.90 -20.42 -15.55
N MET B 112 -50.79 -19.44 -15.61
CA MET B 112 -51.00 -18.51 -14.51
C MET B 112 -51.55 -19.24 -13.28
N ALA B 113 -52.28 -20.32 -13.53
CA ALA B 113 -52.85 -21.13 -12.45
C ALA B 113 -51.75 -21.85 -11.67
N CYS B 114 -50.78 -22.41 -12.40
CA CYS B 114 -49.66 -23.11 -11.78
C CYS B 114 -48.73 -22.13 -11.07
N ALA B 115 -48.67 -20.90 -11.59
CA ALA B 115 -47.84 -19.87 -10.99
C ALA B 115 -48.38 -19.44 -9.63
N LEU B 116 -49.71 -19.35 -9.54
CA LEU B 116 -50.36 -18.95 -8.30
C LEU B 116 -50.36 -20.09 -7.28
N ARG B 117 -50.45 -21.32 -7.76
CA ARG B 117 -50.45 -22.50 -6.90
C ARG B 117 -49.08 -22.66 -6.22
N LYS B 118 -48.02 -22.48 -6.98
CA LYS B 118 -46.67 -22.62 -6.43
C LYS B 118 -46.35 -21.45 -5.49
N LYS B 119 -46.87 -20.28 -5.81
CA LYS B 119 -46.71 -19.11 -4.94
C LYS B 119 -47.43 -19.32 -3.61
N ALA B 120 -48.66 -19.82 -3.68
CA ALA B 120 -49.46 -20.06 -2.48
C ALA B 120 -48.80 -21.11 -1.59
N THR B 121 -48.12 -22.07 -2.20
CA THR B 121 -47.43 -23.12 -1.47
C THR B 121 -46.24 -22.56 -0.69
N VAL B 122 -45.41 -21.77 -1.38
CA VAL B 122 -44.23 -21.19 -0.77
C VAL B 122 -44.60 -20.21 0.35
N PHE B 123 -45.62 -19.39 0.11
CA PHE B 123 -45.99 -18.35 1.05
C PHE B 123 -47.13 -18.76 1.97
N ARG B 124 -47.33 -20.08 2.11
CA ARG B 124 -48.30 -20.65 3.04
C ARG B 124 -49.71 -20.08 2.84
N GLN B 125 -50.37 -20.53 1.77
CA GLN B 125 -51.74 -20.10 1.42
C GLN B 125 -51.80 -18.63 1.01
N GLN B 130 -56.25 -15.95 -7.99
CA GLN B 130 -57.15 -16.30 -9.07
C GLN B 130 -56.62 -15.82 -10.42
N PRO B 131 -56.30 -16.76 -11.31
CA PRO B 131 -55.59 -16.55 -12.59
C PRO B 131 -56.29 -15.60 -13.57
N GLU B 132 -57.56 -15.29 -13.33
CA GLU B 132 -58.30 -14.41 -14.23
C GLU B 132 -57.96 -12.95 -13.97
N GLU B 133 -57.31 -12.69 -12.85
CA GLU B 133 -56.95 -11.33 -12.46
C GLU B 133 -55.49 -11.01 -12.80
N TYR B 134 -54.88 -11.84 -13.63
CA TYR B 134 -53.48 -11.67 -13.99
C TYR B 134 -53.24 -11.68 -15.50
N ALA B 135 -52.06 -11.22 -15.90
CA ALA B 135 -51.64 -11.23 -17.28
C ALA B 135 -50.14 -11.47 -17.36
N LEU B 136 -49.72 -12.32 -18.31
CA LEU B 136 -48.32 -12.66 -18.46
C LEU B 136 -47.57 -11.63 -19.29
N GLN B 137 -46.59 -10.97 -18.68
CA GLN B 137 -45.75 -10.01 -19.38
C GLN B 137 -44.42 -10.64 -19.77
N VAL B 138 -43.99 -10.41 -21.01
CA VAL B 138 -42.67 -10.82 -21.44
C VAL B 138 -41.63 -9.97 -20.72
N ASN B 139 -40.61 -10.63 -20.15
CA ASN B 139 -39.60 -9.94 -19.37
C ASN B 139 -38.86 -8.85 -20.15
N GLY B 140 -38.88 -7.64 -19.60
CA GLY B 140 -38.15 -6.51 -20.16
C GLY B 140 -38.68 -5.99 -21.49
N ARG B 141 -39.88 -6.43 -21.86
CA ARG B 141 -40.49 -5.98 -23.11
C ARG B 141 -41.94 -5.56 -22.87
N HIS B 142 -42.43 -4.65 -23.72
CA HIS B 142 -43.82 -4.25 -23.66
C HIS B 142 -44.69 -5.18 -24.50
N GLU B 143 -44.62 -6.47 -24.17
CA GLU B 143 -45.41 -7.50 -24.82
C GLU B 143 -46.08 -8.37 -23.76
N TYR B 144 -47.37 -8.61 -23.93
CA TYR B 144 -48.12 -9.40 -22.95
C TYR B 144 -48.73 -10.65 -23.58
N LEU B 145 -48.85 -11.70 -22.78
CA LEU B 145 -49.48 -12.94 -23.21
C LEU B 145 -50.81 -13.15 -22.49
N TYR B 146 -51.90 -13.08 -23.26
CA TYR B 146 -53.24 -13.24 -22.70
C TYR B 146 -54.22 -13.74 -23.75
N GLY B 147 -55.45 -14.02 -23.32
CA GLY B 147 -56.48 -14.51 -24.23
C GLY B 147 -56.49 -16.02 -24.33
N ASN B 148 -57.56 -16.56 -24.90
CA ASN B 148 -57.69 -18.00 -25.07
C ASN B 148 -56.90 -18.51 -26.28
N TYR B 149 -55.58 -18.34 -26.23
CA TYR B 149 -54.70 -18.82 -27.29
C TYR B 149 -53.67 -19.77 -26.71
N PRO B 150 -53.39 -20.88 -27.42
CA PRO B 150 -52.28 -21.74 -26.98
C PRO B 150 -50.96 -20.98 -27.03
N LEU B 151 -50.04 -21.35 -26.14
CA LEU B 151 -48.77 -20.62 -26.02
C LEU B 151 -48.01 -20.54 -27.34
N CYS B 152 -48.09 -21.60 -28.15
CA CYS B 152 -47.38 -21.66 -29.41
C CYS B 152 -48.05 -20.83 -30.51
N HIS B 153 -49.00 -19.98 -30.12
CA HIS B 153 -49.61 -19.04 -31.06
C HIS B 153 -49.08 -17.64 -30.85
N PHE B 154 -48.37 -17.44 -29.74
CA PHE B 154 -47.76 -16.15 -29.43
C PHE B 154 -46.38 -16.07 -30.05
N GLN B 155 -46.08 -14.92 -30.66
CA GLN B 155 -44.82 -14.72 -31.39
C GLN B 155 -43.60 -14.91 -30.50
N TYR B 156 -43.70 -14.48 -29.25
CA TYR B 156 -42.58 -14.58 -28.32
C TYR B 156 -42.22 -16.03 -28.01
N ILE B 157 -43.24 -16.87 -27.85
CA ILE B 157 -43.02 -18.28 -27.52
C ILE B 157 -42.41 -19.03 -28.69
N CYS B 158 -42.93 -18.79 -29.90
CA CYS B 158 -42.39 -19.41 -31.11
C CYS B 158 -40.95 -18.98 -31.33
N SER B 159 -40.66 -17.72 -31.01
CA SER B 159 -39.31 -17.21 -31.09
C SER B 159 -38.42 -17.92 -30.08
N CYS B 160 -39.00 -18.26 -28.93
CA CYS B 160 -38.27 -18.96 -27.88
C CYS B 160 -38.00 -20.42 -28.24
N LEU B 161 -38.84 -20.99 -29.10
CA LEU B 161 -38.68 -22.38 -29.52
C LEU B 161 -37.59 -22.52 -30.58
N HIS B 162 -37.59 -21.62 -31.55
CA HIS B 162 -36.59 -21.64 -32.61
C HIS B 162 -35.22 -21.21 -32.10
N SER B 163 -35.19 -20.57 -30.94
CA SER B 163 -33.95 -20.04 -30.40
C SER B 163 -33.32 -20.98 -29.38
N GLY B 164 -34.13 -21.90 -28.87
CA GLY B 164 -33.68 -22.78 -27.79
C GLY B 164 -33.67 -22.04 -26.47
N LEU B 165 -34.24 -20.84 -26.48
CA LEU B 165 -34.31 -20.01 -25.28
C LEU B 165 -35.49 -20.43 -24.41
N THR B 166 -35.49 -19.96 -23.17
CA THR B 166 -36.58 -20.25 -22.25
C THR B 166 -37.41 -18.99 -21.98
N PRO B 167 -38.71 -19.06 -22.30
CA PRO B 167 -39.65 -17.95 -22.07
C PRO B 167 -39.67 -17.49 -20.62
N HIS B 168 -39.23 -16.26 -20.38
CA HIS B 168 -39.28 -15.68 -19.04
C HIS B 168 -40.43 -14.69 -18.94
N LEU B 169 -41.47 -15.08 -18.21
CA LEU B 169 -42.68 -14.27 -18.09
C LEU B 169 -42.87 -13.74 -16.68
N THR B 170 -43.61 -12.64 -16.56
CA THR B 170 -43.87 -12.03 -15.27
C THR B 170 -45.36 -11.89 -14.99
N MET B 171 -45.81 -12.46 -13.88
CA MET B 171 -47.20 -12.37 -13.47
C MET B 171 -47.54 -10.94 -13.06
N VAL B 172 -48.38 -10.28 -13.85
CA VAL B 172 -48.79 -8.92 -13.56
C VAL B 172 -50.27 -8.87 -13.19
N HIS B 173 -50.57 -8.40 -11.98
CA HIS B 173 -51.94 -8.33 -11.50
C HIS B 173 -52.69 -7.21 -12.18
N SER B 174 -54.02 -7.30 -12.17
CA SER B 174 -54.88 -6.31 -12.83
C SER B 174 -54.81 -4.94 -12.18
N SER B 175 -54.40 -4.91 -10.91
CA SER B 175 -54.32 -3.66 -10.17
C SER B 175 -53.22 -2.75 -10.73
N SER B 176 -52.05 -3.32 -10.95
CA SER B 176 -50.91 -2.56 -11.46
C SER B 176 -51.11 -2.20 -12.94
N ILE B 177 -51.94 -2.97 -13.63
CA ILE B 177 -52.28 -2.67 -15.02
C ILE B 177 -53.21 -1.47 -15.08
N LEU B 178 -54.19 -1.45 -14.18
CA LEU B 178 -55.09 -0.30 -14.05
C LEU B 178 -54.31 0.93 -13.63
N ALA B 179 -53.22 0.72 -12.89
CA ALA B 179 -52.35 1.81 -12.48
C ALA B 179 -51.67 2.45 -13.68
N MET B 180 -51.36 1.62 -14.69
CA MET B 180 -50.75 2.12 -15.92
C MET B 180 -51.74 2.99 -16.69
N ARG B 181 -52.99 2.53 -16.77
CA ARG B 181 -54.03 3.26 -17.48
C ARG B 181 -54.25 4.64 -16.90
N ASP B 182 -54.44 4.70 -15.59
CA ASP B 182 -54.71 5.96 -14.89
C ASP B 182 -53.51 6.91 -14.93
N GLU B 183 -52.31 6.34 -15.03
CA GLU B 183 -51.09 7.15 -15.10
C GLU B 183 -50.92 7.77 -16.48
N GLN B 184 -51.71 7.30 -17.44
CA GLN B 184 -51.64 7.80 -18.80
C GLN B 184 -52.93 8.51 -19.21
N SER B 185 -53.40 9.40 -18.34
CA SER B 185 -54.63 10.15 -18.60
C SER B 185 -54.32 11.63 -18.83
N ASN B 186 -55.02 12.23 -19.80
CA ASN B 186 -54.81 13.63 -20.13
C ASN B 186 -55.35 14.55 -19.04
N LEU B 211 -75.49 24.94 -58.73
CA LEU B 211 -76.67 24.11 -58.95
C LEU B 211 -76.69 23.54 -60.36
N TRP B 212 -77.80 22.87 -60.69
CA TRP B 212 -78.00 22.37 -62.04
C TRP B 212 -78.58 23.47 -62.92
N SER B 213 -78.83 24.62 -62.30
CA SER B 213 -79.35 25.79 -63.00
C SER B 213 -78.29 26.39 -63.93
N LEU B 214 -77.04 26.35 -63.49
CA LEU B 214 -75.94 26.96 -64.23
C LEU B 214 -75.46 26.08 -65.38
N GLU B 215 -76.05 26.28 -66.56
CA GLU B 215 -75.70 25.46 -67.72
C GLU B 215 -74.84 26.23 -68.72
N GLN B 216 -74.21 27.31 -68.25
CA GLN B 216 -73.27 28.05 -69.08
C GLN B 216 -71.90 27.40 -69.04
N PRO B 217 -71.14 27.49 -70.15
CA PRO B 217 -69.80 26.91 -70.23
C PRO B 217 -68.86 27.43 -69.15
N PHE B 218 -68.09 26.54 -68.54
CA PHE B 218 -67.14 26.93 -67.51
C PHE B 218 -65.98 27.71 -68.10
N SER B 219 -65.59 28.79 -67.42
CA SER B 219 -64.48 29.62 -67.89
C SER B 219 -63.70 30.18 -66.71
N ILE B 220 -62.47 30.62 -66.98
CA ILE B 220 -61.64 31.32 -66.00
C ILE B 220 -60.95 32.49 -66.69
N GLU B 221 -60.28 33.34 -65.92
CA GLU B 221 -59.52 34.43 -66.50
C GLU B 221 -58.06 34.43 -66.02
N LEU B 222 -57.15 34.11 -66.93
CA LEU B 222 -55.71 34.03 -66.63
C LEU B 222 -55.05 35.41 -66.62
N ILE B 223 -54.48 35.80 -65.48
CA ILE B 223 -53.95 37.16 -65.33
C ILE B 223 -52.41 37.24 -65.33
N GLU B 224 -51.78 37.00 -64.18
CA GLU B 224 -50.33 37.24 -64.05
C GLU B 224 -49.57 36.36 -63.04
N GLY B 225 -48.48 36.87 -62.48
CA GLY B 225 -47.53 36.10 -61.68
C GLY B 225 -46.18 35.95 -62.38
N ARG B 226 -45.16 35.40 -61.69
CA ARG B 226 -43.87 35.23 -62.36
C ARG B 226 -42.96 34.06 -62.17
N LYS B 227 -41.83 34.18 -62.86
CA LYS B 227 -41.15 33.05 -63.47
C LYS B 227 -39.71 32.70 -63.23
N VAL B 228 -39.24 31.89 -64.19
CA VAL B 228 -37.95 31.25 -64.18
C VAL B 228 -37.38 31.15 -65.60
N ASN B 229 -36.81 32.23 -66.13
CA ASN B 229 -36.14 32.16 -67.42
C ASN B 229 -35.47 33.48 -67.77
N MET B 234 -38.41 33.28 -77.39
CA MET B 234 -38.63 32.80 -76.02
C MET B 234 -40.04 33.21 -75.55
N LYS B 235 -40.93 32.22 -75.52
CA LYS B 235 -42.35 32.50 -75.39
C LYS B 235 -43.04 31.68 -74.27
N LEU B 236 -44.19 32.17 -73.80
CA LEU B 236 -44.87 31.54 -72.68
C LEU B 236 -46.23 30.98 -72.98
N VAL B 237 -46.50 29.82 -72.40
CA VAL B 237 -47.80 29.21 -72.57
C VAL B 237 -48.32 28.69 -71.24
N VAL B 238 -49.62 28.90 -71.00
CA VAL B 238 -50.29 28.33 -69.85
C VAL B 238 -51.38 27.36 -70.30
N GLN B 239 -51.14 26.08 -70.09
CA GLN B 239 -52.11 25.05 -70.43
C GLN B 239 -52.96 24.71 -69.22
N ALA B 240 -54.28 24.81 -69.37
CA ALA B 240 -55.21 24.50 -68.29
C ALA B 240 -56.09 23.31 -68.66
N GLY B 241 -56.48 22.54 -67.64
CA GLY B 241 -57.31 21.38 -67.87
C GLY B 241 -58.12 20.99 -66.64
N LEU B 242 -59.35 20.53 -66.88
CA LEU B 242 -60.21 20.06 -65.79
C LEU B 242 -60.09 18.56 -65.63
N PHE B 243 -59.79 18.11 -64.41
CA PHE B 243 -59.59 16.70 -64.15
C PHE B 243 -60.49 16.16 -63.04
N HIS B 244 -60.95 14.93 -63.24
CA HIS B 244 -61.61 14.18 -62.18
C HIS B 244 -60.80 12.91 -61.93
N GLY B 245 -59.71 13.06 -61.17
CA GLY B 245 -58.77 11.98 -60.99
C GLY B 245 -57.65 12.08 -62.01
N ASN B 246 -57.34 10.97 -62.67
CA ASN B 246 -56.27 10.95 -63.65
C ASN B 246 -56.71 11.39 -65.04
N GLU B 247 -58.01 11.29 -65.32
CA GLU B 247 -58.50 11.58 -66.67
C GLU B 247 -59.31 12.88 -66.72
N MET B 248 -59.33 13.49 -67.91
CA MET B 248 -59.92 14.82 -68.09
C MET B 248 -61.44 14.82 -68.08
N LEU B 249 -62.01 15.93 -67.63
CA LEU B 249 -63.45 16.15 -67.69
C LEU B 249 -63.83 16.65 -69.08
N CYS B 250 -63.00 17.53 -69.62
CA CYS B 250 -63.21 18.06 -70.96
C CYS B 250 -61.88 18.23 -71.66
N LYS B 251 -61.91 18.90 -72.80
CA LYS B 251 -60.70 19.17 -73.56
C LYS B 251 -59.83 20.19 -72.84
N THR B 252 -58.52 19.95 -72.84
CA THR B 252 -57.59 20.92 -72.28
C THR B 252 -57.54 22.16 -73.16
N VAL B 253 -57.28 23.31 -72.55
CA VAL B 253 -57.17 24.55 -73.31
C VAL B 253 -55.84 25.25 -73.03
N SER B 254 -55.20 25.73 -74.09
CA SER B 254 -53.93 26.43 -73.96
C SER B 254 -54.16 27.94 -73.91
N SER B 255 -53.11 28.67 -73.58
CA SER B 255 -53.14 30.13 -73.62
C SER B 255 -52.46 30.61 -74.89
N SER B 256 -52.44 31.93 -75.10
CA SER B 256 -51.67 32.48 -76.21
C SER B 256 -50.25 32.75 -75.75
N GLU B 257 -49.28 32.57 -76.64
CA GLU B 257 -47.86 32.76 -76.34
C GLU B 257 -47.57 34.20 -75.94
N VAL B 258 -46.83 34.39 -74.85
CA VAL B 258 -46.55 35.74 -74.35
C VAL B 258 -45.08 35.86 -73.92
N ASN B 259 -44.38 36.91 -74.39
CA ASN B 259 -42.94 37.07 -74.15
C ASN B 259 -42.49 36.77 -72.72
N VAL B 260 -41.28 36.24 -72.55
CA VAL B 260 -40.83 35.74 -71.25
C VAL B 260 -40.58 36.86 -70.23
N CYS B 261 -39.86 37.91 -70.63
CA CYS B 261 -39.64 39.08 -69.76
C CYS B 261 -40.97 39.72 -69.29
N SER B 262 -41.28 39.53 -68.00
CA SER B 262 -42.66 39.29 -67.55
C SER B 262 -42.75 38.62 -66.17
N GLU B 263 -43.64 38.98 -65.24
CA GLU B 263 -44.94 39.66 -65.29
C GLU B 263 -45.74 39.82 -66.58
N PRO B 264 -46.50 38.78 -66.99
CA PRO B 264 -47.28 38.95 -68.21
C PRO B 264 -48.69 39.37 -67.89
N VAL B 265 -49.33 40.03 -68.83
CA VAL B 265 -50.74 40.25 -68.70
C VAL B 265 -51.41 39.52 -69.87
N TRP B 266 -51.84 38.29 -69.57
CA TRP B 266 -52.68 37.56 -70.49
C TRP B 266 -54.04 38.25 -70.48
N LYS B 267 -54.68 38.24 -69.31
CA LYS B 267 -56.04 38.76 -69.11
C LYS B 267 -57.02 38.12 -70.09
N GLN B 268 -56.58 36.99 -70.63
CA GLN B 268 -57.42 36.02 -71.28
C GLN B 268 -58.57 35.42 -70.47
N ARG B 269 -59.40 34.68 -71.19
CA ARG B 269 -60.49 33.94 -70.61
C ARG B 269 -60.52 32.58 -71.28
N LEU B 270 -60.22 31.58 -70.47
CA LEU B 270 -60.11 30.21 -70.92
C LEU B 270 -61.41 29.48 -70.69
N GLU B 271 -62.17 29.29 -71.75
CA GLU B 271 -63.42 28.56 -71.66
C GLU B 271 -63.16 27.06 -71.79
N PHE B 272 -63.99 26.27 -71.10
CA PHE B 272 -63.91 24.82 -71.17
C PHE B 272 -65.22 24.25 -71.68
N ASP B 273 -65.16 23.26 -72.56
CA ASP B 273 -66.37 22.64 -73.07
C ASP B 273 -66.99 21.73 -72.03
N ILE B 274 -67.54 22.34 -70.99
CA ILE B 274 -68.27 21.63 -69.95
C ILE B 274 -69.05 22.66 -69.13
N SER B 275 -70.32 22.38 -68.90
CA SER B 275 -71.17 23.32 -68.18
C SER B 275 -70.88 23.31 -66.69
N VAL B 276 -71.14 24.43 -66.03
CA VAL B 276 -70.91 24.57 -64.59
C VAL B 276 -71.71 23.52 -63.82
N CYS B 277 -72.89 23.19 -64.33
CA CYS B 277 -73.76 22.20 -63.69
C CYS B 277 -73.18 20.79 -63.79
N ASP B 278 -72.25 20.59 -64.71
CA ASP B 278 -71.69 19.27 -64.97
C ASP B 278 -70.36 19.04 -64.24
N LEU B 279 -69.92 20.04 -63.48
CA LEU B 279 -68.70 19.90 -62.70
C LEU B 279 -68.92 18.98 -61.51
N PRO B 280 -68.17 17.87 -61.45
CA PRO B 280 -68.27 16.94 -60.33
C PRO B 280 -67.77 17.57 -59.03
N ARG B 281 -68.16 16.99 -57.90
CA ARG B 281 -67.81 17.53 -56.59
C ARG B 281 -66.29 17.64 -56.40
N MET B 282 -65.55 16.73 -57.01
CA MET B 282 -64.10 16.69 -56.84
C MET B 282 -63.36 17.06 -58.13
N ALA B 283 -63.89 18.05 -58.85
CA ALA B 283 -63.26 18.53 -60.07
C ALA B 283 -61.98 19.29 -59.75
N ARG B 284 -60.95 19.07 -60.56
CA ARG B 284 -59.66 19.72 -60.35
C ARG B 284 -59.24 20.57 -61.54
N LEU B 285 -59.14 21.87 -61.34
CA LEU B 285 -58.61 22.78 -62.35
C LEU B 285 -57.09 22.79 -62.29
N CYS B 286 -56.47 22.08 -63.23
CA CYS B 286 -55.02 21.90 -63.21
C CYS B 286 -54.32 22.82 -64.19
N PHE B 287 -53.43 23.66 -63.67
CA PHE B 287 -52.67 24.59 -64.50
C PHE B 287 -51.33 24.02 -64.88
N ALA B 288 -50.75 24.53 -65.96
CA ALA B 288 -49.49 24.02 -66.46
C ALA B 288 -48.74 25.09 -67.26
N LEU B 289 -47.92 25.86 -66.56
CA LEU B 289 -47.17 26.94 -67.19
C LEU B 289 -45.81 26.46 -67.67
N TYR B 290 -45.57 26.60 -68.98
CA TYR B 290 -44.31 26.17 -69.57
C TYR B 290 -43.80 27.20 -70.59
N ALA B 291 -42.59 26.98 -71.09
CA ALA B 291 -41.99 27.86 -72.08
C ALA B 291 -41.79 27.12 -73.40
N VAL B 292 -41.85 27.85 -74.51
CA VAL B 292 -41.72 27.23 -75.82
C VAL B 292 -41.02 28.18 -76.80
N VAL B 293 -40.40 27.59 -77.83
CA VAL B 293 -39.71 28.37 -78.85
C VAL B 293 -40.68 29.25 -79.64
N ASP B 310 -40.40 21.83 -76.08
CA ASP B 310 -40.81 22.75 -75.03
C ASP B 310 -39.94 22.59 -73.78
N CYS B 311 -40.13 23.50 -72.82
CA CYS B 311 -39.38 23.45 -71.56
C CYS B 311 -40.32 23.69 -70.38
N PRO B 312 -40.64 22.62 -69.63
CA PRO B 312 -41.52 22.69 -68.46
C PRO B 312 -40.99 23.66 -67.41
N ILE B 313 -41.91 24.36 -66.73
CA ILE B 313 -41.52 25.33 -65.71
C ILE B 313 -42.20 25.04 -64.37
N ALA B 314 -43.52 25.22 -64.31
CA ALA B 314 -44.24 25.07 -63.07
C ALA B 314 -45.67 24.57 -63.27
N TRP B 315 -46.28 24.05 -62.20
CA TRP B 315 -47.65 23.55 -62.24
C TRP B 315 -48.41 23.93 -60.98
N ALA B 316 -49.73 23.96 -61.07
CA ALA B 316 -50.58 24.28 -59.92
C ALA B 316 -52.00 23.77 -60.12
N ASN B 317 -52.56 23.17 -59.07
CA ASN B 317 -53.92 22.66 -59.13
C ASN B 317 -54.80 23.26 -58.03
N LEU B 318 -56.10 23.31 -58.28
CA LEU B 318 -57.05 23.77 -57.28
C LEU B 318 -58.41 23.10 -57.45
N MET B 319 -59.14 22.96 -56.35
CA MET B 319 -60.49 22.44 -56.40
C MET B 319 -61.44 23.56 -56.82
N LEU B 320 -62.46 23.22 -57.61
CA LEU B 320 -63.45 24.19 -58.04
C LEU B 320 -64.44 24.46 -56.92
N PHE B 321 -64.52 23.52 -55.99
CA PHE B 321 -65.34 23.65 -54.79
C PHE B 321 -64.44 23.68 -53.55
N ASP B 322 -64.76 24.55 -52.60
CA ASP B 322 -63.99 24.62 -51.36
C ASP B 322 -64.29 23.41 -50.48
N TYR B 323 -63.84 23.45 -49.23
CA TYR B 323 -64.08 22.33 -48.32
C TYR B 323 -65.49 22.39 -47.73
N LYS B 324 -66.25 23.41 -48.12
CA LYS B 324 -67.64 23.54 -47.71
C LYS B 324 -68.57 23.45 -48.91
N ASP B 325 -68.09 22.81 -49.98
CA ASP B 325 -68.88 22.50 -51.17
C ASP B 325 -69.38 23.73 -51.93
N GLN B 326 -68.83 24.90 -51.61
CA GLN B 326 -69.22 26.13 -52.30
C GLN B 326 -68.34 26.37 -53.53
N LEU B 327 -68.97 26.69 -54.65
CA LEU B 327 -68.25 27.02 -55.87
C LEU B 327 -67.39 28.25 -55.63
N LYS B 328 -66.15 28.21 -56.12
CA LYS B 328 -65.17 29.24 -55.81
C LYS B 328 -65.24 30.47 -56.72
N THR B 329 -65.34 31.64 -56.10
CA THR B 329 -65.25 32.93 -56.79
C THR B 329 -64.51 33.92 -55.91
N GLY B 330 -63.56 34.65 -56.48
CA GLY B 330 -63.21 34.54 -57.88
C GLY B 330 -61.72 34.59 -58.15
N GLU B 331 -61.05 35.60 -57.62
CA GLU B 331 -59.62 35.77 -57.86
C GLU B 331 -58.77 34.91 -56.93
N ARG B 332 -57.85 34.14 -57.53
CA ARG B 332 -56.95 33.28 -56.77
C ARG B 332 -55.50 33.46 -57.23
N CYS B 333 -54.59 33.54 -56.27
CA CYS B 333 -53.17 33.58 -56.58
C CYS B 333 -52.56 32.20 -56.34
N LEU B 334 -51.95 31.63 -57.38
CA LEU B 334 -51.46 30.26 -57.32
C LEU B 334 -49.94 30.18 -57.31
N TYR B 335 -49.37 29.98 -56.13
CA TYR B 335 -47.93 29.75 -56.01
C TYR B 335 -47.61 28.35 -56.50
N MET B 336 -47.02 28.27 -57.69
CA MET B 336 -46.85 27.01 -58.40
C MET B 336 -45.65 26.21 -57.94
N TRP B 337 -45.69 24.90 -58.19
CA TRP B 337 -44.59 24.00 -57.90
C TRP B 337 -43.75 23.77 -59.15
N PRO B 338 -42.43 23.63 -58.99
CA PRO B 338 -41.55 23.34 -60.13
C PRO B 338 -41.93 22.04 -60.84
N SER B 339 -41.62 21.94 -62.14
CA SER B 339 -42.04 20.80 -62.94
C SER B 339 -40.91 19.82 -63.23
N VAL B 340 -41.22 18.81 -64.04
CA VAL B 340 -40.26 17.77 -64.39
C VAL B 340 -39.06 18.32 -65.15
N LEU B 347 -47.36 16.68 -69.05
CA LEU B 347 -46.85 17.89 -68.41
C LEU B 347 -47.85 18.39 -67.38
N LEU B 348 -49.13 18.11 -67.60
CA LEU B 348 -50.17 18.38 -66.61
C LEU B 348 -49.99 17.44 -65.42
N ASN B 349 -50.25 17.94 -64.22
CA ASN B 349 -50.08 17.13 -63.02
C ASN B 349 -51.34 17.13 -62.14
N PRO B 350 -52.35 16.35 -62.52
CA PRO B 350 -53.62 16.30 -61.79
C PRO B 350 -53.49 15.65 -60.42
N ALA B 351 -52.52 14.75 -60.26
CA ALA B 351 -52.33 14.04 -59.01
C ALA B 351 -51.60 14.90 -57.97
N GLY B 352 -51.09 16.04 -58.43
CA GLY B 352 -50.37 16.95 -57.56
C GLY B 352 -51.27 17.57 -56.50
N THR B 353 -50.66 18.14 -55.46
CA THR B 353 -51.40 18.74 -54.36
C THR B 353 -52.23 19.93 -54.83
N VAL B 354 -53.36 20.14 -54.16
CA VAL B 354 -54.26 21.24 -54.51
C VAL B 354 -53.94 22.49 -53.68
N ARG B 355 -52.96 22.37 -52.80
CA ARG B 355 -52.50 23.50 -52.01
C ARG B 355 -51.24 24.10 -52.65
N GLY B 356 -51.15 25.43 -52.62
CA GLY B 356 -50.05 26.12 -53.26
C GLY B 356 -48.71 25.95 -52.59
N ASN B 357 -47.67 26.44 -53.27
CA ASN B 357 -46.31 26.38 -52.75
C ASN B 357 -46.15 27.31 -51.55
N PRO B 358 -45.78 26.74 -50.38
CA PRO B 358 -45.56 27.54 -49.17
C PRO B 358 -44.37 28.49 -49.32
N ASN B 359 -43.46 28.14 -50.21
CA ASN B 359 -42.29 28.96 -50.50
C ASN B 359 -42.69 30.18 -51.35
N THR B 360 -43.53 31.04 -50.79
CA THR B 360 -44.10 32.17 -51.53
C THR B 360 -43.11 33.30 -51.77
N GLU B 361 -41.83 33.06 -51.49
CA GLU B 361 -40.80 34.07 -51.66
C GLU B 361 -40.01 33.84 -52.95
N SER B 362 -40.14 32.64 -53.51
CA SER B 362 -39.41 32.29 -54.72
C SER B 362 -40.28 31.54 -55.73
N ALA B 363 -41.40 30.99 -55.26
CA ALA B 363 -42.27 30.22 -56.12
C ALA B 363 -43.00 31.08 -57.13
N ALA B 364 -43.17 30.54 -58.32
CA ALA B 364 -43.89 31.21 -59.38
C ALA B 364 -45.38 31.33 -59.06
N ALA B 365 -45.91 32.55 -59.10
CA ALA B 365 -47.33 32.77 -58.83
C ALA B 365 -48.13 32.76 -60.11
N LEU B 366 -49.42 32.44 -60.00
CA LEU B 366 -50.31 32.49 -61.15
C LEU B 366 -51.67 33.05 -60.73
N VAL B 367 -51.93 34.29 -61.11
CA VAL B 367 -53.18 34.95 -60.74
C VAL B 367 -54.29 34.63 -61.73
N ILE B 368 -55.40 34.10 -61.22
CA ILE B 368 -56.55 33.78 -62.05
C ILE B 368 -57.81 34.39 -61.46
N TYR B 369 -58.89 34.39 -62.23
CA TYR B 369 -60.17 34.86 -61.74
C TYR B 369 -61.28 33.86 -62.09
N LEU B 370 -62.13 33.58 -61.11
CA LEU B 370 -63.24 32.64 -61.30
C LEU B 370 -64.57 33.38 -61.38
N PRO B 371 -65.20 33.35 -62.56
CA PRO B 371 -66.45 34.05 -62.89
C PRO B 371 -67.57 33.85 -61.86
N GLU B 372 -68.10 34.96 -61.35
CA GLU B 372 -69.23 34.91 -60.43
C GLU B 372 -70.49 34.51 -61.19
N VAL B 373 -70.92 33.27 -60.97
CA VAL B 373 -72.03 32.71 -61.72
C VAL B 373 -73.39 32.99 -61.07
N ALA B 374 -73.38 33.79 -60.00
CA ALA B 374 -74.60 34.15 -59.30
C ALA B 374 -74.42 35.42 -58.48
N PRO B 377 -74.30 32.63 -54.41
CA PRO B 377 -73.80 31.58 -53.51
C PRO B 377 -74.37 30.20 -53.87
N VAL B 378 -73.65 29.46 -54.70
CA VAL B 378 -74.10 28.13 -55.11
C VAL B 378 -73.22 27.04 -54.52
N TYR B 379 -73.84 26.15 -53.75
CA TYR B 379 -73.15 25.01 -53.16
C TYR B 379 -73.41 23.76 -54.00
N PHE B 380 -72.53 22.77 -53.87
CA PHE B 380 -72.76 21.48 -54.52
C PHE B 380 -73.96 20.81 -53.85
N PRO B 381 -74.88 20.28 -54.67
CA PRO B 381 -76.13 19.65 -54.20
C PRO B 381 -75.91 18.63 -53.09
N ALA B 382 -76.69 18.73 -52.02
CA ALA B 382 -76.62 17.78 -50.92
C ALA B 382 -76.94 16.38 -51.43
N LEU B 383 -76.45 15.37 -50.72
CA LEU B 383 -76.64 13.98 -51.12
C LEU B 383 -78.12 13.62 -51.26
N GLU B 384 -78.95 14.30 -50.48
CA GLU B 384 -80.39 14.06 -50.47
C GLU B 384 -81.00 14.34 -51.83
N LYS B 385 -80.56 15.42 -52.47
CA LYS B 385 -81.12 15.83 -53.75
C LYS B 385 -80.46 15.07 -54.91
N ILE B 386 -79.25 14.58 -54.69
CA ILE B 386 -78.55 13.78 -55.69
C ILE B 386 -79.25 12.43 -55.84
N LEU B 387 -79.70 11.88 -54.71
CA LEU B 387 -80.40 10.59 -54.71
C LEU B 387 -81.78 10.71 -55.34
N GLU B 388 -82.45 11.84 -55.11
CA GLU B 388 -83.77 12.08 -55.68
C GLU B 388 -83.71 12.21 -57.19
N LEU B 389 -82.52 12.51 -57.70
CA LEU B 389 -82.32 12.64 -59.14
C LEU B 389 -81.98 11.27 -59.77
N GLY B 390 -81.04 10.57 -59.16
CA GLY B 390 -80.64 9.26 -59.66
C GLY B 390 -81.51 8.14 -59.14
N GLU B 402 -81.70 -9.79 -74.57
CA GLU B 402 -80.64 -9.25 -73.74
C GLU B 402 -79.52 -10.27 -73.52
N GLN B 403 -78.65 -10.41 -74.51
CA GLN B 403 -77.50 -11.28 -74.38
C GLN B 403 -76.47 -10.59 -73.47
N LEU B 404 -76.57 -10.85 -72.17
CA LEU B 404 -75.73 -10.19 -71.19
C LEU B 404 -74.43 -10.95 -70.94
N GLN B 405 -74.35 -12.15 -71.51
CA GLN B 405 -73.25 -13.06 -71.23
C GLN B 405 -71.87 -12.55 -71.63
N LEU B 406 -71.83 -11.61 -72.57
CA LEU B 406 -70.54 -11.11 -73.05
C LEU B 406 -69.99 -10.02 -72.11
N ARG B 407 -70.70 -9.77 -71.01
CA ARG B 407 -70.21 -8.88 -69.97
C ARG B 407 -69.24 -9.60 -69.04
N GLU B 408 -69.58 -10.84 -68.71
CA GLU B 408 -68.71 -11.66 -67.88
C GLU B 408 -67.44 -12.00 -68.65
N ILE B 409 -67.56 -12.08 -69.97
CA ILE B 409 -66.41 -12.37 -70.83
C ILE B 409 -65.35 -11.29 -70.71
N LEU B 410 -65.78 -10.04 -70.60
CA LEU B 410 -64.84 -8.93 -70.46
C LEU B 410 -64.49 -8.67 -69.00
N GLU B 411 -64.76 -9.65 -68.14
CA GLU B 411 -64.44 -9.54 -66.72
C GLU B 411 -63.74 -10.80 -66.21
N TYR B 419 -62.60 -1.19 -74.77
CA TYR B 419 -63.14 -0.36 -75.85
C TYR B 419 -64.43 0.31 -75.43
N GLU B 420 -64.81 1.36 -76.15
CA GLU B 420 -65.95 2.19 -75.74
C GLU B 420 -67.29 1.46 -75.82
N HIS B 421 -67.44 0.59 -76.83
CA HIS B 421 -68.69 -0.15 -76.98
C HIS B 421 -68.87 -1.11 -75.81
N GLU B 422 -67.76 -1.52 -75.22
CA GLU B 422 -67.79 -2.32 -74.00
C GLU B 422 -68.12 -1.44 -72.80
N LYS B 423 -67.52 -0.24 -72.78
CA LYS B 423 -67.77 0.73 -71.72
C LYS B 423 -69.24 1.14 -71.69
N ASP B 424 -69.79 1.45 -72.87
CA ASP B 424 -71.18 1.89 -72.98
C ASP B 424 -72.14 0.82 -72.48
N LEU B 425 -71.75 -0.42 -72.67
CA LEU B 425 -72.58 -1.55 -72.29
C LEU B 425 -72.58 -1.75 -70.77
N VAL B 426 -71.38 -1.71 -70.19
CA VAL B 426 -71.21 -1.85 -68.74
C VAL B 426 -72.04 -0.80 -68.00
N TRP B 427 -72.07 0.41 -68.53
CA TRP B 427 -72.89 1.47 -67.96
C TRP B 427 -74.37 1.23 -68.21
N LYS B 428 -74.68 0.76 -69.42
CA LYS B 428 -76.06 0.45 -69.77
C LYS B 428 -76.58 -0.67 -68.90
N MET B 429 -75.69 -1.59 -68.53
CA MET B 429 -76.07 -2.72 -67.68
C MET B 429 -75.56 -2.50 -66.26
N ARG B 430 -75.75 -1.29 -65.73
CA ARG B 430 -75.17 -0.95 -64.44
C ARG B 430 -75.91 -1.58 -63.26
N HIS B 431 -77.22 -1.78 -63.40
CA HIS B 431 -78.02 -2.36 -62.32
C HIS B 431 -77.69 -3.82 -62.09
N GLU B 432 -77.53 -4.57 -63.18
CA GLU B 432 -77.22 -5.99 -63.09
C GLU B 432 -75.81 -6.21 -62.55
N VAL B 433 -74.96 -5.19 -62.70
CA VAL B 433 -73.63 -5.22 -62.11
C VAL B 433 -73.75 -5.21 -60.59
N GLN B 434 -74.59 -4.31 -60.07
CA GLN B 434 -74.80 -4.20 -58.63
C GLN B 434 -75.39 -5.47 -58.05
N GLU B 435 -76.24 -6.14 -58.82
CA GLU B 435 -77.02 -7.27 -58.31
C GLU B 435 -76.30 -8.61 -58.44
N HIS B 436 -75.40 -8.74 -59.40
CA HIS B 436 -74.75 -10.03 -59.65
C HIS B 436 -73.22 -9.96 -59.66
N PHE B 437 -72.67 -8.77 -59.82
CA PHE B 437 -71.22 -8.59 -59.78
C PHE B 437 -70.85 -7.44 -58.85
N PRO B 438 -71.09 -7.61 -57.54
CA PRO B 438 -70.94 -6.51 -56.58
C PRO B 438 -69.51 -6.00 -56.46
N GLU B 439 -68.55 -6.88 -56.68
CA GLU B 439 -67.14 -6.54 -56.53
C GLU B 439 -66.55 -5.95 -57.82
N ALA B 440 -67.40 -5.80 -58.84
CA ALA B 440 -66.96 -5.23 -60.10
C ALA B 440 -67.27 -3.74 -60.16
N LEU B 441 -67.50 -3.15 -58.98
CA LEU B 441 -67.83 -1.74 -58.86
C LEU B 441 -66.76 -0.83 -59.45
N ALA B 442 -65.50 -1.18 -59.21
CA ALA B 442 -64.37 -0.39 -59.70
C ALA B 442 -64.43 -0.21 -61.21
N ARG B 443 -64.74 -1.29 -61.92
CA ARG B 443 -64.87 -1.24 -63.38
C ARG B 443 -66.04 -0.38 -63.81
N LEU B 444 -67.08 -0.35 -62.98
CA LEU B 444 -68.30 0.38 -63.30
C LEU B 444 -68.12 1.87 -63.07
N LEU B 445 -67.24 2.21 -62.13
CA LEU B 445 -66.98 3.61 -61.81
C LEU B 445 -66.11 4.27 -62.89
N LEU B 446 -65.37 3.45 -63.63
CA LEU B 446 -64.46 3.96 -64.65
C LEU B 446 -65.15 4.20 -65.98
N VAL B 447 -66.40 3.74 -66.10
CA VAL B 447 -67.18 3.97 -67.31
C VAL B 447 -68.25 5.03 -67.07
N THR B 448 -68.36 5.46 -65.82
CA THR B 448 -69.32 6.49 -65.44
C THR B 448 -68.88 7.85 -65.96
N LYS B 449 -69.84 8.60 -66.52
CA LYS B 449 -69.55 9.94 -67.02
C LYS B 449 -69.49 10.94 -65.87
N TRP B 450 -68.28 11.29 -65.45
CA TRP B 450 -68.10 12.21 -64.34
C TRP B 450 -68.19 13.66 -64.79
N ASN B 451 -68.18 13.87 -66.09
CA ASN B 451 -68.35 15.21 -66.66
C ASN B 451 -69.82 15.47 -66.96
N LYS B 452 -70.69 14.65 -66.40
CA LYS B 452 -72.13 14.72 -66.66
C LYS B 452 -72.86 14.33 -65.37
N HIS B 453 -73.66 15.26 -64.85
CA HIS B 453 -74.18 15.14 -63.48
C HIS B 453 -75.29 14.13 -63.28
N GLU B 454 -76.12 13.87 -64.28
CA GLU B 454 -77.23 12.94 -64.09
C GLU B 454 -76.70 11.51 -64.05
N ASP B 455 -75.58 11.26 -64.72
CA ASP B 455 -74.95 9.95 -64.71
C ASP B 455 -74.24 9.72 -63.37
N VAL B 456 -73.68 10.80 -62.82
CA VAL B 456 -73.06 10.74 -61.51
C VAL B 456 -74.13 10.52 -60.44
N ALA B 457 -75.26 11.19 -60.61
CA ALA B 457 -76.39 11.05 -59.69
C ALA B 457 -76.95 9.62 -59.74
N GLN B 458 -76.96 9.03 -60.93
CA GLN B 458 -77.42 7.66 -61.09
C GLN B 458 -76.42 6.67 -60.49
N MET B 459 -75.14 6.96 -60.69
CA MET B 459 -74.08 6.11 -60.15
C MET B 459 -74.02 6.20 -58.63
N LEU B 460 -74.15 7.41 -58.10
CA LEU B 460 -74.14 7.62 -56.66
C LEU B 460 -75.36 7.01 -56.00
N TYR B 461 -76.44 6.85 -56.78
CA TYR B 461 -77.65 6.22 -56.27
C TYR B 461 -77.43 4.73 -56.10
N LEU B 462 -76.72 4.12 -57.05
CA LEU B 462 -76.39 2.70 -56.98
C LEU B 462 -75.34 2.46 -55.90
N LEU B 463 -74.54 3.48 -55.63
CA LEU B 463 -73.45 3.36 -54.67
C LEU B 463 -73.95 3.37 -53.24
N CYS B 464 -75.04 4.09 -52.99
CA CYS B 464 -75.61 4.19 -51.66
C CYS B 464 -76.36 2.92 -51.26
N SER B 465 -76.64 2.08 -52.25
CA SER B 465 -77.31 0.81 -52.01
C SER B 465 -76.39 -0.36 -52.34
N TRP B 466 -75.13 -0.05 -52.63
CA TRP B 466 -74.14 -1.06 -53.00
C TRP B 466 -73.69 -1.84 -51.77
N PRO B 467 -73.65 -3.18 -51.89
CA PRO B 467 -73.25 -4.04 -50.78
C PRO B 467 -71.78 -3.89 -50.39
N GLU B 468 -71.46 -4.25 -49.16
CA GLU B 468 -70.10 -4.19 -48.64
C GLU B 468 -69.15 -5.07 -49.45
N LEU B 469 -67.99 -4.51 -49.81
CA LEU B 469 -67.00 -5.24 -50.60
C LEU B 469 -65.89 -5.80 -49.72
N PRO B 470 -65.17 -6.81 -50.21
CA PRO B 470 -64.00 -7.30 -49.46
C PRO B 470 -62.90 -6.26 -49.34
N VAL B 471 -61.99 -6.46 -48.39
CA VAL B 471 -60.88 -5.54 -48.14
C VAL B 471 -60.06 -5.29 -49.41
N LEU B 472 -59.82 -6.35 -50.16
CA LEU B 472 -59.02 -6.27 -51.38
C LEU B 472 -59.61 -5.31 -52.40
N SER B 473 -60.93 -5.26 -52.45
CA SER B 473 -61.64 -4.37 -53.37
C SER B 473 -61.49 -2.91 -52.93
N ALA B 474 -61.60 -2.69 -51.62
CA ALA B 474 -61.52 -1.34 -51.07
C ALA B 474 -60.13 -0.74 -51.23
N LEU B 475 -59.11 -1.59 -51.21
CA LEU B 475 -57.73 -1.15 -51.39
C LEU B 475 -57.51 -0.60 -52.80
N GLU B 476 -58.25 -1.14 -53.76
CA GLU B 476 -58.18 -0.67 -55.14
C GLU B 476 -58.90 0.66 -55.30
N LEU B 477 -59.97 0.83 -54.54
CA LEU B 477 -60.81 2.03 -54.65
C LEU B 477 -60.21 3.22 -53.90
N LEU B 478 -59.09 2.99 -53.22
CA LEU B 478 -58.40 4.05 -52.51
C LEU B 478 -57.53 4.89 -53.43
N ASP B 479 -57.25 4.34 -54.61
CA ASP B 479 -56.34 5.00 -55.55
C ASP B 479 -56.93 6.29 -56.09
N PHE B 480 -56.07 7.08 -56.74
CA PHE B 480 -56.46 8.40 -57.25
C PHE B 480 -57.41 8.30 -58.44
N SER B 481 -57.50 7.10 -59.04
CA SER B 481 -58.39 6.88 -60.16
C SER B 481 -59.85 6.78 -59.72
N PHE B 482 -60.08 6.92 -58.41
CA PHE B 482 -61.42 7.00 -57.86
C PHE B 482 -61.51 8.19 -56.91
N PRO B 483 -61.51 9.41 -57.47
CA PRO B 483 -61.37 10.66 -56.72
C PRO B 483 -62.66 11.16 -56.07
N ASP B 484 -63.81 10.64 -56.50
CA ASP B 484 -65.08 11.07 -55.96
C ASP B 484 -65.15 10.83 -54.46
N CYS B 485 -65.53 11.86 -53.72
CA CYS B 485 -65.55 11.80 -52.25
C CYS B 485 -66.43 10.67 -51.78
N TYR B 486 -67.62 10.56 -52.35
CA TYR B 486 -68.48 9.44 -52.01
C TYR B 486 -67.76 8.16 -52.42
N VAL B 487 -67.20 8.09 -53.62
CA VAL B 487 -66.51 6.86 -54.01
C VAL B 487 -65.31 6.60 -53.09
N GLY B 488 -64.48 7.61 -52.86
CA GLY B 488 -63.35 7.46 -51.97
C GLY B 488 -63.73 7.21 -50.53
N SER B 489 -64.94 7.63 -50.15
CA SER B 489 -65.43 7.43 -48.78
C SER B 489 -65.68 5.97 -48.46
N PHE B 490 -66.30 5.24 -49.37
CA PHE B 490 -66.62 3.84 -49.09
C PHE B 490 -65.52 2.91 -49.58
N ALA B 491 -64.33 3.47 -49.73
CA ALA B 491 -63.12 2.67 -49.69
C ALA B 491 -62.89 2.37 -48.21
N ILE B 492 -63.30 3.31 -47.38
CA ILE B 492 -63.16 3.21 -45.92
C ILE B 492 -64.09 2.16 -45.32
N LYS B 493 -65.32 2.11 -45.80
CA LYS B 493 -66.38 1.28 -45.18
C LYS B 493 -65.99 -0.18 -45.07
N SER B 494 -65.42 -0.71 -46.15
CA SER B 494 -64.97 -2.09 -46.20
C SER B 494 -63.60 -2.27 -45.55
N LEU B 495 -63.01 -1.17 -45.09
CA LEU B 495 -61.74 -1.24 -44.39
C LEU B 495 -61.92 -1.03 -42.89
N ARG B 496 -63.18 -0.91 -42.46
CA ARG B 496 -63.45 -0.82 -41.03
C ARG B 496 -63.44 -2.21 -40.43
N LYS B 497 -63.57 -3.22 -41.29
CA LYS B 497 -63.47 -4.61 -40.86
C LYS B 497 -62.02 -5.08 -40.95
N LEU B 498 -61.12 -4.13 -41.23
CA LEU B 498 -59.69 -4.42 -41.19
C LEU B 498 -59.26 -4.76 -39.77
N THR B 499 -58.73 -5.97 -39.58
CA THR B 499 -58.13 -6.32 -38.30
C THR B 499 -56.90 -5.44 -38.09
N ASP B 500 -56.50 -5.27 -36.84
CA ASP B 500 -55.34 -4.43 -36.53
C ASP B 500 -54.06 -4.99 -37.16
N ASP B 501 -54.02 -6.29 -37.35
CA ASP B 501 -52.89 -6.93 -38.02
C ASP B 501 -52.86 -6.57 -39.50
N GLU B 502 -54.02 -6.62 -40.14
CA GLU B 502 -54.15 -6.22 -41.54
C GLU B 502 -53.86 -4.73 -41.70
N LEU B 503 -54.44 -3.94 -40.82
CA LEU B 503 -54.25 -2.48 -40.83
C LEU B 503 -52.78 -2.12 -40.66
N PHE B 504 -52.09 -2.86 -39.79
CA PHE B 504 -50.67 -2.65 -39.55
C PHE B 504 -49.86 -3.00 -40.79
N GLN B 505 -50.34 -3.98 -41.54
CA GLN B 505 -49.64 -4.44 -42.74
C GLN B 505 -49.81 -3.46 -43.89
N TYR B 506 -50.93 -2.74 -43.91
CA TYR B 506 -51.24 -1.86 -45.03
C TYR B 506 -51.11 -0.39 -44.68
N LEU B 507 -50.75 -0.11 -43.42
CA LEU B 507 -50.72 1.26 -42.91
C LEU B 507 -49.84 2.20 -43.74
N LEU B 508 -48.70 1.71 -44.20
CA LEU B 508 -47.79 2.50 -45.02
C LEU B 508 -48.49 3.02 -46.27
N GLN B 509 -49.23 2.14 -46.94
CA GLN B 509 -49.95 2.49 -48.15
C GLN B 509 -51.05 3.50 -47.86
N LEU B 510 -51.81 3.26 -46.79
CA LEU B 510 -52.93 4.13 -46.43
C LEU B 510 -52.48 5.54 -46.11
N VAL B 511 -51.30 5.66 -45.53
CA VAL B 511 -50.73 6.97 -45.21
C VAL B 511 -50.37 7.73 -46.47
N GLN B 512 -49.84 7.02 -47.47
CA GLN B 512 -49.45 7.64 -48.72
C GLN B 512 -50.67 8.11 -49.51
N VAL B 513 -51.81 7.45 -49.29
CA VAL B 513 -53.05 7.82 -49.98
C VAL B 513 -53.52 9.19 -49.51
N LEU B 514 -53.13 9.59 -48.30
CA LEU B 514 -53.46 10.91 -47.77
C LEU B 514 -52.95 12.04 -48.65
N LYS B 515 -51.98 11.73 -49.51
CA LYS B 515 -51.42 12.70 -50.44
C LYS B 515 -52.31 12.88 -51.66
N TYR B 516 -53.33 12.04 -51.78
CA TYR B 516 -54.30 12.15 -52.85
C TYR B 516 -55.51 12.97 -52.41
N GLU B 517 -55.68 13.09 -51.09
CA GLU B 517 -56.80 13.84 -50.52
C GLU B 517 -56.79 15.29 -50.98
N SER B 518 -57.98 15.84 -51.19
CA SER B 518 -58.11 17.21 -51.67
C SER B 518 -58.36 18.18 -50.53
N TYR B 519 -58.75 17.64 -49.38
CA TYR B 519 -59.06 18.48 -48.22
C TYR B 519 -58.46 17.89 -46.94
N LEU B 520 -58.37 18.73 -45.91
CA LEU B 520 -57.79 18.32 -44.64
C LEU B 520 -58.69 17.33 -43.91
N ASP B 521 -59.93 17.74 -43.66
CA ASP B 521 -60.89 16.89 -42.97
C ASP B 521 -61.51 15.88 -43.92
N CYS B 522 -61.05 14.63 -43.85
CA CYS B 522 -61.55 13.58 -44.71
C CYS B 522 -61.82 12.30 -43.91
N GLU B 523 -62.51 11.36 -44.53
CA GLU B 523 -62.86 10.11 -43.87
C GLU B 523 -61.62 9.27 -43.56
N LEU B 524 -60.65 9.31 -44.48
CA LEU B 524 -59.41 8.55 -44.32
C LEU B 524 -58.62 9.01 -43.12
N THR B 525 -58.51 10.32 -42.93
CA THR B 525 -57.80 10.88 -41.79
C THR B 525 -58.49 10.52 -40.49
N LYS B 526 -59.82 10.64 -40.47
CA LYS B 526 -60.61 10.29 -39.30
C LYS B 526 -60.49 8.80 -38.99
N PHE B 527 -60.44 7.98 -40.04
CA PHE B 527 -60.32 6.54 -39.88
C PHE B 527 -58.95 6.17 -39.29
N LEU B 528 -57.90 6.79 -39.81
CA LEU B 528 -56.55 6.52 -39.33
C LEU B 528 -56.37 6.99 -37.89
N LEU B 529 -56.90 8.17 -37.58
CA LEU B 529 -56.83 8.71 -36.23
C LEU B 529 -57.61 7.86 -35.24
N GLY B 530 -58.79 7.40 -35.66
CA GLY B 530 -59.64 6.58 -34.81
C GLY B 530 -58.98 5.25 -34.45
N ARG B 531 -58.35 4.63 -35.43
CA ARG B 531 -57.70 3.34 -35.22
C ARG B 531 -56.38 3.50 -34.45
N ALA B 532 -55.75 4.66 -34.62
CA ALA B 532 -54.48 4.94 -33.95
C ALA B 532 -54.68 5.14 -32.46
N LEU B 533 -55.83 5.68 -32.08
CA LEU B 533 -56.14 5.93 -30.68
C LEU B 533 -56.71 4.68 -30.01
N ALA B 534 -57.13 3.72 -30.83
CA ALA B 534 -57.66 2.46 -30.33
C ALA B 534 -56.53 1.45 -30.16
N ASN B 535 -55.46 1.63 -30.91
CA ASN B 535 -54.31 0.74 -30.86
C ASN B 535 -53.01 1.56 -30.79
N ARG B 536 -52.30 1.45 -29.68
CA ARG B 536 -51.09 2.25 -29.45
C ARG B 536 -49.98 1.88 -30.44
N LYS B 537 -49.95 0.63 -30.87
CA LYS B 537 -48.95 0.17 -31.84
C LYS B 537 -49.22 0.77 -33.21
N ILE B 538 -50.50 0.99 -33.52
CA ILE B 538 -50.87 1.67 -34.75
C ILE B 538 -50.51 3.15 -34.67
N GLY B 539 -50.84 3.76 -33.53
CA GLY B 539 -50.53 5.17 -33.30
C GLY B 539 -49.04 5.46 -33.33
N HIS B 540 -48.25 4.48 -32.89
CA HIS B 540 -46.80 4.59 -32.90
C HIS B 540 -46.26 4.76 -34.32
N PHE B 541 -46.65 3.84 -35.20
CA PHE B 541 -46.14 3.84 -36.57
C PHE B 541 -46.86 4.84 -37.45
N LEU B 542 -48.07 5.23 -37.06
CA LEU B 542 -48.75 6.30 -37.78
C LEU B 542 -47.98 7.59 -37.60
N PHE B 543 -47.52 7.84 -36.38
CA PHE B 543 -46.76 9.04 -36.06
C PHE B 543 -45.47 9.13 -36.89
N TRP B 544 -44.68 8.07 -36.85
CA TRP B 544 -43.38 8.07 -37.51
C TRP B 544 -43.51 8.11 -39.03
N HIS B 545 -44.61 7.61 -39.55
CA HIS B 545 -44.86 7.69 -40.99
C HIS B 545 -45.17 9.13 -41.40
N LEU B 546 -45.80 9.87 -40.49
CA LEU B 546 -46.12 11.27 -40.74
C LEU B 546 -44.93 12.17 -40.43
N ARG B 547 -44.26 11.89 -39.31
CA ARG B 547 -43.14 12.70 -38.86
C ARG B 547 -41.95 12.63 -39.81
N SER B 548 -41.78 11.48 -40.46
CA SER B 548 -40.64 11.26 -41.35
C SER B 548 -40.68 12.12 -42.61
N GLU B 549 -41.85 12.62 -42.95
CA GLU B 549 -42.00 13.40 -44.18
C GLU B 549 -42.30 14.87 -43.91
N MET B 550 -42.03 15.32 -42.68
CA MET B 550 -42.28 16.71 -42.31
C MET B 550 -41.33 17.65 -43.04
N HIS B 551 -40.26 17.11 -43.61
CA HIS B 551 -39.31 17.90 -44.38
C HIS B 551 -39.84 18.18 -45.78
N VAL B 552 -40.92 17.49 -46.15
CA VAL B 552 -41.56 17.70 -47.44
C VAL B 552 -42.68 18.73 -47.34
N PRO B 553 -42.48 19.90 -47.97
CA PRO B 553 -43.39 21.05 -47.89
C PRO B 553 -44.84 20.74 -48.29
N SER B 554 -45.02 19.87 -49.27
CA SER B 554 -46.34 19.60 -49.82
C SER B 554 -47.23 18.77 -48.88
N VAL B 555 -46.63 18.16 -47.86
CA VAL B 555 -47.39 17.36 -46.90
C VAL B 555 -47.10 17.79 -45.48
N ALA B 556 -46.32 18.85 -45.31
CA ALA B 556 -45.93 19.32 -43.99
C ALA B 556 -47.11 19.82 -43.18
N LEU B 557 -48.03 20.50 -43.84
CA LEU B 557 -49.21 21.06 -43.17
C LEU B 557 -50.18 19.95 -42.75
N ARG B 558 -50.48 19.05 -43.66
CA ARG B 558 -51.43 17.98 -43.40
C ARG B 558 -50.95 17.03 -42.31
N PHE B 559 -49.73 16.54 -42.46
CA PHE B 559 -49.17 15.57 -41.51
C PHE B 559 -48.96 16.18 -40.13
N GLY B 560 -48.66 17.48 -40.11
CA GLY B 560 -48.46 18.19 -38.85
C GLY B 560 -49.74 18.30 -38.05
N LEU B 561 -50.85 18.55 -38.75
CA LEU B 561 -52.15 18.68 -38.10
C LEU B 561 -52.64 17.35 -37.55
N ILE B 562 -52.41 16.28 -38.30
CA ILE B 562 -52.83 14.94 -37.88
C ILE B 562 -52.07 14.50 -36.63
N MET B 563 -50.76 14.74 -36.62
CA MET B 563 -49.93 14.38 -35.48
C MET B 563 -50.33 15.19 -34.24
N GLU B 564 -50.66 16.47 -34.44
CA GLU B 564 -51.12 17.30 -33.34
C GLU B 564 -52.44 16.78 -32.80
N ALA B 565 -53.34 16.41 -33.70
CA ALA B 565 -54.65 15.88 -33.32
C ALA B 565 -54.49 14.58 -32.53
N TYR B 566 -53.58 13.73 -32.97
CA TYR B 566 -53.32 12.46 -32.29
C TYR B 566 -52.74 12.72 -30.89
N CYS B 567 -51.90 13.74 -30.78
CA CYS B 567 -51.30 14.10 -29.50
C CYS B 567 -52.36 14.53 -28.49
N ARG B 568 -53.41 15.18 -28.99
CA ARG B 568 -54.53 15.56 -28.14
C ARG B 568 -55.21 14.30 -27.61
N GLY B 569 -55.24 13.26 -28.44
CA GLY B 569 -55.86 12.01 -28.09
C GLY B 569 -55.05 11.17 -27.12
N SER B 570 -53.78 11.51 -26.97
CA SER B 570 -52.92 10.79 -26.04
C SER B 570 -51.73 11.65 -25.60
N THR B 571 -51.89 12.35 -24.49
CA THR B 571 -50.85 13.22 -23.96
C THR B 571 -49.64 12.40 -23.49
N HIS B 572 -49.90 11.23 -22.95
CA HIS B 572 -48.84 10.37 -22.43
C HIS B 572 -47.98 9.79 -23.56
N HIS B 573 -48.63 9.35 -24.62
CA HIS B 573 -47.91 8.75 -25.74
C HIS B 573 -47.04 9.78 -26.46
N MET B 574 -47.49 11.03 -26.43
CA MET B 574 -46.71 12.14 -26.97
C MET B 574 -45.36 12.22 -26.29
N LYS B 575 -45.36 12.13 -24.96
CA LYS B 575 -44.14 12.19 -24.17
C LYS B 575 -43.25 10.99 -24.48
N VAL B 576 -43.87 9.83 -24.68
CA VAL B 576 -43.14 8.61 -25.02
C VAL B 576 -42.44 8.74 -26.36
N LEU B 577 -43.19 9.19 -27.37
CA LEU B 577 -42.64 9.44 -28.69
C LEU B 577 -41.61 10.56 -28.64
N MET B 578 -41.83 11.50 -27.74
CA MET B 578 -40.91 12.63 -27.58
C MET B 578 -39.55 12.12 -27.11
N LYS B 579 -39.55 11.13 -26.22
CA LYS B 579 -38.32 10.53 -25.74
C LYS B 579 -37.55 9.86 -26.88
N GLN B 580 -38.29 9.25 -27.81
CA GLN B 580 -37.69 8.63 -28.98
C GLN B 580 -37.03 9.67 -29.89
N GLY B 581 -37.69 10.83 -29.99
CA GLY B 581 -37.17 11.92 -30.79
C GLY B 581 -35.88 12.50 -30.23
N GLU B 582 -35.80 12.60 -28.91
CA GLU B 582 -34.59 13.08 -28.25
C GLU B 582 -33.42 12.12 -28.45
N ALA B 583 -33.71 10.82 -28.47
CA ALA B 583 -32.69 9.81 -28.72
C ALA B 583 -32.17 9.91 -30.15
N LEU B 584 -33.10 10.04 -31.10
CA LEU B 584 -32.75 10.15 -32.50
C LEU B 584 -32.04 11.46 -32.82
N SER B 585 -32.32 12.48 -32.02
CA SER B 585 -31.69 13.79 -32.20
C SER B 585 -30.22 13.73 -31.80
N LYS B 586 -29.92 12.93 -30.79
CA LYS B 586 -28.55 12.77 -30.32
C LYS B 586 -27.75 11.83 -31.24
N LEU B 587 -28.43 10.82 -31.78
CA LEU B 587 -27.80 9.91 -32.72
C LEU B 587 -27.38 10.63 -33.99
N LYS B 588 -28.18 11.60 -34.39
CA LYS B 588 -27.86 12.44 -35.54
C LYS B 588 -26.60 13.25 -35.28
N ALA B 589 -26.52 13.85 -34.10
CA ALA B 589 -25.36 14.64 -33.70
C ALA B 589 -24.13 13.76 -33.57
N LEU B 590 -24.33 12.55 -33.04
CA LEU B 590 -23.24 11.60 -32.85
C LEU B 590 -22.68 11.14 -34.20
N ASN B 591 -23.57 10.85 -35.14
CA ASN B 591 -23.18 10.39 -36.46
C ASN B 591 -22.47 11.47 -37.25
N ASP B 592 -22.88 12.72 -37.05
CA ASP B 592 -22.22 13.86 -37.69
C ASP B 592 -20.78 13.99 -37.20
N PHE B 593 -20.60 13.78 -35.89
CA PHE B 593 -19.27 13.80 -35.29
C PHE B 593 -18.41 12.66 -35.83
N VAL B 594 -19.01 11.49 -35.98
CA VAL B 594 -18.32 10.31 -36.50
C VAL B 594 -17.91 10.53 -37.95
N LYS B 595 -18.78 11.17 -38.72
CA LYS B 595 -18.48 11.47 -40.12
C LYS B 595 -17.27 12.38 -40.27
N VAL B 596 -17.23 13.44 -39.46
CA VAL B 596 -16.14 14.40 -39.51
C VAL B 596 -14.83 13.79 -38.99
N SER B 597 -14.91 13.14 -37.83
CA SER B 597 -13.73 12.60 -37.17
C SER B 597 -13.06 11.49 -37.99
N SER B 598 -13.86 10.72 -38.72
CA SER B 598 -13.34 9.61 -39.51
C SER B 598 -12.58 10.11 -40.74
N GLN B 599 -12.81 11.36 -41.11
CA GLN B 599 -12.15 11.95 -42.28
C GLN B 599 -10.91 12.73 -41.89
N LYS B 600 -10.32 12.39 -40.75
CA LYS B 600 -9.16 13.10 -40.24
C LYS B 600 -8.34 12.22 -39.31
N THR B 601 -9.01 11.25 -38.69
CA THR B 601 -8.35 10.31 -37.80
C THR B 601 -8.72 8.88 -38.17
N THR B 602 -8.03 7.92 -37.56
CA THR B 602 -8.30 6.51 -37.82
C THR B 602 -9.62 6.09 -37.19
N LYS B 603 -10.16 4.95 -37.64
CA LYS B 603 -11.39 4.42 -37.08
C LYS B 603 -11.30 4.08 -35.59
N PRO B 604 -10.21 3.41 -35.15
CA PRO B 604 -10.14 3.14 -33.71
C PRO B 604 -10.10 4.41 -32.87
N GLN B 605 -9.56 5.49 -33.42
CA GLN B 605 -9.54 6.77 -32.72
C GLN B 605 -10.92 7.41 -32.75
N THR B 606 -11.61 7.27 -33.87
CA THR B 606 -12.97 7.81 -34.02
C THR B 606 -13.94 7.04 -33.13
N LYS B 607 -13.85 5.71 -33.18
CA LYS B 607 -14.66 4.84 -32.34
C LYS B 607 -14.44 5.13 -30.87
N GLU B 608 -13.20 5.45 -30.52
CA GLU B 608 -12.84 5.75 -29.14
C GLU B 608 -13.50 7.03 -28.65
N MET B 609 -13.43 8.07 -29.49
CA MET B 609 -14.03 9.36 -29.13
C MET B 609 -15.53 9.34 -29.34
N MET B 610 -16.02 8.39 -30.13
CA MET B 610 -17.45 8.16 -30.25
C MET B 610 -17.99 7.72 -28.89
N HIS B 611 -17.24 6.86 -28.22
CA HIS B 611 -17.61 6.37 -26.90
C HIS B 611 -17.61 7.49 -25.87
N MET B 612 -16.59 8.36 -25.93
CA MET B 612 -16.47 9.46 -24.99
C MET B 612 -17.63 10.44 -25.12
N CYS B 613 -18.09 10.65 -26.35
CA CYS B 613 -19.24 11.51 -26.61
C CYS B 613 -20.51 10.90 -26.05
N MET B 614 -20.63 9.59 -26.17
CA MET B 614 -21.81 8.87 -25.69
C MET B 614 -21.85 8.82 -24.17
N ARG B 615 -20.67 8.82 -23.54
CA ARG B 615 -20.59 8.72 -22.09
C ARG B 615 -20.93 10.05 -21.41
N GLN B 616 -21.11 11.10 -22.22
CA GLN B 616 -21.62 12.36 -21.70
C GLN B 616 -23.00 12.14 -21.11
N GLU B 617 -23.30 12.86 -20.02
CA GLU B 617 -24.54 12.65 -19.30
C GLU B 617 -25.78 13.00 -20.14
N THR B 618 -25.64 13.99 -21.02
CA THR B 618 -26.74 14.38 -21.88
C THR B 618 -27.00 13.33 -22.96
N TYR B 619 -25.97 12.55 -23.28
CA TYR B 619 -26.08 11.48 -24.26
C TYR B 619 -26.54 10.17 -23.63
N MET B 620 -26.04 9.89 -22.43
CA MET B 620 -26.44 8.69 -21.70
C MET B 620 -27.91 8.73 -21.34
N GLU B 621 -28.41 9.93 -21.02
CA GLU B 621 -29.79 10.10 -20.61
C GLU B 621 -30.74 10.01 -21.80
N ALA B 622 -30.33 10.58 -22.92
CA ALA B 622 -31.19 10.65 -24.10
C ALA B 622 -31.28 9.32 -24.83
N LEU B 623 -30.17 8.58 -24.87
CA LEU B 623 -30.09 7.34 -25.63
C LEU B 623 -30.56 6.11 -24.87
N SER B 624 -30.85 6.28 -23.59
CA SER B 624 -31.21 5.13 -22.75
C SER B 624 -32.66 5.17 -22.28
N HIS B 625 -33.19 3.98 -21.99
CA HIS B 625 -34.54 3.81 -21.44
C HIS B 625 -35.60 4.43 -22.34
N LEU B 626 -35.88 3.78 -23.46
CA LEU B 626 -36.85 4.28 -24.41
C LEU B 626 -37.47 3.13 -25.22
N GLN B 627 -38.62 3.40 -25.81
CA GLN B 627 -39.26 2.44 -26.70
C GLN B 627 -38.64 2.53 -28.09
N SER B 628 -38.22 1.38 -28.63
CA SER B 628 -37.61 1.35 -29.95
C SER B 628 -38.61 1.79 -31.01
N PRO B 629 -38.24 2.81 -31.81
CA PRO B 629 -39.08 3.27 -32.92
C PRO B 629 -39.39 2.14 -33.91
N LEU B 630 -38.44 1.22 -34.06
CA LEU B 630 -38.62 0.06 -34.92
C LEU B 630 -39.72 -0.87 -34.41
N ASP B 631 -39.83 -0.95 -33.08
CA ASP B 631 -40.81 -1.82 -32.45
C ASP B 631 -41.07 -1.36 -31.01
N PRO B 632 -42.25 -0.77 -30.77
CA PRO B 632 -42.61 -0.17 -29.47
C PRO B 632 -42.66 -1.19 -28.34
N SER B 633 -42.76 -2.47 -28.66
CA SER B 633 -42.76 -3.51 -27.63
C SER B 633 -41.33 -3.85 -27.23
N THR B 634 -40.37 -3.50 -28.09
CA THR B 634 -38.96 -3.69 -27.79
C THR B 634 -38.42 -2.50 -27.01
N LEU B 635 -37.84 -2.76 -25.85
CA LEU B 635 -37.34 -1.71 -24.99
C LEU B 635 -35.83 -1.54 -25.12
N LEU B 636 -35.41 -0.30 -25.38
CA LEU B 636 -33.98 0.03 -25.43
C LEU B 636 -33.56 0.67 -24.12
N GLU B 637 -33.11 -0.16 -23.18
CA GLU B 637 -32.77 0.31 -21.84
C GLU B 637 -31.37 0.90 -21.79
N GLU B 638 -30.49 0.28 -21.01
CA GLU B 638 -29.12 0.75 -20.88
C GLU B 638 -28.34 0.54 -22.17
N VAL B 639 -27.68 1.59 -22.64
CA VAL B 639 -26.88 1.51 -23.85
C VAL B 639 -25.47 0.99 -23.55
N CYS B 640 -25.04 0.00 -24.32
CA CYS B 640 -23.71 -0.58 -24.14
C CYS B 640 -22.70 0.16 -25.02
N VAL B 641 -22.18 1.26 -24.48
CA VAL B 641 -21.25 2.12 -25.20
C VAL B 641 -20.01 1.35 -25.68
N GLU B 642 -19.56 0.42 -24.84
CA GLU B 642 -18.37 -0.37 -25.15
C GLU B 642 -18.55 -1.20 -26.42
N GLN B 643 -19.78 -1.61 -26.68
CA GLN B 643 -20.07 -2.47 -27.83
C GLN B 643 -20.67 -1.68 -28.99
N CYS B 644 -20.59 -0.35 -28.89
CA CYS B 644 -21.07 0.52 -29.95
C CYS B 644 -19.95 0.87 -30.91
N THR B 645 -20.29 1.00 -32.19
CA THR B 645 -19.31 1.34 -33.21
C THR B 645 -19.99 1.91 -34.45
N PHE B 646 -19.24 1.94 -35.56
CA PHE B 646 -19.77 2.41 -36.84
C PHE B 646 -19.09 1.68 -37.98
N MET B 647 -19.69 1.77 -39.17
CA MET B 647 -19.14 1.11 -40.35
C MET B 647 -18.23 2.08 -41.11
N ASP B 648 -17.21 1.52 -41.77
CA ASP B 648 -16.25 2.32 -42.52
C ASP B 648 -16.82 2.79 -43.85
N SER B 649 -18.10 2.50 -44.09
CA SER B 649 -18.71 2.73 -45.38
C SER B 649 -19.26 4.15 -45.55
N LYS B 650 -19.63 4.45 -46.80
CA LYS B 650 -20.19 5.73 -47.25
C LYS B 650 -20.75 6.66 -46.18
N MET B 651 -21.94 6.32 -45.68
CA MET B 651 -22.66 7.21 -44.77
C MET B 651 -22.27 7.02 -43.31
N LYS B 652 -21.29 6.16 -43.07
CA LYS B 652 -20.81 5.86 -41.71
C LYS B 652 -21.95 5.60 -40.72
N PRO B 653 -22.77 4.58 -40.97
CA PRO B 653 -23.92 4.32 -40.10
C PRO B 653 -23.50 3.84 -38.71
N LEU B 654 -24.32 4.12 -37.71
CA LEU B 654 -23.98 3.81 -36.32
C LEU B 654 -24.50 2.45 -35.88
N TRP B 655 -23.73 1.81 -35.00
CA TRP B 655 -24.11 0.52 -34.43
C TRP B 655 -24.31 0.67 -32.93
N ILE B 656 -25.56 0.76 -32.50
CA ILE B 656 -25.87 0.99 -31.08
C ILE B 656 -26.47 -0.25 -30.42
N MET B 657 -25.75 -0.82 -29.48
CA MET B 657 -26.21 -2.00 -28.76
C MET B 657 -26.87 -1.64 -27.43
N TYR B 658 -27.75 -2.50 -26.96
CA TYR B 658 -28.44 -2.28 -25.70
C TYR B 658 -28.46 -3.54 -24.83
N SER B 659 -28.78 -3.36 -23.56
CA SER B 659 -28.92 -4.47 -22.63
C SER B 659 -29.93 -4.13 -21.55
N SER B 660 -30.52 -5.15 -20.94
CA SER B 660 -31.51 -4.95 -19.88
C SER B 660 -31.34 -6.00 -18.79
N GLU B 661 -31.37 -5.55 -17.53
CA GLU B 661 -31.22 -6.46 -16.40
C GLU B 661 -32.59 -6.96 -15.93
N GLU B 662 -33.56 -6.96 -16.84
CA GLU B 662 -34.88 -7.49 -16.55
C GLU B 662 -35.33 -8.45 -17.64
N ALA B 663 -34.79 -8.25 -18.84
CA ALA B 663 -35.15 -9.08 -19.99
C ALA B 663 -34.16 -10.22 -20.18
N GLY B 664 -32.99 -10.08 -19.56
CA GLY B 664 -31.93 -11.07 -19.70
C GLY B 664 -31.30 -11.01 -21.06
N SER B 665 -31.44 -12.09 -21.83
CA SER B 665 -30.90 -12.15 -23.18
C SER B 665 -31.85 -11.49 -24.18
N ALA B 666 -33.12 -11.39 -23.80
CA ALA B 666 -34.13 -10.79 -24.66
C ALA B 666 -33.99 -9.26 -24.69
N GLY B 667 -33.13 -8.73 -23.84
CA GLY B 667 -32.90 -7.31 -23.76
C GLY B 667 -31.63 -6.88 -24.48
N ASN B 668 -30.79 -7.85 -24.82
CA ASN B 668 -29.58 -7.56 -25.57
C ASN B 668 -29.87 -7.38 -27.06
N VAL B 669 -30.38 -6.20 -27.41
CA VAL B 669 -30.71 -5.91 -28.80
C VAL B 669 -29.91 -4.71 -29.31
N GLY B 670 -29.99 -4.48 -30.62
CA GLY B 670 -29.27 -3.37 -31.22
C GLY B 670 -30.05 -2.69 -32.33
N ILE B 671 -29.70 -1.45 -32.63
CA ILE B 671 -30.32 -0.71 -33.72
C ILE B 671 -29.26 -0.05 -34.60
N ILE B 672 -29.56 0.07 -35.88
CA ILE B 672 -28.63 0.70 -36.83
C ILE B 672 -29.16 2.06 -37.27
N PHE B 673 -28.42 3.11 -36.91
CA PHE B 673 -28.79 4.47 -37.29
C PHE B 673 -28.03 4.90 -38.53
N LYS B 674 -28.76 5.19 -39.60
CA LYS B 674 -28.14 5.62 -40.85
C LYS B 674 -28.70 6.97 -41.29
N ASN B 675 -27.80 7.90 -41.59
CA ASN B 675 -28.21 9.23 -42.04
C ASN B 675 -27.56 9.59 -43.37
N GLY B 676 -28.39 9.82 -44.39
CA GLY B 676 -27.90 10.17 -45.71
C GLY B 676 -28.65 9.48 -46.81
N ASP B 677 -28.86 8.18 -46.66
CA ASP B 677 -29.58 7.40 -47.66
C ASP B 677 -31.09 7.39 -47.42
N ASP B 678 -31.85 7.18 -48.48
CA ASP B 678 -33.30 7.10 -48.41
C ASP B 678 -33.70 5.67 -48.03
N LEU B 679 -34.60 5.54 -47.06
CA LEU B 679 -34.91 4.22 -46.49
C LEU B 679 -36.34 3.74 -46.74
N ARG B 680 -37.16 4.54 -47.41
CA ARG B 680 -38.54 4.16 -47.70
C ARG B 680 -38.59 2.97 -48.66
N GLN B 681 -37.59 2.88 -49.54
CA GLN B 681 -37.50 1.75 -50.47
C GLN B 681 -37.26 0.46 -49.71
N ASP B 682 -36.31 0.50 -48.78
CA ASP B 682 -35.98 -0.67 -47.97
C ASP B 682 -37.14 -1.05 -47.07
N MET B 683 -37.81 -0.05 -46.51
CA MET B 683 -38.98 -0.29 -45.66
C MET B 683 -40.10 -0.97 -46.44
N LEU B 684 -40.39 -0.43 -47.61
CA LEU B 684 -41.43 -0.99 -48.47
C LEU B 684 -41.10 -2.41 -48.88
N THR B 685 -39.85 -2.63 -49.27
CA THR B 685 -39.40 -3.95 -49.69
C THR B 685 -39.51 -4.98 -48.56
N LEU B 686 -39.00 -4.60 -47.39
CA LEU B 686 -39.05 -5.48 -46.22
C LEU B 686 -40.48 -5.74 -45.77
N GLN B 687 -41.35 -4.74 -45.94
CA GLN B 687 -42.75 -4.91 -45.58
C GLN B 687 -43.44 -5.85 -46.56
N MET B 688 -43.05 -5.76 -47.83
CA MET B 688 -43.59 -6.64 -48.86
C MET B 688 -43.09 -8.07 -48.65
N ILE B 689 -41.83 -8.20 -48.24
CA ILE B 689 -41.28 -9.50 -47.89
C ILE B 689 -42.00 -10.06 -46.67
N GLN B 690 -42.28 -9.18 -45.71
CA GLN B 690 -43.06 -9.54 -44.53
C GLN B 690 -44.44 -10.05 -44.91
N LEU B 691 -45.06 -9.39 -45.88
CA LEU B 691 -46.38 -9.79 -46.37
C LEU B 691 -46.31 -11.17 -47.00
N MET B 692 -45.26 -11.41 -47.79
CA MET B 692 -45.02 -12.72 -48.40
C MET B 692 -44.90 -13.79 -47.33
N ASP B 693 -44.21 -13.47 -46.25
CA ASP B 693 -44.03 -14.39 -45.14
C ASP B 693 -45.37 -14.75 -44.50
N VAL B 694 -46.24 -13.76 -44.37
CA VAL B 694 -47.57 -13.97 -43.81
C VAL B 694 -48.42 -14.85 -44.71
N LEU B 695 -48.44 -14.51 -46.01
CA LEU B 695 -49.19 -15.27 -46.99
C LEU B 695 -48.69 -16.70 -47.10
N TRP B 696 -47.40 -16.90 -46.87
CA TRP B 696 -46.80 -18.22 -46.89
C TRP B 696 -47.17 -19.03 -45.66
N LYS B 697 -47.02 -18.42 -44.49
CA LYS B 697 -47.27 -19.10 -43.22
C LYS B 697 -48.77 -19.36 -43.00
N GLN B 698 -49.61 -18.56 -43.64
CA GLN B 698 -51.06 -18.74 -43.52
C GLN B 698 -51.56 -19.84 -44.45
N GLU B 699 -50.61 -20.58 -45.03
CA GLU B 699 -50.94 -21.76 -45.83
C GLU B 699 -50.00 -22.91 -45.48
N GLY B 700 -49.32 -22.78 -44.34
CA GLY B 700 -48.51 -23.86 -43.81
C GLY B 700 -47.03 -23.83 -44.18
N LEU B 701 -46.65 -22.90 -45.05
CA LEU B 701 -45.27 -22.82 -45.51
C LEU B 701 -44.45 -21.76 -44.77
N ASP B 702 -43.57 -22.20 -43.90
CA ASP B 702 -42.66 -21.30 -43.20
C ASP B 702 -41.27 -21.37 -43.84
N LEU B 703 -40.95 -20.36 -44.64
CA LEU B 703 -39.67 -20.32 -45.33
C LEU B 703 -38.58 -19.67 -44.49
N ARG B 704 -38.84 -19.54 -43.19
CA ARG B 704 -37.85 -19.05 -42.23
C ARG B 704 -37.27 -17.70 -42.63
N MET B 705 -38.14 -16.76 -42.96
CA MET B 705 -37.72 -15.43 -43.39
C MET B 705 -37.27 -14.58 -42.20
N THR B 706 -36.46 -13.56 -42.48
CA THR B 706 -36.02 -12.63 -41.44
C THR B 706 -36.39 -11.20 -41.83
N PRO B 707 -37.65 -10.82 -41.60
CA PRO B 707 -38.13 -9.47 -41.90
C PRO B 707 -37.77 -8.47 -40.81
N TYR B 708 -36.50 -8.09 -40.73
CA TYR B 708 -36.03 -7.16 -39.71
C TYR B 708 -36.65 -5.78 -39.89
N GLY B 709 -36.71 -5.02 -38.80
CA GLY B 709 -37.35 -3.72 -38.81
C GLY B 709 -36.58 -2.65 -39.57
N CYS B 710 -37.33 -1.76 -40.23
CA CYS B 710 -36.75 -0.64 -40.94
C CYS B 710 -37.74 0.52 -40.98
N LEU B 711 -37.36 1.64 -40.36
CA LEU B 711 -38.26 2.77 -40.25
C LEU B 711 -37.57 4.10 -40.48
N PRO B 712 -37.95 4.80 -41.57
CA PRO B 712 -37.51 6.19 -41.78
C PRO B 712 -38.09 7.09 -40.69
N THR B 713 -37.25 7.93 -40.10
CA THR B 713 -37.69 8.81 -39.02
C THR B 713 -37.58 10.28 -39.42
N GLY B 714 -36.80 10.54 -40.45
CA GLY B 714 -36.62 11.91 -40.94
C GLY B 714 -36.13 11.95 -42.38
N ASP B 715 -35.65 13.11 -42.79
CA ASP B 715 -35.14 13.29 -44.16
C ASP B 715 -33.88 12.46 -44.36
N ARG B 716 -34.02 11.36 -45.11
CA ARG B 716 -32.92 10.43 -45.37
C ARG B 716 -32.32 9.94 -44.06
N THR B 717 -33.17 9.81 -43.05
CA THR B 717 -32.76 9.38 -41.72
C THR B 717 -33.72 8.32 -41.20
N GLY B 718 -33.17 7.23 -40.66
CA GLY B 718 -34.01 6.16 -40.14
C GLY B 718 -33.26 5.14 -39.31
N LEU B 719 -33.95 4.08 -38.94
CA LEU B 719 -33.37 3.02 -38.12
C LEU B 719 -33.52 1.66 -38.79
N ILE B 720 -32.55 0.79 -38.52
CA ILE B 720 -32.60 -0.59 -39.00
C ILE B 720 -32.32 -1.54 -37.83
N GLU B 721 -33.19 -2.52 -37.66
CA GLU B 721 -33.03 -3.47 -36.57
C GLU B 721 -31.83 -4.39 -36.80
N VAL B 722 -30.98 -4.51 -35.79
CA VAL B 722 -29.84 -5.41 -35.87
C VAL B 722 -30.28 -6.86 -35.78
N VAL B 723 -29.95 -7.63 -36.81
CA VAL B 723 -30.15 -9.07 -36.77
C VAL B 723 -28.96 -9.70 -36.06
N LEU B 724 -29.15 -10.03 -34.79
CA LEU B 724 -28.07 -10.54 -33.96
C LEU B 724 -27.57 -11.90 -34.42
N HIS B 725 -26.34 -12.24 -34.04
CA HIS B 725 -25.73 -13.53 -34.33
C HIS B 725 -25.76 -13.86 -35.82
N SER B 726 -25.28 -12.92 -36.63
CA SER B 726 -25.28 -13.09 -38.07
C SER B 726 -24.03 -12.49 -38.70
N ASP B 727 -23.84 -12.75 -39.99
CA ASP B 727 -22.70 -12.21 -40.73
C ASP B 727 -23.01 -12.16 -42.21
N THR B 728 -22.30 -11.31 -42.94
CA THR B 728 -22.47 -11.21 -44.38
C THR B 728 -21.78 -12.36 -45.08
N ILE B 729 -22.29 -12.74 -46.25
CA ILE B 729 -21.70 -13.81 -47.04
C ILE B 729 -20.27 -13.47 -47.45
N ALA B 730 -20.05 -12.20 -47.79
CA ALA B 730 -18.74 -11.73 -48.21
C ALA B 730 -17.68 -11.89 -47.12
N ASN B 731 -18.05 -11.54 -45.90
CA ASN B 731 -17.13 -11.63 -44.77
C ASN B 731 -16.82 -13.08 -44.43
N ILE B 732 -17.77 -13.97 -44.71
CA ILE B 732 -17.58 -15.40 -44.47
C ILE B 732 -16.78 -16.01 -45.61
N GLN B 733 -17.11 -15.63 -46.84
CA GLN B 733 -16.39 -16.11 -48.02
C GLN B 733 -15.02 -15.46 -48.16
N LEU B 734 -14.72 -14.53 -47.26
CA LEU B 734 -13.39 -13.92 -47.20
C LEU B 734 -12.37 -15.01 -46.89
N ASN B 735 -12.85 -16.05 -46.20
CA ASN B 735 -12.04 -17.21 -45.84
C ASN B 735 -10.79 -16.80 -45.09
N LYS B 736 -10.99 -16.19 -43.93
CA LYS B 736 -9.91 -15.80 -43.03
C LYS B 736 -9.02 -16.99 -42.71
N SER B 737 -7.80 -16.72 -42.24
CA SER B 737 -7.00 -17.75 -41.62
C SER B 737 -7.47 -17.89 -40.19
N ASN B 738 -6.60 -18.41 -39.33
CA ASN B 738 -6.82 -18.48 -37.88
C ASN B 738 -8.26 -18.74 -37.40
N MET B 739 -9.08 -19.38 -38.22
CA MET B 739 -10.48 -19.60 -37.84
C MET B 739 -10.90 -21.05 -37.96
N ALA B 740 -12.18 -21.30 -37.69
CA ALA B 740 -12.74 -22.65 -37.79
C ALA B 740 -13.50 -22.83 -39.09
N ALA B 741 -13.63 -21.74 -39.84
CA ALA B 741 -14.34 -21.77 -41.12
C ALA B 741 -13.36 -21.75 -42.29
N THR B 742 -12.07 -21.85 -41.98
CA THR B 742 -11.04 -21.87 -43.01
C THR B 742 -11.19 -23.10 -43.89
N ALA B 743 -11.49 -22.88 -45.16
CA ALA B 743 -11.78 -23.98 -46.08
C ALA B 743 -10.64 -24.22 -47.07
N ALA B 744 -10.58 -25.44 -47.60
CA ALA B 744 -9.60 -25.80 -48.61
C ALA B 744 -10.02 -25.23 -49.97
N PHE B 745 -11.32 -25.22 -50.21
CA PHE B 745 -11.89 -24.63 -51.41
C PHE B 745 -12.91 -23.58 -51.00
N ASN B 746 -13.01 -22.50 -51.78
CA ASN B 746 -13.88 -21.38 -51.44
C ASN B 746 -15.35 -21.77 -51.38
N LYS B 747 -15.70 -22.87 -52.03
CA LYS B 747 -17.07 -23.38 -52.02
C LYS B 747 -17.48 -23.81 -50.62
N ASP B 748 -16.51 -24.35 -49.87
CA ASP B 748 -16.77 -24.91 -48.55
C ASP B 748 -16.77 -23.85 -47.46
N ALA B 749 -16.46 -22.62 -47.83
CA ALA B 749 -16.32 -21.52 -46.87
C ALA B 749 -17.60 -21.30 -46.05
N LEU B 750 -18.74 -21.34 -46.72
CA LEU B 750 -20.01 -21.12 -46.05
C LEU B 750 -20.46 -22.35 -45.28
N LEU B 751 -20.20 -23.52 -45.84
CA LEU B 751 -20.62 -24.76 -45.21
C LEU B 751 -19.77 -25.01 -43.95
N ASN B 752 -18.48 -24.73 -44.03
CA ASN B 752 -17.60 -24.83 -42.87
C ASN B 752 -18.03 -23.87 -41.76
N TRP B 753 -18.57 -22.73 -42.16
CA TRP B 753 -19.06 -21.74 -41.22
C TRP B 753 -20.29 -22.27 -40.47
N LEU B 754 -21.21 -22.88 -41.22
CA LEU B 754 -22.43 -23.43 -40.64
C LEU B 754 -22.15 -24.59 -39.69
N LYS B 755 -21.23 -25.47 -40.06
CA LYS B 755 -20.86 -26.61 -39.20
C LYS B 755 -20.07 -26.16 -37.97
N SER B 756 -19.40 -25.02 -38.07
CA SER B 756 -18.69 -24.47 -36.92
C SER B 756 -19.67 -23.86 -35.92
N LYS B 757 -20.80 -23.38 -36.44
CA LYS B 757 -21.84 -22.80 -35.60
C LYS B 757 -22.86 -23.85 -35.16
N ASN B 758 -23.04 -24.87 -35.99
CA ASN B 758 -23.99 -25.93 -35.70
C ASN B 758 -23.30 -27.30 -35.66
N PRO B 759 -22.70 -27.63 -34.51
CA PRO B 759 -21.94 -28.87 -34.34
C PRO B 759 -22.82 -30.11 -34.26
N GLY B 760 -22.36 -31.20 -34.86
CA GLY B 760 -23.04 -32.48 -34.78
C GLY B 760 -24.41 -32.52 -35.42
N GLU B 761 -25.41 -32.93 -34.64
CA GLU B 761 -26.77 -33.08 -35.12
C GLU B 761 -27.40 -31.74 -35.51
N ALA B 762 -26.90 -30.67 -34.92
CA ALA B 762 -27.45 -29.33 -35.13
C ALA B 762 -27.26 -28.85 -36.57
N LEU B 763 -26.30 -29.44 -37.27
CA LEU B 763 -26.01 -29.06 -38.64
C LEU B 763 -27.18 -29.33 -39.59
N ASP B 764 -27.80 -30.49 -39.44
CA ASP B 764 -28.90 -30.90 -40.31
C ASP B 764 -30.05 -29.90 -40.30
N ARG B 765 -30.26 -29.26 -39.17
CA ARG B 765 -31.33 -28.28 -39.05
C ARG B 765 -30.94 -26.97 -39.72
N ALA B 766 -29.68 -26.58 -39.58
CA ALA B 766 -29.17 -25.35 -40.17
C ALA B 766 -29.25 -25.40 -41.70
N ILE B 767 -29.04 -26.58 -42.26
CA ILE B 767 -29.14 -26.78 -43.70
C ILE B 767 -30.57 -26.54 -44.18
N GLU B 768 -31.53 -27.02 -43.41
CA GLU B 768 -32.94 -26.86 -43.75
C GLU B 768 -33.37 -25.40 -43.62
N GLU B 769 -32.90 -24.74 -42.56
CA GLU B 769 -33.15 -23.32 -42.37
C GLU B 769 -32.58 -22.53 -43.54
N PHE B 770 -31.37 -22.90 -43.95
CA PHE B 770 -30.71 -22.28 -45.10
C PHE B 770 -31.51 -22.51 -46.37
N THR B 771 -31.89 -23.76 -46.60
CA THR B 771 -32.62 -24.14 -47.81
C THR B 771 -33.96 -23.44 -47.92
N LEU B 772 -34.67 -23.34 -46.79
CA LEU B 772 -35.96 -22.66 -46.74
C LEU B 772 -35.81 -21.16 -46.97
N SER B 773 -34.90 -20.55 -46.23
CA SER B 773 -34.67 -19.11 -46.32
C SER B 773 -34.11 -18.72 -47.69
N CYS B 774 -33.33 -19.62 -48.28
CA CYS B 774 -32.79 -19.38 -49.61
C CYS B 774 -33.92 -19.27 -50.62
N ALA B 775 -34.81 -20.26 -50.62
CA ALA B 775 -35.94 -20.29 -51.53
C ALA B 775 -36.83 -19.06 -51.36
N GLY B 776 -36.97 -18.61 -50.12
CA GLY B 776 -37.83 -17.47 -49.81
C GLY B 776 -37.37 -16.18 -50.44
N TYR B 777 -36.11 -15.80 -50.18
CA TYR B 777 -35.57 -14.57 -50.71
C TYR B 777 -35.32 -14.67 -52.20
N CYS B 778 -35.08 -15.89 -52.68
CA CYS B 778 -34.91 -16.14 -54.10
C CYS B 778 -36.18 -15.79 -54.87
N VAL B 779 -37.32 -16.22 -54.37
CA VAL B 779 -38.61 -15.88 -54.97
C VAL B 779 -38.93 -14.41 -54.75
N ALA B 780 -38.65 -13.93 -53.54
CA ALA B 780 -38.95 -12.55 -53.16
C ALA B 780 -38.18 -11.54 -54.02
N THR B 781 -36.90 -11.82 -54.27
CA THR B 781 -36.08 -10.91 -55.07
C THR B 781 -36.46 -10.96 -56.55
N TYR B 782 -36.97 -12.09 -57.00
CA TYR B 782 -37.40 -12.23 -58.39
C TYR B 782 -38.70 -11.49 -58.63
N VAL B 783 -39.67 -11.69 -57.73
CA VAL B 783 -40.98 -11.05 -57.84
C VAL B 783 -40.86 -9.53 -57.72
N LEU B 784 -40.16 -9.08 -56.68
CA LEU B 784 -39.99 -7.65 -56.44
C LEU B 784 -38.93 -7.03 -57.36
N GLY B 785 -38.18 -7.88 -58.05
CA GLY B 785 -37.17 -7.43 -58.98
C GLY B 785 -35.98 -6.78 -58.31
N ILE B 786 -35.50 -7.40 -57.24
CA ILE B 786 -34.35 -6.90 -56.50
C ILE B 786 -33.05 -7.37 -57.14
N GLY B 787 -32.42 -6.49 -57.91
CA GLY B 787 -31.15 -6.80 -58.55
C GLY B 787 -29.98 -6.38 -57.69
N ASP B 788 -28.79 -6.37 -58.29
CA ASP B 788 -27.56 -5.98 -57.61
C ASP B 788 -27.34 -6.78 -56.33
N ARG B 789 -27.62 -8.08 -56.41
CA ARG B 789 -27.46 -8.95 -55.25
C ARG B 789 -26.09 -9.62 -55.26
N HIS B 790 -25.22 -9.20 -54.33
CA HIS B 790 -23.90 -9.78 -54.21
C HIS B 790 -23.65 -10.27 -52.78
N SER B 791 -22.41 -10.66 -52.50
CA SER B 791 -22.08 -11.26 -51.20
C SER B 791 -22.06 -10.23 -50.07
N ASP B 792 -22.06 -8.94 -50.42
CA ASP B 792 -22.00 -7.89 -49.42
C ASP B 792 -23.38 -7.50 -48.88
N ASN B 793 -24.41 -7.70 -49.68
CA ASN B 793 -25.77 -7.35 -49.26
C ASN B 793 -26.63 -8.57 -48.94
N ILE B 794 -25.97 -9.72 -48.79
CA ILE B 794 -26.65 -10.94 -48.36
C ILE B 794 -26.00 -11.44 -47.08
N MET B 795 -26.81 -11.65 -46.05
CA MET B 795 -26.29 -12.13 -44.77
C MET B 795 -26.89 -13.48 -44.40
N ILE B 796 -26.39 -14.05 -43.31
CA ILE B 796 -26.86 -15.35 -42.85
C ILE B 796 -26.71 -15.49 -41.34
N ARG B 797 -27.77 -15.94 -40.67
CA ARG B 797 -27.74 -16.15 -39.24
C ARG B 797 -27.03 -17.46 -38.89
N GLU B 798 -26.60 -17.58 -37.64
CA GLU B 798 -25.92 -18.79 -37.17
C GLU B 798 -26.86 -19.98 -37.14
N SER B 799 -28.16 -19.70 -37.17
CA SER B 799 -29.18 -20.76 -37.21
C SER B 799 -29.24 -21.39 -38.60
N GLY B 800 -28.68 -20.69 -39.58
CA GLY B 800 -28.66 -21.17 -40.95
C GLY B 800 -29.44 -20.30 -41.92
N GLN B 801 -30.38 -19.52 -41.38
CA GLN B 801 -31.24 -18.67 -42.18
C GLN B 801 -30.46 -17.57 -42.88
N LEU B 802 -30.56 -17.50 -44.20
CA LEU B 802 -29.95 -16.41 -44.95
C LEU B 802 -31.00 -15.35 -45.25
N PHE B 803 -30.60 -14.09 -45.18
CA PHE B 803 -31.51 -12.98 -45.44
C PHE B 803 -30.81 -11.86 -46.21
N HIS B 804 -31.58 -11.14 -47.01
CA HIS B 804 -31.03 -10.06 -47.83
C HIS B 804 -31.13 -8.72 -47.11
N ILE B 805 -30.19 -7.82 -47.41
CA ILE B 805 -30.20 -6.47 -46.85
C ILE B 805 -29.92 -5.43 -47.92
N ASP B 806 -30.05 -4.17 -47.55
CA ASP B 806 -29.76 -3.04 -48.44
C ASP B 806 -30.49 -3.15 -49.77
N PHE B 807 -31.82 -3.08 -49.73
CA PHE B 807 -32.63 -3.14 -50.93
C PHE B 807 -32.67 -1.77 -51.61
N GLY B 808 -31.67 -1.50 -52.44
CA GLY B 808 -31.55 -0.20 -53.09
C GLY B 808 -32.48 -0.05 -54.28
N HIS B 809 -32.49 -1.06 -55.15
CA HIS B 809 -33.28 -0.99 -56.38
C HIS B 809 -34.23 -2.17 -56.52
N PHE B 810 -35.53 -1.87 -56.61
CA PHE B 810 -36.52 -2.90 -56.84
C PHE B 810 -37.27 -2.65 -58.15
N LEU B 811 -38.08 -3.63 -58.56
CA LEU B 811 -38.86 -3.56 -59.80
C LEU B 811 -37.97 -3.34 -61.03
N GLY B 812 -36.78 -3.92 -61.01
CA GLY B 812 -35.87 -3.86 -62.15
C GLY B 812 -35.06 -2.59 -62.23
N ASN B 813 -35.62 -1.48 -61.75
CA ASN B 813 -34.96 -0.19 -61.80
C ASN B 813 -33.67 -0.16 -60.97
N ARG B 824 -35.40 -5.30 -66.31
CA ARG B 824 -35.87 -6.67 -66.11
C ARG B 824 -34.80 -7.51 -65.41
N VAL B 825 -35.03 -7.84 -64.14
CA VAL B 825 -34.09 -8.62 -63.36
C VAL B 825 -34.44 -10.10 -63.37
N PRO B 826 -33.55 -10.93 -63.91
CA PRO B 826 -33.74 -12.39 -63.98
C PRO B 826 -33.49 -13.05 -62.63
N PHE B 827 -33.41 -14.37 -62.62
CA PHE B 827 -33.24 -15.09 -61.35
C PHE B 827 -31.78 -15.39 -61.04
N ILE B 828 -31.48 -15.40 -59.74
CA ILE B 828 -30.14 -15.67 -59.21
C ILE B 828 -30.13 -17.05 -58.55
N LEU B 829 -28.99 -17.74 -58.55
CA LEU B 829 -28.92 -19.00 -57.80
C LEU B 829 -27.66 -19.22 -56.99
N THR B 830 -26.53 -18.66 -57.43
CA THR B 830 -25.27 -18.69 -56.66
C THR B 830 -24.88 -20.08 -56.15
N TYR B 831 -24.01 -20.77 -56.89
CA TYR B 831 -23.67 -22.16 -56.57
C TYR B 831 -23.20 -22.36 -55.13
N ASP B 832 -22.61 -21.32 -54.53
CA ASP B 832 -22.15 -21.40 -53.15
C ASP B 832 -23.28 -21.73 -52.19
N PHE B 833 -24.50 -21.34 -52.56
CA PHE B 833 -25.69 -21.68 -51.78
C PHE B 833 -26.15 -23.09 -52.14
N VAL B 834 -26.07 -23.42 -53.42
CA VAL B 834 -26.41 -24.75 -53.91
C VAL B 834 -25.50 -25.80 -53.27
N HIS B 835 -24.25 -25.41 -53.05
CA HIS B 835 -23.29 -26.28 -52.39
C HIS B 835 -23.70 -26.58 -50.96
N VAL B 836 -24.37 -25.60 -50.33
CA VAL B 836 -24.86 -25.77 -48.96
C VAL B 836 -26.16 -26.58 -48.94
N ILE B 837 -27.05 -26.30 -49.89
CA ILE B 837 -28.31 -27.01 -49.99
C ILE B 837 -28.10 -28.50 -50.24
N GLN B 838 -27.08 -28.83 -51.02
CA GLN B 838 -26.75 -30.21 -51.34
C GLN B 838 -25.75 -30.80 -50.32
N GLN B 839 -25.60 -30.11 -49.19
CA GLN B 839 -24.63 -30.47 -48.14
C GLN B 839 -23.20 -30.67 -48.64
N GLY B 840 -22.76 -29.90 -49.63
CA GLY B 840 -21.39 -30.02 -50.08
C GLY B 840 -21.08 -31.24 -50.92
N LYS B 841 -22.12 -31.98 -51.32
CA LYS B 841 -21.94 -33.06 -52.29
C LYS B 841 -22.35 -32.61 -53.68
N THR B 842 -21.57 -33.02 -54.67
CA THR B 842 -21.77 -32.60 -56.05
C THR B 842 -23.11 -33.06 -56.63
N ASN B 843 -23.62 -34.18 -56.11
CA ASN B 843 -24.86 -34.78 -56.58
C ASN B 843 -25.77 -35.20 -55.47
N ASN B 844 -26.89 -34.50 -55.39
CA ASN B 844 -27.89 -34.68 -54.36
C ASN B 844 -29.12 -33.81 -54.62
N SER B 845 -29.75 -34.26 -55.70
CA SER B 845 -30.96 -33.78 -56.34
C SER B 845 -32.22 -33.85 -55.49
N GLU B 846 -32.39 -34.97 -54.80
CA GLU B 846 -33.47 -35.21 -53.85
C GLU B 846 -33.75 -33.96 -53.05
N LYS B 847 -32.68 -33.31 -52.63
CA LYS B 847 -32.78 -32.10 -51.81
C LYS B 847 -32.82 -30.85 -52.66
N PHE B 848 -32.30 -30.95 -53.87
CA PHE B 848 -32.26 -29.83 -54.79
C PHE B 848 -33.62 -29.71 -55.47
N GLU B 849 -34.33 -30.83 -55.52
CA GLU B 849 -35.65 -30.88 -56.16
C GLU B 849 -36.76 -30.47 -55.18
N ARG B 850 -36.58 -30.77 -53.90
CA ARG B 850 -37.52 -30.32 -52.88
C ARG B 850 -37.27 -28.85 -52.61
N PHE B 851 -36.04 -28.40 -52.88
CA PHE B 851 -35.73 -26.98 -52.82
C PHE B 851 -36.37 -26.25 -54.00
N ARG B 852 -36.37 -26.90 -55.16
CA ARG B 852 -37.01 -26.35 -56.34
C ARG B 852 -38.52 -26.34 -56.14
N GLY B 853 -39.00 -27.31 -55.38
CA GLY B 853 -40.41 -27.37 -55.04
C GLY B 853 -40.79 -26.27 -54.08
N TYR B 854 -39.85 -25.91 -53.21
CA TYR B 854 -40.04 -24.82 -52.27
C TYR B 854 -40.31 -23.49 -52.96
N CYS B 855 -39.52 -23.22 -54.00
CA CYS B 855 -39.59 -21.96 -54.72
C CYS B 855 -40.91 -21.81 -55.48
N GLU B 856 -41.33 -22.90 -56.13
CA GLU B 856 -42.55 -22.87 -56.94
C GLU B 856 -43.80 -22.67 -56.08
N ARG B 857 -43.86 -23.40 -54.97
CA ARG B 857 -44.99 -23.30 -54.07
C ARG B 857 -45.05 -21.91 -53.46
N ALA B 858 -43.89 -21.38 -53.10
CA ALA B 858 -43.79 -20.02 -52.58
C ALA B 858 -44.18 -19.01 -53.65
N TYR B 859 -43.94 -19.37 -54.90
CA TYR B 859 -44.24 -18.49 -56.03
C TYR B 859 -45.72 -18.52 -56.40
N THR B 860 -46.31 -19.71 -56.41
CA THR B 860 -47.72 -19.86 -56.75
C THR B 860 -48.62 -19.23 -55.68
N ILE B 861 -48.17 -19.28 -54.43
CA ILE B 861 -48.91 -18.68 -53.33
C ILE B 861 -49.00 -17.16 -53.50
N LEU B 862 -47.88 -16.55 -53.89
CA LEU B 862 -47.85 -15.12 -54.13
C LEU B 862 -48.66 -14.73 -55.36
N ARG B 863 -48.81 -15.66 -56.28
CA ARG B 863 -49.57 -15.43 -57.51
C ARG B 863 -51.06 -15.25 -57.23
N ARG B 864 -51.60 -16.10 -56.36
CA ARG B 864 -53.02 -16.07 -56.04
C ARG B 864 -53.38 -14.85 -55.20
N HIS B 865 -52.36 -14.25 -54.58
CA HIS B 865 -52.54 -13.00 -53.86
C HIS B 865 -51.93 -11.85 -54.65
N GLY B 866 -51.77 -12.06 -55.95
CA GLY B 866 -51.12 -11.08 -56.82
C GLY B 866 -51.84 -9.74 -56.88
N LEU B 867 -53.16 -9.77 -56.79
CA LEU B 867 -53.96 -8.55 -56.81
C LEU B 867 -53.72 -7.71 -55.55
N LEU B 868 -53.37 -8.38 -54.46
CA LEU B 868 -53.03 -7.68 -53.23
C LEU B 868 -51.76 -6.88 -53.40
N PHE B 869 -50.73 -7.52 -53.98
CA PHE B 869 -49.48 -6.85 -54.26
C PHE B 869 -49.66 -5.74 -55.29
N LEU B 870 -50.58 -5.96 -56.23
CA LEU B 870 -50.88 -4.97 -57.26
C LEU B 870 -51.50 -3.71 -56.67
N HIS B 871 -52.52 -3.89 -55.84
CA HIS B 871 -53.25 -2.77 -55.27
C HIS B 871 -52.39 -1.97 -54.28
N LEU B 872 -51.54 -2.67 -53.54
CA LEU B 872 -50.68 -2.00 -52.57
C LEU B 872 -49.59 -1.18 -53.26
N PHE B 873 -49.01 -1.73 -54.31
CA PHE B 873 -47.99 -1.02 -55.08
C PHE B 873 -48.58 0.17 -55.83
N ALA B 874 -49.85 0.04 -56.22
CA ALA B 874 -50.55 1.13 -56.90
C ALA B 874 -50.74 2.32 -55.96
N LEU B 875 -51.03 2.02 -54.70
CA LEU B 875 -51.21 3.06 -53.70
C LEU B 875 -49.87 3.69 -53.30
N MET B 876 -48.79 2.91 -53.43
CA MET B 876 -47.46 3.39 -53.06
C MET B 876 -46.86 4.28 -54.14
N ARG B 877 -47.58 4.48 -55.23
CA ARG B 877 -47.15 5.40 -56.27
C ARG B 877 -47.23 6.84 -55.76
N ALA B 878 -48.07 7.04 -54.74
CA ALA B 878 -48.26 8.36 -54.14
C ALA B 878 -47.06 8.77 -53.30
N ALA B 879 -46.24 7.79 -52.92
CA ALA B 879 -45.06 8.05 -52.09
C ALA B 879 -44.02 8.87 -52.83
N GLY B 880 -44.10 8.85 -54.16
CA GLY B 880 -43.16 9.61 -54.97
C GLY B 880 -41.81 8.92 -55.08
N LEU B 881 -41.79 7.62 -54.85
CA LEU B 881 -40.58 6.83 -54.97
C LEU B 881 -40.11 6.83 -56.42
N PRO B 882 -38.81 7.14 -56.63
CA PRO B 882 -38.21 7.23 -57.96
C PRO B 882 -38.37 5.96 -58.79
N GLU B 883 -38.31 4.81 -58.14
CA GLU B 883 -38.42 3.53 -58.84
C GLU B 883 -39.85 2.99 -58.79
N LEU B 884 -40.78 3.86 -58.41
CA LEU B 884 -42.20 3.52 -58.42
C LEU B 884 -43.01 4.79 -58.75
N SER B 885 -42.74 5.34 -59.92
CA SER B 885 -43.38 6.58 -60.34
C SER B 885 -44.34 6.36 -61.52
N CYS B 886 -43.85 5.66 -62.54
CA CYS B 886 -44.65 5.39 -63.73
C CYS B 886 -45.43 4.10 -63.59
N SER B 887 -46.24 3.79 -64.60
CA SER B 887 -47.08 2.60 -64.59
C SER B 887 -46.31 1.37 -65.09
N LYS B 888 -45.13 1.62 -65.66
CA LYS B 888 -44.29 0.54 -66.16
C LYS B 888 -43.64 -0.22 -65.02
N ASP B 889 -43.47 0.46 -63.89
CA ASP B 889 -42.96 -0.19 -62.68
C ASP B 889 -43.98 -1.19 -62.17
N ILE B 890 -45.25 -0.81 -62.23
CA ILE B 890 -46.35 -1.70 -61.87
C ILE B 890 -46.40 -2.90 -62.82
N GLN B 891 -46.18 -2.63 -64.10
CA GLN B 891 -46.17 -3.67 -65.13
C GLN B 891 -45.15 -4.76 -64.84
N TYR B 892 -44.02 -4.37 -64.24
CA TYR B 892 -42.98 -5.31 -63.89
C TYR B 892 -43.50 -6.36 -62.90
N LEU B 893 -44.29 -5.90 -61.93
CA LEU B 893 -44.83 -6.79 -60.91
C LEU B 893 -45.84 -7.77 -61.52
N LYS B 894 -46.56 -7.31 -62.54
CA LYS B 894 -47.50 -8.17 -63.24
C LYS B 894 -46.75 -9.28 -63.98
N ASP B 895 -45.67 -8.93 -64.66
CA ASP B 895 -44.88 -9.90 -65.42
C ASP B 895 -44.12 -10.85 -64.50
N SER B 896 -43.60 -10.32 -63.40
CA SER B 896 -42.87 -11.14 -62.44
C SER B 896 -43.81 -12.14 -61.76
N LEU B 897 -45.05 -11.72 -61.55
CA LEU B 897 -46.05 -12.59 -60.93
C LEU B 897 -46.88 -13.32 -61.98
N ALA B 898 -46.70 -12.94 -63.25
CA ALA B 898 -47.42 -13.55 -64.37
C ALA B 898 -48.92 -13.57 -64.14
N LEU B 899 -49.48 -12.40 -63.87
CA LEU B 899 -50.90 -12.30 -63.49
C LEU B 899 -51.84 -12.28 -64.70
N GLY B 900 -51.29 -12.52 -65.88
CA GLY B 900 -52.09 -12.55 -67.09
C GLY B 900 -52.36 -13.97 -67.54
N LYS B 901 -51.57 -14.91 -67.01
CA LYS B 901 -51.68 -16.30 -67.41
C LYS B 901 -52.48 -17.06 -66.35
N THR B 902 -52.94 -18.28 -66.68
CA THR B 902 -53.76 -19.05 -65.75
C THR B 902 -52.91 -19.61 -64.62
N GLU B 903 -53.54 -20.38 -63.71
CA GLU B 903 -52.92 -20.83 -62.46
C GLU B 903 -51.44 -21.14 -62.60
N GLU B 904 -51.11 -22.20 -63.36
CA GLU B 904 -49.71 -22.41 -63.66
C GLU B 904 -49.40 -22.99 -65.05
N GLU B 905 -49.87 -22.32 -66.10
CA GLU B 905 -49.20 -22.41 -67.39
C GLU B 905 -48.51 -21.05 -67.46
N ALA B 906 -48.45 -20.35 -66.34
CA ALA B 906 -47.84 -19.01 -66.28
C ALA B 906 -46.43 -18.96 -66.85
N LEU B 907 -46.00 -20.09 -67.39
CA LEU B 907 -44.76 -20.36 -68.10
C LEU B 907 -44.55 -21.82 -67.76
N LYS B 908 -43.29 -22.18 -67.51
CA LYS B 908 -42.96 -22.80 -66.24
C LYS B 908 -41.70 -22.07 -65.89
N HIS B 909 -41.93 -21.23 -64.91
CA HIS B 909 -41.68 -19.79 -64.93
C HIS B 909 -40.33 -19.46 -64.44
N PHE B 910 -40.33 -19.34 -63.13
CA PHE B 910 -39.25 -19.78 -62.32
C PHE B 910 -38.40 -20.76 -63.12
N ARG B 911 -38.91 -21.99 -63.32
CA ARG B 911 -38.18 -23.09 -64.01
C ARG B 911 -37.42 -22.67 -65.25
N VAL B 912 -38.05 -21.99 -66.20
CA VAL B 912 -37.30 -21.51 -67.36
C VAL B 912 -36.13 -20.69 -66.84
N LYS B 913 -36.44 -19.57 -66.18
CA LYS B 913 -35.41 -18.68 -65.67
C LYS B 913 -34.67 -19.28 -64.47
N PHE B 914 -35.12 -20.44 -64.01
CA PHE B 914 -34.44 -21.17 -62.95
C PHE B 914 -33.48 -22.20 -63.56
N ASN B 915 -33.80 -22.66 -64.77
CA ASN B 915 -32.85 -23.46 -65.53
C ASN B 915 -31.99 -22.57 -66.44
N GLU B 916 -32.55 -21.43 -66.86
CA GLU B 916 -31.74 -20.40 -67.51
C GLU B 916 -30.64 -20.01 -66.56
N ALA B 917 -31.04 -19.59 -65.36
CA ALA B 917 -30.09 -19.53 -64.27
C ALA B 917 -29.72 -20.96 -63.90
C10 76C C . 52.58 -4.36 27.55
C13 76C C . 55.55 -6.42 24.04
C17 76C C . 51.34 -8.27 21.69
C20 76C C . 50.35 -9.12 21.16
C21 76C C . 49.47 -9.80 22.02
C22 76C C . 49.56 -9.64 23.40
C26 76C C . 54.16 -5.96 20.82
C01 76C C . 52.83 -4.12 25.10
C02 76C C . 52.34 -3.65 26.32
C03 76C C . 51.63 -2.45 26.32
N04 76C C . 51.40 -1.78 25.17
C05 76C C . 51.88 -2.29 24.03
N06 76C C . 52.58 -3.44 23.96
N07 76C C . 51.13 -1.91 27.49
N08 76C C . 51.66 -1.60 22.85
N09 76C C . 53.55 -5.32 25.04
N11 76C C . 52.77 -4.93 28.54
C12 76C C . 54.20 -5.76 23.81
C14 76C C . 53.21 -6.62 23.00
N15 76C C . 53.23 -6.69 21.61
C16 76C C . 52.33 -7.49 20.88
C18 76C C . 51.42 -8.11 23.09
N19 76C C . 52.37 -7.29 23.71
C23 76C C . 50.53 -8.80 23.92
CL2 76C C . 50.10 -9.43 19.48
O25 76C C . 52.33 -7.55 19.66
C27 76C C . 53.85 -4.64 20.45
N28 76C C . 54.66 -3.85 19.70
C29 76C C . 55.82 -4.40 19.30
C30 76C C . 56.21 -5.67 19.61
C31 76C C . 55.38 -6.50 20.38
C32 76C C . 55.83 -7.89 20.71
F33 76C C . 57.39 -6.14 19.17
C10 76C D . -28.73 -4.37 -42.12
C13 76C D . -23.90 -5.29 -43.34
C17 76C D . -22.56 -2.34 -39.31
C20 76C D . -22.06 -1.31 -38.51
C21 76C D . -22.74 -0.07 -38.43
C22 76C D . -23.91 0.13 -39.15
C26 76C D . -21.97 -5.86 -40.47
C01 76C D . -26.81 -5.45 -41.00
C02 76C D . -28.18 -5.21 -41.09
C03 76C D . -29.00 -5.79 -40.13
N04 76C D . -28.51 -6.58 -39.16
C05 76C D . -27.17 -6.78 -39.13
N06 76C D . -26.32 -6.25 -40.02
N07 76C D . -30.38 -5.59 -40.15
N08 76C D . -26.65 -7.58 -38.13
N09 76C D . -25.93 -4.89 -41.94
N11 76C D . -29.17 -3.69 -42.96
C12 76C D . -24.51 -5.21 -41.95
C14 76C D . -23.77 -4.24 -41.00
N15 76C D . -22.59 -4.59 -40.33
C16 76C D . -21.93 -3.68 -39.47
C18 76C D . -23.75 -2.12 -40.04
N19 76C D . -24.32 -3.09 -40.87
C23 76C D . -24.40 -0.89 -39.95
CL2 76C D . -20.61 -1.39 -37.54
O25 76C D . -20.90 -3.97 -38.88
C27 76C D . -22.39 -6.91 -39.65
N28 76C D . -21.88 -8.17 -39.69
C29 76C D . -20.91 -8.38 -40.59
C30 76C D . -20.43 -7.41 -41.45
C31 76C D . -20.95 -6.12 -41.40
C32 76C D . -20.41 -5.07 -42.33
F33 76C D . -19.44 -7.72 -42.30
#